data_1N8P
#
_entry.id   1N8P
#
_cell.length_a   153.819
_cell.length_b   62.164
_cell.length_c   160.837
_cell.angle_alpha   90.00
_cell.angle_beta   105.42
_cell.angle_gamma   90.00
#
_symmetry.space_group_name_H-M   'C 1 2 1'
#
loop_
_entity.id
_entity.type
_entity.pdbx_description
1 polymer 'Cystathionine gamma-lyase'
2 non-polymer "PYRIDOXAL-5'-PHOSPHATE"
3 water water
#
_entity_poly.entity_id   1
_entity_poly.type   'polypeptide(L)'
_entity_poly.pdbx_seq_one_letter_code
;TLQESDKFATKAIHAGEHVDVHGSVIEPISLSTTFKQSSPANPIGTYEYSRSQNPNRENLERAVAALENAQYGLAFSSGS
ATTATILQSLPQGSHAVSIGDVYGGTHRYFTKVANAHGVETSFTNDLLNDLPQLIKENTKLVWIETPTNPTLKVTDIQKV
ADLIKKHAAGQDVILVVDNTFLSPYISNPLNFGADIVVHSATKYINGHSDVVLGVLATNNKPLYERLQFLQNAIGAIPSP
FDAWLTHRGLKTLHLRVRQAALSANKIAEFLAADKENVVAVNYPGLKTHPNYDVVLKQHRDALGGGMISFRIKGGAEAAS
KFASSTRLFTLAESLGGIESLLEVPAVMTHGGIPKEAREASGVFDDLVRISVGIEDTDDLLEDIKQALKQATN
;
_entity_poly.pdbx_strand_id   A,B,C,D
#
# COMPACT_ATOMS: atom_id res chain seq x y z
N THR A 1 -21.17 16.89 -2.03
CA THR A 1 -22.20 16.14 -2.79
C THR A 1 -23.16 15.43 -1.83
N LEU A 2 -24.40 15.27 -2.28
CA LEU A 2 -25.43 14.58 -1.52
C LEU A 2 -26.46 13.99 -2.50
N GLN A 3 -26.30 12.71 -2.81
CA GLN A 3 -27.18 12.01 -3.73
C GLN A 3 -28.65 12.19 -3.38
N GLU A 4 -29.49 12.18 -4.40
CA GLU A 4 -30.91 12.37 -4.22
C GLU A 4 -31.66 11.65 -5.35
N SER A 5 -31.48 10.33 -5.41
CA SER A 5 -32.13 9.50 -6.44
C SER A 5 -31.62 9.88 -7.82
N ASP A 6 -30.29 10.07 -7.89
CA ASP A 6 -29.57 10.40 -9.10
C ASP A 6 -29.32 9.10 -9.86
N LYS A 7 -28.62 9.18 -10.99
CA LYS A 7 -28.35 7.99 -11.79
C LYS A 7 -27.15 7.18 -11.28
N PHE A 8 -27.09 5.93 -11.72
CA PHE A 8 -26.03 4.99 -11.33
C PHE A 8 -24.59 5.50 -11.35
N ALA A 9 -24.21 6.25 -12.38
CA ALA A 9 -22.85 6.77 -12.44
C ALA A 9 -22.64 7.76 -11.29
N THR A 10 -23.69 8.53 -10.95
CA THR A 10 -23.60 9.50 -9.86
C THR A 10 -23.47 8.80 -8.52
N LYS A 11 -24.21 7.73 -8.34
CA LYS A 11 -24.09 7.04 -7.07
C LYS A 11 -22.71 6.42 -6.96
N ALA A 12 -22.21 5.85 -8.06
CA ALA A 12 -20.88 5.22 -8.09
C ALA A 12 -19.85 6.17 -7.57
N ILE A 13 -19.86 7.39 -8.08
CA ILE A 13 -18.90 8.41 -7.66
C ILE A 13 -19.10 9.04 -6.30
N HIS A 14 -20.30 8.97 -5.73
CA HIS A 14 -20.52 9.64 -4.45
C HIS A 14 -21.06 8.82 -3.30
N ALA A 15 -21.82 7.79 -3.60
CA ALA A 15 -22.37 6.93 -2.57
C ALA A 15 -21.19 6.36 -1.84
N GLY A 16 -21.18 6.48 -0.51
CA GLY A 16 -20.08 5.94 0.26
C GLY A 16 -19.06 7.00 0.67
N GLU A 17 -19.40 8.27 0.43
CA GLU A 17 -18.50 9.36 0.79
C GLU A 17 -18.06 9.19 2.24
N HIS A 18 -16.92 9.79 2.60
CA HIS A 18 -16.40 9.64 3.97
C HIS A 18 -16.42 10.94 4.78
N VAL A 19 -16.00 10.84 6.03
CA VAL A 19 -15.96 11.99 6.93
C VAL A 19 -14.52 12.40 7.33
N ASP A 20 -14.12 13.59 6.89
CA ASP A 20 -12.79 14.10 7.19
C ASP A 20 -12.83 15.58 7.55
N VAL A 21 -12.42 15.90 8.77
CA VAL A 21 -12.37 17.28 9.23
C VAL A 21 -11.48 18.07 8.28
N HIS A 22 -10.34 17.46 7.91
CA HIS A 22 -9.37 18.07 7.01
C HIS A 22 -10.08 18.50 5.73
N GLY A 23 -11.00 17.66 5.26
CA GLY A 23 -11.76 17.98 4.06
C GLY A 23 -11.31 17.28 2.78
N SER A 24 -10.58 16.18 2.99
CA SER A 24 -10.07 15.35 1.90
C SER A 24 -11.15 14.95 0.89
N VAL A 25 -10.93 15.30 -0.38
CA VAL A 25 -11.87 14.93 -1.42
C VAL A 25 -11.69 13.43 -1.55
N ILE A 26 -10.51 12.95 -1.18
CA ILE A 26 -10.24 11.52 -1.26
C ILE A 26 -10.15 10.80 0.09
N GLU A 27 -10.98 9.77 0.24
CA GLU A 27 -10.98 9.00 1.46
C GLU A 27 -9.61 8.42 1.78
N PRO A 28 -9.09 8.67 3.01
CA PRO A 28 -7.78 8.16 3.45
C PRO A 28 -7.87 6.70 3.88
N ILE A 29 -6.73 6.03 3.98
CA ILE A 29 -6.70 4.62 4.38
C ILE A 29 -6.56 4.47 5.88
N SER A 30 -7.64 4.02 6.51
CA SER A 30 -7.61 3.84 7.95
C SER A 30 -7.33 2.39 8.33
N LEU A 31 -6.12 2.16 8.81
CA LEU A 31 -5.69 0.82 9.21
C LEU A 31 -5.71 0.72 10.71
N SER A 32 -5.83 1.86 11.38
CA SER A 32 -5.82 1.85 12.83
C SER A 32 -6.62 0.66 13.37
N THR A 33 -6.06 0.01 14.36
CA THR A 33 -6.71 -1.12 15.00
C THR A 33 -7.83 -0.53 15.83
N THR A 34 -7.43 0.39 16.71
CA THR A 34 -8.33 1.03 17.65
C THR A 34 -8.49 2.53 17.50
N PHE A 35 -9.29 3.10 18.41
CA PHE A 35 -9.59 4.53 18.43
C PHE A 35 -9.70 4.98 19.90
N LYS A 36 -9.32 6.23 20.19
CA LYS A 36 -9.37 6.81 21.54
C LYS A 36 -10.83 7.01 21.97
N GLN A 37 -11.03 7.23 23.27
CA GLN A 37 -12.39 7.42 23.79
C GLN A 37 -12.57 8.62 24.71
N SER A 38 -13.75 9.24 24.58
CA SER A 38 -14.09 10.41 25.39
C SER A 38 -14.08 9.98 26.84
N SER A 39 -14.86 8.92 27.09
CA SER A 39 -15.02 8.30 28.42
C SER A 39 -14.87 6.80 28.22
N PRO A 40 -14.33 6.10 29.23
CA PRO A 40 -14.16 4.64 29.14
C PRO A 40 -15.32 3.96 28.40
N ALA A 41 -16.54 4.42 28.66
CA ALA A 41 -17.73 3.87 28.00
C ALA A 41 -17.72 4.01 26.47
N ASN A 42 -17.84 5.24 25.97
CA ASN A 42 -17.88 5.46 24.53
C ASN A 42 -16.84 6.41 23.94
N PRO A 43 -16.17 5.99 22.84
CA PRO A 43 -15.13 6.65 22.05
C PRO A 43 -15.14 8.18 21.92
N ILE A 44 -14.31 8.65 20.99
CA ILE A 44 -14.17 10.06 20.64
C ILE A 44 -14.46 10.06 19.13
N GLY A 45 -15.38 9.18 18.75
CA GLY A 45 -15.77 9.03 17.35
C GLY A 45 -16.41 7.66 17.18
N THR A 46 -17.54 7.64 16.45
CA THR A 46 -18.33 6.43 16.19
C THR A 46 -17.58 5.10 15.98
N TYR A 47 -16.25 5.14 15.92
CA TYR A 47 -15.48 3.90 15.74
C TYR A 47 -14.77 3.49 17.02
N GLU A 48 -14.89 2.21 17.38
CA GLU A 48 -14.28 1.66 18.59
C GLU A 48 -13.23 0.59 18.27
N TYR A 49 -13.56 -0.31 17.35
CA TYR A 49 -12.62 -1.35 16.96
C TYR A 49 -12.70 -1.72 15.47
N SER A 50 -11.55 -1.63 14.79
CA SER A 50 -11.45 -1.95 13.38
C SER A 50 -12.41 -3.05 12.89
N ARG A 51 -12.29 -4.23 13.52
CA ARG A 51 -13.10 -5.39 13.17
C ARG A 51 -14.59 -5.11 13.23
N SER A 52 -15.05 -4.62 14.37
CA SER A 52 -16.45 -4.30 14.53
C SER A 52 -16.89 -3.30 13.46
N GLN A 53 -15.92 -2.53 12.95
CA GLN A 53 -16.17 -1.54 11.89
C GLN A 53 -15.04 -0.53 11.75
N ASN A 54 -14.73 -0.17 10.51
CA ASN A 54 -13.71 0.82 10.17
C ASN A 54 -14.20 1.58 8.95
N PRO A 55 -13.86 2.86 8.82
CA PRO A 55 -14.29 3.69 7.69
C PRO A 55 -14.23 3.13 6.26
N ASN A 56 -13.08 2.56 5.91
CA ASN A 56 -12.90 2.02 4.56
C ASN A 56 -13.88 0.91 4.18
N ARG A 57 -14.18 0.01 5.11
CA ARG A 57 -15.11 -1.07 4.85
C ARG A 57 -16.49 -0.44 4.73
N GLU A 58 -16.94 0.15 5.84
CA GLU A 58 -18.24 0.80 5.91
C GLU A 58 -18.53 1.64 4.68
N ASN A 59 -17.61 2.53 4.32
CA ASN A 59 -17.87 3.34 3.16
C ASN A 59 -18.04 2.51 1.91
N LEU A 60 -17.27 1.43 1.79
CA LEU A 60 -17.37 0.56 0.62
C LEU A 60 -18.76 0.02 0.64
N GLU A 61 -19.10 -0.65 1.74
CA GLU A 61 -20.42 -1.22 1.94
C GLU A 61 -21.57 -0.29 1.57
N ARG A 62 -21.49 0.97 1.97
CA ARG A 62 -22.53 1.93 1.65
C ARG A 62 -22.62 2.09 0.15
N ALA A 63 -21.46 2.23 -0.47
CA ALA A 63 -21.41 2.40 -1.92
C ALA A 63 -21.98 1.19 -2.64
N VAL A 64 -21.51 -0.02 -2.33
CA VAL A 64 -22.04 -1.19 -3.02
C VAL A 64 -23.57 -1.29 -2.86
N ALA A 65 -24.06 -1.19 -1.63
CA ALA A 65 -25.49 -1.25 -1.35
C ALA A 65 -26.26 -0.26 -2.23
N ALA A 66 -25.77 0.98 -2.27
CA ALA A 66 -26.39 2.02 -3.08
C ALA A 66 -26.44 1.63 -4.53
N LEU A 67 -25.35 1.08 -5.05
CA LEU A 67 -25.34 0.72 -6.46
C LEU A 67 -26.27 -0.48 -6.62
N GLU A 68 -26.42 -1.25 -5.56
CA GLU A 68 -27.28 -2.41 -5.61
C GLU A 68 -28.72 -2.08 -5.22
N ASN A 69 -29.05 -0.78 -5.23
CA ASN A 69 -30.39 -0.30 -4.87
C ASN A 69 -30.82 -0.98 -3.63
N ALA A 70 -29.97 -0.99 -2.62
CA ALA A 70 -30.26 -1.67 -1.39
C ALA A 70 -30.00 -0.85 -0.13
N GLN A 71 -30.68 -1.24 0.94
CA GLN A 71 -30.53 -0.55 2.19
C GLN A 71 -29.24 -0.92 2.91
N TYR A 72 -28.83 -2.18 2.80
CA TYR A 72 -27.63 -2.66 3.49
C TYR A 72 -26.53 -3.35 2.67
N GLY A 73 -25.30 -3.24 3.16
CA GLY A 73 -24.14 -3.87 2.54
C GLY A 73 -23.19 -4.42 3.59
N LEU A 74 -22.39 -5.42 3.21
CA LEU A 74 -21.42 -6.05 4.12
C LEU A 74 -20.28 -6.70 3.33
N ALA A 75 -19.05 -6.30 3.59
CA ALA A 75 -17.95 -6.89 2.85
C ALA A 75 -17.34 -7.97 3.68
N PHE A 76 -16.66 -8.90 3.01
CA PHE A 76 -15.98 -10.01 3.67
C PHE A 76 -14.68 -10.35 2.91
N SER A 77 -13.86 -11.22 3.49
CA SER A 77 -12.59 -11.64 2.89
C SER A 77 -12.73 -12.07 1.44
N SER A 78 -13.75 -12.85 1.14
CA SER A 78 -13.94 -13.35 -0.22
C SER A 78 -15.40 -13.58 -0.55
N GLY A 79 -15.68 -13.85 -1.82
CA GLY A 79 -17.05 -14.18 -2.15
C GLY A 79 -17.32 -15.37 -1.25
N SER A 80 -16.45 -16.37 -1.31
CA SER A 80 -16.58 -17.59 -0.51
C SER A 80 -16.93 -17.37 0.96
N ALA A 81 -16.28 -16.40 1.60
CA ALA A 81 -16.54 -16.10 3.00
C ALA A 81 -17.96 -15.54 3.16
N THR A 82 -18.41 -14.85 2.11
CA THR A 82 -19.72 -14.21 2.04
C THR A 82 -20.83 -15.23 1.87
N THR A 83 -20.52 -16.33 1.19
CA THR A 83 -21.48 -17.39 0.99
C THR A 83 -21.49 -18.18 2.28
N ALA A 84 -20.32 -18.22 2.91
CA ALA A 84 -20.12 -18.95 4.15
C ALA A 84 -20.91 -18.37 5.31
N THR A 85 -20.85 -17.05 5.45
CA THR A 85 -21.57 -16.39 6.52
C THR A 85 -23.06 -16.64 6.33
N ILE A 86 -23.50 -16.64 5.08
CA ILE A 86 -24.90 -16.86 4.80
C ILE A 86 -25.33 -18.29 5.17
N LEU A 87 -24.50 -19.28 4.85
CA LEU A 87 -24.86 -20.63 5.18
C LEU A 87 -24.81 -20.91 6.69
N GLN A 88 -23.90 -20.27 7.41
CA GLN A 88 -23.80 -20.54 8.84
C GLN A 88 -24.81 -19.73 9.62
N SER A 89 -25.51 -18.83 8.95
CA SER A 89 -26.54 -18.03 9.60
C SER A 89 -27.81 -18.85 9.57
N LEU A 90 -27.78 -19.97 8.83
CA LEU A 90 -28.95 -20.83 8.75
C LEU A 90 -29.15 -21.62 10.05
N PRO A 91 -30.40 -22.06 10.29
CA PRO A 91 -30.65 -22.83 11.51
C PRO A 91 -29.98 -24.19 11.40
N GLN A 92 -29.37 -24.64 12.49
CA GLN A 92 -28.67 -25.93 12.49
C GLN A 92 -29.53 -27.03 11.87
N GLY A 93 -28.93 -27.77 10.93
CA GLY A 93 -29.66 -28.82 10.26
C GLY A 93 -30.74 -28.26 9.33
N SER A 94 -30.33 -27.66 8.21
CA SER A 94 -31.25 -27.07 7.24
C SER A 94 -30.97 -27.63 5.85
N HIS A 95 -31.72 -27.12 4.87
CA HIS A 95 -31.57 -27.57 3.49
C HIS A 95 -31.61 -26.38 2.54
N ALA A 96 -30.88 -26.47 1.44
CA ALA A 96 -30.87 -25.37 0.48
C ALA A 96 -30.98 -25.91 -0.92
N VAL A 97 -31.29 -25.02 -1.87
CA VAL A 97 -31.39 -25.40 -3.25
C VAL A 97 -30.65 -24.36 -4.12
N SER A 98 -29.95 -24.83 -5.13
CA SER A 98 -29.21 -23.94 -6.02
C SER A 98 -29.11 -24.52 -7.43
N ILE A 99 -28.97 -23.64 -8.43
CA ILE A 99 -28.85 -24.05 -9.82
C ILE A 99 -27.65 -24.95 -10.03
N GLY A 100 -27.78 -25.91 -10.95
CA GLY A 100 -26.68 -26.84 -11.20
C GLY A 100 -25.43 -26.11 -11.61
N ASP A 101 -25.50 -25.37 -12.72
CA ASP A 101 -24.36 -24.62 -13.22
C ASP A 101 -23.87 -23.64 -12.17
N VAL A 102 -23.00 -24.10 -11.27
CA VAL A 102 -22.46 -23.27 -10.18
C VAL A 102 -20.93 -23.41 -10.07
N TYR A 103 -20.32 -22.53 -9.24
CA TYR A 103 -18.88 -22.55 -8.96
C TYR A 103 -18.76 -23.63 -7.88
N GLY A 104 -17.64 -24.34 -7.82
CA GLY A 104 -17.50 -25.37 -6.79
C GLY A 104 -17.77 -24.78 -5.41
N GLY A 105 -17.95 -23.46 -5.41
CA GLY A 105 -18.20 -22.67 -4.21
C GLY A 105 -19.34 -23.15 -3.33
N THR A 106 -20.50 -23.41 -3.93
CA THR A 106 -21.62 -23.92 -3.13
C THR A 106 -21.06 -25.22 -2.58
N HIS A 107 -20.79 -26.15 -3.49
CA HIS A 107 -20.24 -27.47 -3.20
C HIS A 107 -19.36 -27.38 -1.93
N ARG A 108 -18.20 -26.78 -2.06
CA ARG A 108 -17.31 -26.65 -0.90
C ARG A 108 -18.05 -26.07 0.31
N TYR A 109 -18.31 -24.77 0.27
CA TYR A 109 -18.98 -24.05 1.34
C TYR A 109 -20.18 -24.79 1.95
N PHE A 110 -21.26 -24.88 1.15
CA PHE A 110 -22.52 -25.53 1.54
C PHE A 110 -22.25 -26.75 2.41
N THR A 111 -21.20 -27.47 2.05
CA THR A 111 -20.75 -28.68 2.74
C THR A 111 -19.94 -28.41 4.02
N LYS A 112 -18.95 -27.53 3.93
CA LYS A 112 -18.11 -27.22 5.09
C LYS A 112 -18.90 -26.76 6.32
N VAL A 113 -19.64 -25.65 6.19
CA VAL A 113 -20.43 -25.17 7.31
C VAL A 113 -21.46 -26.24 7.63
N ALA A 114 -21.67 -27.13 6.66
CA ALA A 114 -22.59 -28.25 6.83
C ALA A 114 -21.73 -29.34 7.48
N ASN A 115 -20.93 -28.89 8.44
CA ASN A 115 -20.01 -29.75 9.18
C ASN A 115 -20.48 -31.21 9.23
N ALA A 116 -19.65 -32.09 8.69
CA ALA A 116 -19.96 -33.50 8.63
C ALA A 116 -21.09 -33.72 7.64
N HIS A 117 -22.26 -33.16 7.93
CA HIS A 117 -23.42 -33.33 7.07
C HIS A 117 -24.51 -32.25 7.33
N GLY A 118 -24.16 -31.27 8.18
CA GLY A 118 -25.04 -30.17 8.59
C GLY A 118 -26.12 -29.55 7.70
N VAL A 119 -25.71 -28.63 6.81
CA VAL A 119 -26.67 -27.99 5.93
C VAL A 119 -26.83 -28.81 4.65
N GLU A 120 -28.02 -29.38 4.46
CA GLU A 120 -28.30 -30.16 3.27
C GLU A 120 -28.10 -29.32 2.02
N THR A 121 -28.10 -29.98 0.87
CA THR A 121 -27.88 -29.28 -0.39
C THR A 121 -28.26 -30.17 -1.55
N SER A 122 -29.32 -29.81 -2.28
CA SER A 122 -29.73 -30.58 -3.45
C SER A 122 -29.60 -29.73 -4.71
N PHE A 123 -28.51 -29.97 -5.45
CA PHE A 123 -28.23 -29.22 -6.68
C PHE A 123 -29.26 -29.55 -7.74
N THR A 124 -29.78 -28.52 -8.38
CA THR A 124 -30.80 -28.70 -9.40
C THR A 124 -30.52 -27.84 -10.57
N ASN A 125 -30.71 -28.40 -11.76
CA ASN A 125 -30.52 -27.65 -12.99
C ASN A 125 -31.97 -27.31 -13.33
N ASP A 126 -32.22 -26.34 -14.19
CA ASP A 126 -33.60 -26.00 -14.54
C ASP A 126 -34.34 -25.78 -13.22
N LEU A 127 -34.18 -24.57 -12.67
CA LEU A 127 -34.77 -24.21 -11.38
C LEU A 127 -36.30 -24.19 -11.33
N LEU A 128 -36.94 -23.41 -12.20
CA LEU A 128 -38.39 -23.28 -12.22
C LEU A 128 -39.24 -24.55 -12.41
N ASN A 129 -38.63 -25.69 -12.67
CA ASN A 129 -39.39 -26.92 -12.83
C ASN A 129 -39.16 -27.97 -11.75
N ASP A 130 -38.03 -27.88 -11.05
CA ASP A 130 -37.75 -28.86 -10.01
C ASP A 130 -37.79 -28.24 -8.64
N LEU A 131 -37.96 -26.93 -8.58
CA LEU A 131 -37.99 -26.24 -7.31
C LEU A 131 -39.17 -26.62 -6.43
N PRO A 132 -40.36 -26.84 -7.01
CA PRO A 132 -41.53 -27.22 -6.20
C PRO A 132 -41.32 -28.59 -5.59
N GLN A 133 -40.94 -29.54 -6.44
CA GLN A 133 -40.68 -30.89 -5.99
C GLN A 133 -39.60 -30.98 -4.91
N LEU A 134 -38.62 -30.09 -4.96
CA LEU A 134 -37.52 -30.10 -3.98
C LEU A 134 -37.65 -29.05 -2.88
N ILE A 135 -38.38 -27.98 -3.15
CA ILE A 135 -38.50 -26.87 -2.22
C ILE A 135 -38.34 -27.22 -0.77
N LYS A 136 -38.70 -28.45 -0.39
CA LYS A 136 -38.51 -28.85 1.00
C LYS A 136 -37.50 -29.99 1.11
N GLU A 137 -37.59 -30.75 2.19
CA GLU A 137 -36.63 -31.82 2.48
C GLU A 137 -35.76 -31.14 3.52
N ASN A 138 -36.28 -30.02 4.05
CA ASN A 138 -35.61 -29.21 5.08
C ASN A 138 -35.10 -27.83 4.60
N THR A 139 -35.38 -27.47 3.33
CA THR A 139 -34.91 -26.21 2.72
C THR A 139 -35.26 -24.85 3.33
N LYS A 140 -34.24 -23.99 3.39
CA LYS A 140 -34.35 -22.66 3.93
C LYS A 140 -33.71 -21.63 2.99
N LEU A 141 -32.89 -22.11 2.07
CA LEU A 141 -32.20 -21.22 1.15
C LEU A 141 -32.41 -21.67 -0.29
N VAL A 142 -32.47 -20.72 -1.20
CA VAL A 142 -32.58 -20.99 -2.63
C VAL A 142 -31.49 -20.09 -3.21
N TRP A 143 -30.48 -20.72 -3.80
CA TRP A 143 -29.37 -19.98 -4.37
C TRP A 143 -29.45 -19.93 -5.88
N ILE A 144 -29.46 -18.72 -6.41
CA ILE A 144 -29.53 -18.51 -7.85
C ILE A 144 -28.31 -17.75 -8.37
N GLU A 145 -27.66 -18.34 -9.36
CA GLU A 145 -26.50 -17.76 -9.99
C GLU A 145 -27.02 -17.29 -11.34
N THR A 146 -27.74 -16.15 -11.33
CA THR A 146 -28.36 -15.65 -12.54
C THR A 146 -27.65 -16.05 -13.81
N PRO A 147 -26.52 -15.42 -14.17
CA PRO A 147 -26.05 -16.02 -15.42
C PRO A 147 -25.10 -17.16 -15.01
N THR A 148 -25.47 -18.38 -15.32
CA THR A 148 -24.66 -19.51 -14.96
C THR A 148 -23.32 -19.50 -15.64
N ASN A 149 -22.33 -20.00 -14.93
CA ASN A 149 -20.98 -20.08 -15.45
C ASN A 149 -20.71 -21.53 -15.88
N PRO A 150 -20.39 -21.77 -17.17
CA PRO A 150 -20.21 -20.87 -18.32
C PRO A 150 -21.27 -20.95 -19.44
N THR A 151 -22.30 -21.78 -19.25
CA THR A 151 -23.34 -21.92 -20.26
C THR A 151 -24.01 -20.56 -20.48
N LEU A 152 -24.09 -19.80 -19.39
CA LEU A 152 -24.67 -18.48 -19.43
C LEU A 152 -26.19 -18.45 -19.54
N LYS A 153 -26.83 -19.31 -18.74
CA LYS A 153 -28.28 -19.48 -18.68
C LYS A 153 -28.94 -18.46 -17.73
N VAL A 154 -29.86 -17.66 -18.23
CA VAL A 154 -30.51 -16.67 -17.38
C VAL A 154 -31.70 -17.26 -16.63
N THR A 155 -31.91 -16.83 -15.40
CA THR A 155 -33.01 -17.30 -14.56
C THR A 155 -33.89 -16.12 -14.13
N ASP A 156 -35.21 -16.37 -14.10
CA ASP A 156 -36.16 -15.33 -13.70
C ASP A 156 -36.29 -15.24 -12.16
N ILE A 157 -35.57 -14.28 -11.61
CA ILE A 157 -35.58 -14.05 -10.17
C ILE A 157 -37.00 -13.90 -9.60
N GLN A 158 -37.92 -13.35 -10.39
CA GLN A 158 -39.30 -13.15 -9.96
C GLN A 158 -40.07 -14.46 -9.92
N LYS A 159 -40.06 -15.21 -11.04
CA LYS A 159 -40.72 -16.51 -11.07
C LYS A 159 -40.26 -17.35 -9.86
N VAL A 160 -38.97 -17.36 -9.56
CA VAL A 160 -38.48 -18.14 -8.45
C VAL A 160 -38.88 -17.54 -7.10
N ALA A 161 -38.86 -16.22 -6.95
CA ALA A 161 -39.26 -15.64 -5.66
C ALA A 161 -40.71 -16.04 -5.38
N ASP A 162 -41.54 -15.92 -6.43
CA ASP A 162 -42.95 -16.25 -6.37
C ASP A 162 -43.11 -17.73 -6.04
N LEU A 163 -42.51 -18.58 -6.87
CA LEU A 163 -42.59 -20.03 -6.69
C LEU A 163 -42.28 -20.42 -5.25
N ILE A 164 -41.49 -19.60 -4.56
CA ILE A 164 -41.12 -19.89 -3.18
C ILE A 164 -42.27 -19.52 -2.23
N LYS A 165 -42.93 -18.41 -2.51
CA LYS A 165 -44.09 -17.96 -1.71
C LYS A 165 -45.26 -18.94 -1.87
N LYS A 166 -45.26 -19.68 -2.97
CA LYS A 166 -46.31 -20.65 -3.22
C LYS A 166 -46.03 -21.99 -2.55
N HIS A 167 -44.94 -22.63 -2.95
CA HIS A 167 -44.58 -23.94 -2.38
C HIS A 167 -43.85 -23.89 -1.02
N ALA A 168 -43.85 -22.74 -0.35
CA ALA A 168 -43.18 -22.68 0.93
C ALA A 168 -43.40 -21.41 1.74
N ALA A 169 -44.63 -20.91 1.72
CA ALA A 169 -44.97 -19.71 2.50
C ALA A 169 -44.91 -20.03 3.97
N GLY A 170 -44.44 -19.08 4.77
CA GLY A 170 -44.36 -19.27 6.20
C GLY A 170 -43.04 -19.77 6.78
N GLN A 171 -42.23 -20.45 5.97
CA GLN A 171 -40.96 -20.99 6.45
C GLN A 171 -39.71 -20.17 6.18
N ASP A 172 -39.86 -18.86 6.12
CA ASP A 172 -38.74 -17.94 5.89
C ASP A 172 -37.66 -18.36 4.87
N VAL A 173 -38.05 -18.98 3.77
CA VAL A 173 -37.07 -19.40 2.78
C VAL A 173 -36.54 -18.17 2.06
N ILE A 174 -35.29 -17.80 2.34
CA ILE A 174 -34.67 -16.65 1.70
C ILE A 174 -34.03 -17.03 0.36
N LEU A 175 -34.16 -16.15 -0.60
CA LEU A 175 -33.58 -16.37 -1.93
C LEU A 175 -32.32 -15.49 -2.12
N VAL A 176 -31.20 -16.14 -2.40
CA VAL A 176 -29.97 -15.40 -2.64
C VAL A 176 -29.59 -15.47 -4.11
N VAL A 177 -29.20 -14.35 -4.71
CA VAL A 177 -28.79 -14.31 -6.12
C VAL A 177 -27.36 -13.78 -6.28
N ASP A 178 -26.52 -14.60 -6.91
CA ASP A 178 -25.11 -14.30 -7.19
C ASP A 178 -25.13 -13.43 -8.40
N ASN A 179 -24.82 -12.15 -8.21
CA ASN A 179 -24.86 -11.12 -9.24
C ASN A 179 -23.47 -10.72 -9.71
N THR A 180 -22.45 -11.54 -9.42
CA THR A 180 -21.04 -11.27 -9.80
C THR A 180 -20.78 -10.91 -11.28
N PHE A 181 -21.11 -11.83 -12.18
CA PHE A 181 -20.93 -11.67 -13.64
C PHE A 181 -21.60 -10.50 -14.35
N LEU A 182 -22.71 -10.00 -13.82
CA LEU A 182 -23.35 -8.88 -14.47
C LEU A 182 -23.00 -7.58 -13.74
N SER A 183 -22.83 -7.66 -12.41
CA SER A 183 -22.46 -6.50 -11.60
C SER A 183 -23.58 -5.48 -11.33
N PRO A 184 -23.50 -4.75 -10.22
CA PRO A 184 -24.55 -3.76 -9.94
C PRO A 184 -25.05 -3.01 -11.20
N TYR A 185 -24.14 -2.61 -12.07
CA TYR A 185 -24.53 -1.87 -13.25
C TYR A 185 -25.62 -2.49 -14.15
N ILE A 186 -25.38 -3.70 -14.61
CA ILE A 186 -26.30 -4.39 -15.50
C ILE A 186 -27.57 -4.87 -14.84
N SER A 187 -27.54 -5.20 -13.56
CA SER A 187 -28.73 -5.71 -12.92
C SER A 187 -28.79 -5.53 -11.42
N ASN A 188 -30.02 -5.51 -10.90
CA ASN A 188 -30.27 -5.35 -9.47
C ASN A 188 -31.29 -6.37 -8.99
N PRO A 189 -30.85 -7.63 -8.77
CA PRO A 189 -31.68 -8.74 -8.32
C PRO A 189 -32.67 -8.46 -7.20
N LEU A 190 -32.39 -7.51 -6.30
CA LEU A 190 -33.37 -7.24 -5.24
C LEU A 190 -34.70 -6.78 -5.86
N ASN A 191 -34.62 -5.91 -6.86
CA ASN A 191 -35.80 -5.42 -7.55
C ASN A 191 -36.53 -6.55 -8.23
N PHE A 192 -36.23 -7.78 -7.84
CA PHE A 192 -36.88 -8.92 -8.46
C PHE A 192 -37.18 -10.01 -7.46
N GLY A 193 -37.44 -9.59 -6.22
CA GLY A 193 -37.77 -10.55 -5.17
C GLY A 193 -36.60 -11.46 -4.93
N ALA A 194 -35.62 -10.94 -4.24
CA ALA A 194 -34.41 -11.67 -3.90
C ALA A 194 -34.17 -11.11 -2.52
N ASP A 195 -33.75 -11.94 -1.58
CA ASP A 195 -33.54 -11.47 -0.24
C ASP A 195 -32.12 -11.02 -0.02
N ILE A 196 -31.19 -11.58 -0.79
CA ILE A 196 -29.79 -11.21 -0.69
C ILE A 196 -29.09 -11.27 -2.04
N VAL A 197 -28.22 -10.28 -2.28
CA VAL A 197 -27.40 -10.19 -3.49
C VAL A 197 -25.98 -10.43 -3.06
N VAL A 198 -25.33 -11.42 -3.64
CA VAL A 198 -23.93 -11.75 -3.32
C VAL A 198 -23.03 -11.36 -4.50
N HIS A 199 -21.80 -10.98 -4.20
CA HIS A 199 -20.85 -10.62 -5.25
C HIS A 199 -19.48 -11.02 -4.84
N SER A 200 -18.69 -11.37 -5.84
CA SER A 200 -17.31 -11.68 -5.65
C SER A 200 -16.78 -10.34 -6.19
N ALA A 201 -16.35 -9.45 -5.30
CA ALA A 201 -15.89 -8.13 -5.70
C ALA A 201 -14.54 -8.19 -6.36
N THR A 202 -14.02 -9.41 -6.46
CA THR A 202 -12.73 -9.70 -7.10
C THR A 202 -12.86 -9.43 -8.57
N LYS A 203 -14.03 -9.69 -9.08
CA LYS A 203 -14.25 -9.54 -10.48
C LYS A 203 -14.54 -8.11 -10.96
N TYR A 204 -15.78 -7.81 -11.32
CA TYR A 204 -16.15 -6.49 -11.85
C TYR A 204 -16.14 -5.26 -10.97
N ILE A 205 -16.50 -5.39 -9.70
CA ILE A 205 -16.55 -4.23 -8.78
C ILE A 205 -15.15 -3.58 -8.62
N ASN A 206 -14.20 -4.27 -8.00
CA ASN A 206 -12.87 -3.68 -7.90
C ASN A 206 -12.39 -3.59 -9.33
N GLY A 207 -12.53 -4.74 -10.01
CA GLY A 207 -12.20 -4.89 -11.41
C GLY A 207 -10.79 -4.73 -11.93
N HIS A 208 -9.80 -4.67 -11.05
CA HIS A 208 -8.44 -4.54 -11.53
C HIS A 208 -7.59 -5.76 -11.18
N SER A 209 -8.26 -6.81 -10.75
CA SER A 209 -7.60 -8.07 -10.42
C SER A 209 -6.59 -8.06 -9.29
N ASP A 210 -6.67 -7.08 -8.40
CA ASP A 210 -5.73 -6.98 -7.29
C ASP A 210 -6.37 -7.03 -5.93
N VAL A 211 -7.55 -7.60 -5.83
CA VAL A 211 -8.21 -7.69 -4.54
C VAL A 211 -9.18 -8.84 -4.52
N VAL A 212 -9.18 -9.59 -3.42
CA VAL A 212 -10.12 -10.69 -3.21
C VAL A 212 -10.97 -10.16 -2.06
N LEU A 213 -12.19 -9.80 -2.39
CA LEU A 213 -13.14 -9.28 -1.43
C LEU A 213 -14.54 -9.65 -1.93
N GLY A 214 -15.44 -9.94 -1.00
CA GLY A 214 -16.82 -10.25 -1.36
C GLY A 214 -17.77 -9.32 -0.63
N VAL A 215 -18.92 -9.04 -1.22
CA VAL A 215 -19.90 -8.21 -0.53
C VAL A 215 -21.34 -8.61 -0.85
N LEU A 216 -22.23 -8.39 0.12
CA LEU A 216 -23.64 -8.70 -0.07
C LEU A 216 -24.39 -7.43 0.25
N ALA A 217 -25.65 -7.42 -0.18
CA ALA A 217 -26.55 -6.31 0.09
C ALA A 217 -27.96 -6.89 0.30
N THR A 218 -28.72 -6.25 1.19
CA THR A 218 -30.10 -6.64 1.49
C THR A 218 -30.84 -5.46 2.09
N ASN A 219 -32.16 -5.47 1.90
CA ASN A 219 -33.06 -4.45 2.38
C ASN A 219 -33.66 -4.92 3.68
N ASN A 220 -33.52 -6.21 3.94
CA ASN A 220 -34.05 -6.87 5.13
C ASN A 220 -33.21 -6.58 6.37
N LYS A 221 -33.63 -5.63 7.19
CA LYS A 221 -32.87 -5.26 8.38
C LYS A 221 -32.57 -6.35 9.39
N PRO A 222 -33.49 -7.31 9.59
CA PRO A 222 -33.17 -8.36 10.57
C PRO A 222 -32.13 -9.35 10.10
N LEU A 223 -32.20 -9.67 8.80
CA LEU A 223 -31.28 -10.61 8.14
C LEU A 223 -29.91 -9.95 8.05
N TYR A 224 -29.93 -8.64 7.93
CA TYR A 224 -28.69 -7.89 7.83
C TYR A 224 -27.95 -7.85 9.15
N GLU A 225 -28.68 -7.73 10.26
CA GLU A 225 -28.08 -7.66 11.61
C GLU A 225 -27.57 -9.00 12.16
N ARG A 226 -28.19 -10.09 11.76
CA ARG A 226 -27.73 -11.42 12.16
C ARG A 226 -26.40 -11.60 11.42
N LEU A 227 -26.48 -11.49 10.08
CA LEU A 227 -25.33 -11.62 9.18
C LEU A 227 -24.13 -10.74 9.59
N GLN A 228 -24.38 -9.52 10.05
CA GLN A 228 -23.27 -8.68 10.48
C GLN A 228 -22.74 -9.25 11.79
N PHE A 229 -23.62 -9.91 12.56
CA PHE A 229 -23.19 -10.49 13.83
C PHE A 229 -22.14 -11.52 13.47
N LEU A 230 -22.53 -12.60 12.81
CA LEU A 230 -21.58 -13.63 12.39
C LEU A 230 -20.26 -12.99 11.92
N GLN A 231 -20.40 -11.94 11.11
CA GLN A 231 -19.25 -11.22 10.56
C GLN A 231 -18.30 -10.80 11.66
N ASN A 232 -18.83 -10.02 12.61
CA ASN A 232 -18.02 -9.54 13.70
C ASN A 232 -17.44 -10.67 14.53
N ALA A 233 -18.19 -11.75 14.68
CA ALA A 233 -17.77 -12.87 15.51
C ALA A 233 -16.86 -13.90 14.86
N ILE A 234 -17.02 -14.12 13.56
CA ILE A 234 -16.17 -15.09 12.89
C ILE A 234 -14.91 -14.38 12.39
N GLY A 235 -15.02 -13.07 12.14
CA GLY A 235 -13.89 -12.28 11.69
C GLY A 235 -13.42 -12.39 10.23
N ALA A 236 -14.20 -13.05 9.38
CA ALA A 236 -13.81 -13.18 7.97
C ALA A 236 -14.00 -11.84 7.31
N ILE A 237 -13.34 -10.81 7.83
CA ILE A 237 -13.47 -9.47 7.30
C ILE A 237 -12.40 -9.08 6.34
N PRO A 238 -12.71 -8.15 5.43
CA PRO A 238 -11.77 -7.69 4.42
C PRO A 238 -10.81 -6.76 5.11
N SER A 239 -9.72 -6.38 4.46
CA SER A 239 -8.79 -5.49 5.10
C SER A 239 -9.12 -4.06 4.70
N PRO A 240 -8.69 -3.08 5.51
CA PRO A 240 -8.97 -1.70 5.17
C PRO A 240 -8.41 -1.34 3.81
N PHE A 241 -7.22 -1.87 3.51
CA PHE A 241 -6.56 -1.58 2.23
C PHE A 241 -7.31 -2.19 1.04
N ASP A 242 -7.74 -3.45 1.14
CA ASP A 242 -8.45 -4.08 0.03
C ASP A 242 -9.81 -3.45 -0.22
N ALA A 243 -10.44 -2.99 0.86
CA ALA A 243 -11.73 -2.34 0.76
C ALA A 243 -11.52 -0.99 0.04
N TRP A 244 -10.48 -0.28 0.46
CA TRP A 244 -10.16 1.02 -0.14
C TRP A 244 -9.80 0.94 -1.64
N LEU A 245 -8.99 -0.06 -1.99
CA LEU A 245 -8.57 -0.29 -3.37
C LEU A 245 -9.78 -0.66 -4.20
N THR A 246 -10.64 -1.51 -3.66
CA THR A 246 -11.87 -1.92 -4.35
C THR A 246 -12.82 -0.74 -4.53
N HIS A 247 -13.09 -0.01 -3.44
CA HIS A 247 -13.97 1.16 -3.52
C HIS A 247 -13.50 2.06 -4.66
N ARG A 248 -12.19 2.15 -4.80
CA ARG A 248 -11.56 2.96 -5.85
C ARG A 248 -11.72 2.38 -7.25
N GLY A 249 -11.93 1.07 -7.35
CA GLY A 249 -12.14 0.49 -8.66
C GLY A 249 -13.62 0.62 -9.01
N LEU A 250 -14.46 0.55 -8.01
CA LEU A 250 -15.90 0.66 -8.26
C LEU A 250 -16.32 1.99 -8.93
N LYS A 251 -15.48 3.01 -8.84
CA LYS A 251 -15.82 4.33 -9.42
C LYS A 251 -15.90 4.36 -10.94
N THR A 252 -15.40 3.31 -11.59
CA THR A 252 -15.41 3.25 -13.05
C THR A 252 -16.23 2.05 -13.50
N LEU A 253 -16.83 1.35 -12.54
CA LEU A 253 -17.64 0.18 -12.82
C LEU A 253 -18.61 0.38 -13.96
N HIS A 254 -19.28 1.54 -13.96
CA HIS A 254 -20.22 1.80 -15.02
C HIS A 254 -19.53 2.02 -16.35
N LEU A 255 -18.39 2.68 -16.36
CA LEU A 255 -17.70 2.85 -17.65
C LEU A 255 -17.10 1.52 -18.14
N ARG A 256 -16.45 0.78 -17.25
CA ARG A 256 -15.86 -0.49 -17.64
C ARG A 256 -16.89 -1.49 -18.12
N VAL A 257 -17.89 -1.79 -17.29
CA VAL A 257 -18.94 -2.75 -17.63
C VAL A 257 -19.73 -2.39 -18.88
N ARG A 258 -19.86 -1.10 -19.15
CA ARG A 258 -20.58 -0.62 -20.33
C ARG A 258 -19.81 -0.99 -21.59
N GLN A 259 -18.50 -0.86 -21.52
CA GLN A 259 -17.61 -1.14 -22.64
C GLN A 259 -17.41 -2.65 -22.86
N ALA A 260 -17.14 -3.36 -21.78
CA ALA A 260 -16.92 -4.79 -21.86
C ALA A 260 -18.14 -5.46 -22.47
N ALA A 261 -19.31 -4.90 -22.21
CA ALA A 261 -20.55 -5.47 -22.72
C ALA A 261 -20.74 -5.20 -24.23
N LEU A 262 -20.63 -3.94 -24.66
CA LEU A 262 -20.77 -3.65 -26.10
C LEU A 262 -19.79 -4.57 -26.84
N SER A 263 -18.54 -4.61 -26.39
CA SER A 263 -17.57 -5.45 -27.04
C SER A 263 -17.95 -6.90 -27.14
N ALA A 264 -18.36 -7.51 -26.02
CA ALA A 264 -18.76 -8.93 -25.98
C ALA A 264 -19.96 -9.20 -26.87
N ASN A 265 -20.85 -8.24 -26.97
CA ASN A 265 -22.01 -8.38 -27.82
C ASN A 265 -21.53 -8.37 -29.26
N LYS A 266 -20.71 -7.39 -29.62
CA LYS A 266 -20.18 -7.29 -30.98
C LYS A 266 -19.29 -8.48 -31.35
N ILE A 267 -18.80 -9.19 -30.34
CA ILE A 267 -17.97 -10.36 -30.57
C ILE A 267 -18.85 -11.62 -30.68
N ALA A 268 -19.95 -11.63 -29.94
CA ALA A 268 -20.90 -12.74 -29.97
C ALA A 268 -21.60 -12.78 -31.34
N GLU A 269 -22.02 -11.62 -31.81
CA GLU A 269 -22.66 -11.56 -33.10
C GLU A 269 -21.70 -12.13 -34.12
N PHE A 270 -20.43 -11.80 -33.99
CA PHE A 270 -19.47 -12.31 -34.94
C PHE A 270 -19.40 -13.80 -34.91
N LEU A 271 -19.32 -14.36 -33.71
CA LEU A 271 -19.27 -15.81 -33.56
C LEU A 271 -20.62 -16.47 -33.83
N ALA A 272 -21.68 -15.67 -33.98
CA ALA A 272 -23.01 -16.18 -34.25
C ALA A 272 -23.42 -15.79 -35.65
N ALA A 273 -22.50 -15.88 -36.58
CA ALA A 273 -22.77 -15.55 -37.96
C ALA A 273 -21.70 -16.26 -38.73
N ASP A 274 -20.83 -16.93 -37.99
CA ASP A 274 -19.73 -17.69 -38.55
C ASP A 274 -20.21 -19.14 -38.62
N LYS A 275 -21.34 -19.36 -39.27
CA LYS A 275 -21.90 -20.71 -39.37
C LYS A 275 -20.81 -21.76 -39.55
N GLU A 276 -19.72 -21.37 -40.21
CA GLU A 276 -18.61 -22.27 -40.48
C GLU A 276 -17.85 -22.86 -39.27
N ASN A 277 -16.93 -22.09 -38.69
CA ASN A 277 -16.11 -22.53 -37.55
C ASN A 277 -16.69 -22.49 -36.11
N VAL A 278 -17.84 -21.86 -35.94
CA VAL A 278 -18.46 -21.78 -34.62
C VAL A 278 -19.72 -22.61 -34.51
N VAL A 279 -19.68 -23.66 -33.72
CA VAL A 279 -20.86 -24.52 -33.52
C VAL A 279 -21.96 -23.67 -32.84
N ALA A 280 -21.89 -23.59 -31.52
CA ALA A 280 -22.83 -22.78 -30.74
C ALA A 280 -22.09 -21.62 -30.07
N VAL A 281 -22.87 -20.65 -29.61
CA VAL A 281 -22.37 -19.46 -28.96
C VAL A 281 -23.34 -19.10 -27.84
N ASN A 282 -22.81 -18.77 -26.67
CA ASN A 282 -23.65 -18.38 -25.55
C ASN A 282 -23.40 -16.93 -25.11
N TYR A 283 -24.40 -16.08 -25.21
CA TYR A 283 -24.28 -14.69 -24.78
C TYR A 283 -25.71 -14.20 -24.55
N PRO A 284 -26.06 -13.89 -23.30
CA PRO A 284 -27.40 -13.40 -22.94
C PRO A 284 -27.90 -12.16 -23.70
N GLY A 285 -27.02 -11.54 -24.49
CA GLY A 285 -27.39 -10.36 -25.22
C GLY A 285 -27.84 -10.62 -26.65
N LEU A 286 -27.79 -11.87 -27.05
CA LEU A 286 -28.22 -12.21 -28.40
C LEU A 286 -29.71 -12.53 -28.33
N LYS A 287 -30.55 -11.76 -29.04
CA LYS A 287 -32.01 -11.96 -29.04
C LYS A 287 -32.44 -13.42 -29.17
N THR A 288 -31.50 -14.23 -29.64
CA THR A 288 -31.70 -15.63 -29.84
C THR A 288 -31.37 -16.44 -28.57
N HIS A 289 -31.08 -15.74 -27.49
CA HIS A 289 -30.75 -16.43 -26.25
C HIS A 289 -31.99 -17.10 -25.64
N PRO A 290 -31.86 -18.38 -25.27
CA PRO A 290 -32.95 -19.14 -24.69
C PRO A 290 -33.81 -18.38 -23.72
N ASN A 291 -33.24 -17.47 -22.98
CA ASN A 291 -34.09 -16.80 -22.01
C ASN A 291 -34.11 -15.29 -22.25
N TYR A 292 -33.87 -14.91 -23.50
CA TYR A 292 -33.80 -13.50 -23.86
C TYR A 292 -34.92 -12.64 -23.28
N ASP A 293 -36.05 -13.27 -22.99
CA ASP A 293 -37.21 -12.58 -22.44
C ASP A 293 -36.87 -12.07 -21.04
N VAL A 294 -36.13 -12.89 -20.29
CA VAL A 294 -35.70 -12.54 -18.93
C VAL A 294 -34.62 -11.46 -18.96
N VAL A 295 -33.71 -11.61 -19.91
CA VAL A 295 -32.63 -10.69 -20.11
C VAL A 295 -33.24 -9.30 -20.19
N LEU A 296 -34.19 -9.14 -21.11
CA LEU A 296 -34.90 -7.88 -21.34
C LEU A 296 -35.66 -7.31 -20.13
N LYS A 297 -35.82 -8.11 -19.07
CA LYS A 297 -36.52 -7.64 -17.87
C LYS A 297 -35.61 -7.51 -16.65
N GLN A 298 -34.44 -8.15 -16.68
CA GLN A 298 -33.52 -8.08 -15.55
C GLN A 298 -32.22 -7.30 -15.83
N HIS A 299 -31.79 -7.31 -17.09
CA HIS A 299 -30.58 -6.66 -17.53
C HIS A 299 -30.77 -5.23 -18.03
N ARG A 300 -29.97 -4.29 -17.53
CA ARG A 300 -30.04 -2.92 -18.00
C ARG A 300 -29.76 -2.84 -19.51
N ASP A 301 -30.61 -2.09 -20.22
CA ASP A 301 -30.49 -1.90 -21.65
C ASP A 301 -30.32 -3.17 -22.43
N ALA A 302 -30.52 -4.28 -21.74
CA ALA A 302 -30.40 -5.62 -22.32
C ALA A 302 -28.93 -5.99 -22.61
N LEU A 303 -28.02 -5.47 -21.79
CA LEU A 303 -26.60 -5.73 -21.94
C LEU A 303 -26.34 -7.18 -21.58
N GLY A 304 -25.61 -7.90 -22.43
CA GLY A 304 -25.35 -9.30 -22.18
C GLY A 304 -24.26 -9.60 -21.19
N GLY A 305 -23.42 -8.62 -20.95
CA GLY A 305 -22.34 -8.81 -19.99
C GLY A 305 -21.01 -8.82 -20.69
N GLY A 306 -20.00 -9.40 -20.04
CA GLY A 306 -18.67 -9.46 -20.63
C GLY A 306 -18.21 -10.88 -20.85
N MET A 307 -19.01 -11.86 -20.45
CA MET A 307 -18.68 -13.27 -20.61
C MET A 307 -19.45 -13.87 -21.77
N ILE A 308 -18.72 -14.47 -22.70
CA ILE A 308 -19.31 -15.12 -23.86
C ILE A 308 -18.88 -16.55 -23.60
N SER A 309 -19.46 -17.50 -24.30
CA SER A 309 -19.09 -18.90 -24.11
C SER A 309 -19.45 -19.46 -25.48
N PHE A 310 -18.60 -20.31 -26.03
CA PHE A 310 -18.91 -20.83 -27.35
C PHE A 310 -18.13 -22.08 -27.58
N ARG A 311 -18.53 -22.87 -28.57
CA ARG A 311 -17.87 -24.13 -28.90
C ARG A 311 -17.45 -24.02 -30.35
N ILE A 312 -16.21 -24.38 -30.65
CA ILE A 312 -15.74 -24.28 -32.03
C ILE A 312 -16.00 -25.50 -32.94
N LYS A 313 -16.05 -25.25 -34.26
CA LYS A 313 -16.33 -26.28 -35.26
C LYS A 313 -15.34 -27.43 -35.24
N GLY A 314 -14.86 -27.80 -34.06
CA GLY A 314 -13.93 -28.90 -33.90
C GLY A 314 -14.10 -29.51 -32.53
N GLY A 315 -12.96 -29.92 -31.93
CA GLY A 315 -12.98 -30.52 -30.61
C GLY A 315 -11.79 -30.16 -29.74
N ALA A 316 -11.89 -30.49 -28.45
CA ALA A 316 -10.86 -30.24 -27.43
C ALA A 316 -9.55 -29.61 -27.85
N GLU A 317 -8.97 -30.05 -28.96
CA GLU A 317 -7.73 -29.46 -29.43
C GLU A 317 -8.03 -28.04 -29.89
N ALA A 318 -8.88 -27.92 -30.90
CA ALA A 318 -9.25 -26.63 -31.42
C ALA A 318 -9.43 -25.61 -30.29
N ALA A 319 -10.00 -26.06 -29.17
CA ALA A 319 -10.25 -25.19 -28.02
C ALA A 319 -8.98 -24.91 -27.27
N SER A 320 -8.30 -25.96 -26.82
CA SER A 320 -7.06 -25.77 -26.12
C SER A 320 -6.18 -24.88 -27.01
N LYS A 321 -6.26 -25.11 -28.31
CA LYS A 321 -5.50 -24.35 -29.31
C LYS A 321 -5.87 -22.87 -29.21
N PHE A 322 -7.15 -22.58 -29.45
CA PHE A 322 -7.69 -21.24 -29.36
C PHE A 322 -7.20 -20.57 -28.09
N ALA A 323 -7.41 -21.25 -26.97
CA ALA A 323 -6.99 -20.71 -25.70
C ALA A 323 -5.52 -20.27 -25.65
N SER A 324 -4.74 -20.59 -26.68
CA SER A 324 -3.35 -20.20 -26.67
C SER A 324 -2.93 -19.35 -27.86
N SER A 325 -3.58 -19.57 -28.99
CA SER A 325 -3.27 -18.84 -30.20
C SER A 325 -3.59 -17.37 -30.04
N THR A 326 -4.40 -17.03 -29.04
CA THR A 326 -4.82 -15.65 -28.77
C THR A 326 -3.71 -14.76 -28.25
N ARG A 327 -3.63 -13.55 -28.79
CA ARG A 327 -2.61 -12.61 -28.41
C ARG A 327 -3.10 -11.65 -27.34
N LEU A 328 -4.28 -11.08 -27.57
CA LEU A 328 -4.87 -10.14 -26.65
C LEU A 328 -5.60 -10.75 -25.45
N PHE A 329 -6.32 -11.86 -25.66
CA PHE A 329 -6.99 -12.51 -24.52
C PHE A 329 -5.94 -13.30 -23.81
N THR A 330 -6.07 -13.44 -22.51
CA THR A 330 -5.03 -14.17 -21.78
C THR A 330 -5.55 -15.41 -21.09
N LEU A 331 -4.92 -16.53 -21.42
CA LEU A 331 -5.30 -17.81 -20.85
C LEU A 331 -5.00 -17.83 -19.37
N ALA A 332 -6.05 -17.96 -18.56
CA ALA A 332 -5.93 -17.97 -17.11
C ALA A 332 -7.28 -18.35 -16.50
N GLU A 333 -7.39 -18.23 -15.18
CA GLU A 333 -8.64 -18.49 -14.49
C GLU A 333 -9.17 -17.12 -14.19
N SER A 334 -10.27 -17.06 -13.45
CA SER A 334 -10.91 -15.79 -13.10
C SER A 334 -11.56 -15.11 -14.29
N LEU A 335 -11.99 -13.88 -14.07
CA LEU A 335 -12.70 -13.11 -15.08
C LEU A 335 -13.07 -11.72 -14.59
N GLY A 336 -13.87 -11.02 -15.37
CA GLY A 336 -14.30 -9.70 -14.96
C GLY A 336 -13.16 -8.71 -14.83
N GLY A 337 -11.98 -9.17 -15.21
CA GLY A 337 -10.82 -8.32 -15.13
C GLY A 337 -10.88 -7.24 -16.21
N ILE A 338 -10.07 -6.22 -16.00
CA ILE A 338 -9.92 -5.08 -16.86
C ILE A 338 -9.28 -5.53 -18.20
N GLU A 339 -8.52 -6.62 -18.12
CA GLU A 339 -7.87 -7.17 -19.30
C GLU A 339 -8.53 -8.50 -19.71
N SER A 340 -8.76 -8.66 -21.00
CA SER A 340 -9.37 -9.87 -21.55
C SER A 340 -8.77 -11.19 -21.07
N LEU A 341 -9.62 -12.18 -20.88
CA LEU A 341 -9.19 -13.50 -20.45
C LEU A 341 -10.00 -14.61 -21.12
N LEU A 342 -9.44 -15.80 -21.22
CA LEU A 342 -10.22 -16.87 -21.81
C LEU A 342 -9.84 -18.17 -21.11
N GLU A 343 -10.83 -19.04 -20.96
CA GLU A 343 -10.62 -20.29 -20.25
C GLU A 343 -11.47 -21.41 -20.85
N VAL A 344 -11.12 -22.66 -20.51
CA VAL A 344 -11.86 -23.83 -20.99
C VAL A 344 -12.41 -24.51 -19.75
N PRO A 345 -13.58 -24.08 -19.27
CA PRO A 345 -14.18 -24.67 -18.08
C PRO A 345 -13.89 -26.13 -17.82
N ALA A 346 -13.99 -26.94 -18.86
CA ALA A 346 -13.77 -28.38 -18.76
C ALA A 346 -12.50 -28.73 -18.04
N VAL A 347 -11.39 -28.25 -18.57
CA VAL A 347 -10.09 -28.55 -17.97
C VAL A 347 -9.75 -27.65 -16.79
N MET A 348 -9.46 -26.39 -17.05
CA MET A 348 -9.09 -25.45 -16.01
C MET A 348 -9.97 -25.41 -14.78
N THR A 349 -11.24 -25.11 -14.99
CA THR A 349 -12.16 -25.02 -13.86
C THR A 349 -12.67 -26.39 -13.44
N HIS A 350 -13.66 -26.89 -14.16
CA HIS A 350 -14.28 -28.16 -13.84
C HIS A 350 -13.41 -29.41 -14.01
N GLY A 351 -12.43 -29.58 -13.14
CA GLY A 351 -11.54 -30.73 -13.20
C GLY A 351 -12.04 -31.99 -12.51
N GLY A 352 -12.05 -32.00 -11.17
CA GLY A 352 -12.51 -33.17 -10.43
C GLY A 352 -13.99 -33.49 -10.56
N ILE A 353 -14.47 -33.45 -11.80
CA ILE A 353 -15.87 -33.74 -12.11
C ILE A 353 -15.88 -34.49 -13.45
N PRO A 354 -16.09 -35.80 -13.41
CA PRO A 354 -16.12 -36.69 -14.58
C PRO A 354 -16.82 -36.15 -15.83
N LYS A 355 -16.21 -36.43 -17.00
CA LYS A 355 -16.77 -36.00 -18.28
C LYS A 355 -18.25 -36.24 -18.21
N GLU A 356 -18.63 -37.30 -17.52
CA GLU A 356 -20.02 -37.67 -17.32
C GLU A 356 -20.89 -36.43 -17.20
N ALA A 357 -20.60 -35.62 -16.17
CA ALA A 357 -21.35 -34.40 -15.94
C ALA A 357 -20.96 -33.34 -16.95
N ARG A 358 -19.66 -33.21 -17.24
CA ARG A 358 -19.22 -32.19 -18.19
C ARG A 358 -19.75 -32.45 -19.62
N GLU A 359 -21.03 -32.75 -19.72
CA GLU A 359 -21.71 -32.97 -20.99
C GLU A 359 -23.19 -32.85 -20.61
N ALA A 360 -23.43 -32.87 -19.31
CA ALA A 360 -24.76 -32.78 -18.76
C ALA A 360 -25.10 -31.32 -18.51
N SER A 361 -24.56 -30.77 -17.43
CA SER A 361 -24.83 -29.37 -17.08
C SER A 361 -24.61 -28.45 -18.29
N GLY A 362 -23.92 -28.98 -19.30
CA GLY A 362 -23.63 -28.21 -20.50
C GLY A 362 -22.16 -27.87 -20.67
N VAL A 363 -21.36 -28.09 -19.63
CA VAL A 363 -19.94 -27.78 -19.70
C VAL A 363 -19.21 -28.61 -20.73
N PHE A 364 -19.63 -28.48 -21.99
CA PHE A 364 -19.03 -29.22 -23.08
C PHE A 364 -17.50 -29.16 -23.11
N ASP A 365 -16.90 -30.28 -23.45
CA ASP A 365 -15.45 -30.41 -23.52
C ASP A 365 -14.83 -29.56 -24.63
N ASP A 366 -15.61 -29.21 -25.64
CA ASP A 366 -15.07 -28.39 -26.73
C ASP A 366 -15.58 -26.95 -26.65
N LEU A 367 -15.83 -26.51 -25.43
CA LEU A 367 -16.35 -25.16 -25.15
C LEU A 367 -15.31 -24.15 -24.65
N VAL A 368 -15.22 -23.01 -25.34
CA VAL A 368 -14.31 -21.96 -24.94
C VAL A 368 -15.10 -20.82 -24.28
N ARG A 369 -14.68 -20.44 -23.07
CA ARG A 369 -15.33 -19.36 -22.36
C ARG A 369 -14.39 -18.14 -22.28
N ILE A 370 -14.90 -16.99 -22.69
CA ILE A 370 -14.09 -15.77 -22.69
C ILE A 370 -14.68 -14.58 -21.92
N SER A 371 -13.77 -13.92 -21.21
CA SER A 371 -14.02 -12.75 -20.38
C SER A 371 -13.52 -11.50 -21.14
N VAL A 372 -14.43 -10.81 -21.84
CA VAL A 372 -14.03 -9.63 -22.57
C VAL A 372 -13.65 -8.47 -21.64
N GLY A 373 -12.47 -7.88 -21.90
CA GLY A 373 -11.95 -6.76 -21.13
C GLY A 373 -12.33 -5.42 -21.73
N ILE A 374 -11.49 -4.40 -21.56
CA ILE A 374 -11.83 -3.08 -22.12
C ILE A 374 -10.87 -2.52 -23.19
N GLU A 375 -10.04 -3.40 -23.75
CA GLU A 375 -9.13 -3.00 -24.84
C GLU A 375 -10.02 -2.58 -26.01
N ASP A 376 -9.45 -2.11 -27.10
CA ASP A 376 -10.25 -1.72 -28.25
C ASP A 376 -11.14 -2.89 -28.75
N THR A 377 -12.34 -2.59 -29.23
CA THR A 377 -13.26 -3.65 -29.70
C THR A 377 -12.78 -4.39 -30.94
N ASP A 378 -12.36 -3.64 -31.96
CA ASP A 378 -11.89 -4.24 -33.20
C ASP A 378 -10.61 -5.05 -32.99
N ASP A 379 -9.70 -4.52 -32.18
CA ASP A 379 -8.46 -5.24 -31.90
C ASP A 379 -8.78 -6.63 -31.30
N LEU A 380 -9.84 -6.69 -30.51
CA LEU A 380 -10.24 -7.92 -29.86
C LEU A 380 -11.04 -8.79 -30.82
N LEU A 381 -11.92 -8.15 -31.59
CA LEU A 381 -12.70 -8.88 -32.56
C LEU A 381 -11.69 -9.48 -33.53
N GLU A 382 -10.84 -8.63 -34.11
CA GLU A 382 -9.85 -9.10 -35.06
C GLU A 382 -8.92 -10.14 -34.46
N ASP A 383 -8.84 -10.19 -33.15
CA ASP A 383 -7.98 -11.16 -32.51
C ASP A 383 -8.67 -12.53 -32.32
N ILE A 384 -10.00 -12.54 -32.20
CA ILE A 384 -10.76 -13.77 -32.06
C ILE A 384 -10.74 -14.46 -33.43
N LYS A 385 -10.92 -13.66 -34.48
CA LYS A 385 -10.91 -14.14 -35.87
C LYS A 385 -9.58 -14.84 -36.11
N GLN A 386 -8.54 -14.05 -36.02
CA GLN A 386 -7.18 -14.49 -36.20
C GLN A 386 -6.86 -15.76 -35.41
N ALA A 387 -7.69 -16.11 -34.43
CA ALA A 387 -7.40 -17.29 -33.64
C ALA A 387 -8.27 -18.49 -33.97
N LEU A 388 -9.40 -18.25 -34.63
CA LEU A 388 -10.26 -19.36 -35.02
C LEU A 388 -9.48 -20.11 -36.06
N LYS A 389 -8.94 -19.38 -37.03
CA LYS A 389 -8.18 -20.00 -38.09
C LYS A 389 -7.04 -20.83 -37.52
N GLN A 390 -6.29 -20.28 -36.57
CA GLN A 390 -5.18 -20.99 -35.96
C GLN A 390 -5.62 -22.37 -35.46
N ALA A 391 -6.72 -22.42 -34.71
CA ALA A 391 -7.26 -23.67 -34.16
C ALA A 391 -7.71 -24.59 -35.27
N THR A 392 -8.31 -24.00 -36.29
CA THR A 392 -8.77 -24.70 -37.48
C THR A 392 -7.55 -25.39 -38.12
N ASN A 393 -6.54 -24.61 -38.51
CA ASN A 393 -5.33 -25.17 -39.11
C ASN A 393 -4.50 -25.94 -38.11
N THR B 1 20.52 -16.48 0.67
CA THR B 1 20.49 -17.23 1.96
C THR B 1 19.64 -18.48 1.85
N LEU B 2 19.94 -19.43 2.74
CA LEU B 2 19.22 -20.69 2.82
C LEU B 2 19.53 -21.19 4.22
N GLN B 3 18.61 -20.97 5.15
CA GLN B 3 18.84 -21.40 6.52
C GLN B 3 19.27 -22.86 6.54
N GLU B 4 19.87 -23.25 7.67
CA GLU B 4 20.34 -24.61 7.85
C GLU B 4 20.38 -24.94 9.35
N SER B 5 19.29 -24.63 10.06
CA SER B 5 19.20 -24.85 11.51
C SER B 5 20.00 -23.75 12.23
N ASP B 6 19.79 -22.53 11.72
CA ASP B 6 20.41 -21.33 12.24
C ASP B 6 19.70 -20.92 13.52
N LYS B 7 20.01 -19.73 14.00
CA LYS B 7 19.40 -19.23 15.22
C LYS B 7 18.08 -18.52 14.91
N PHE B 8 17.32 -18.21 15.94
CA PHE B 8 16.03 -17.54 15.73
C PHE B 8 16.14 -16.28 14.89
N ALA B 9 17.04 -15.38 15.31
CA ALA B 9 17.21 -14.10 14.65
C ALA B 9 17.42 -14.24 13.17
N THR B 10 18.28 -15.19 12.79
CA THR B 10 18.59 -15.47 11.39
C THR B 10 17.36 -16.02 10.68
N LYS B 11 16.59 -16.85 11.36
CA LYS B 11 15.41 -17.41 10.74
C LYS B 11 14.42 -16.29 10.47
N ALA B 12 14.22 -15.42 11.47
CA ALA B 12 13.29 -14.30 11.33
C ALA B 12 13.61 -13.43 10.14
N ILE B 13 14.87 -13.43 9.73
CA ILE B 13 15.32 -12.62 8.61
C ILE B 13 15.31 -13.36 7.30
N HIS B 14 15.52 -14.67 7.37
CA HIS B 14 15.57 -15.38 6.11
C HIS B 14 14.52 -16.47 5.88
N ALA B 15 13.76 -16.84 6.92
CA ALA B 15 12.71 -17.83 6.74
C ALA B 15 11.65 -17.20 5.85
N GLY B 16 11.04 -18.03 4.99
CA GLY B 16 10.02 -17.53 4.09
C GLY B 16 10.54 -16.63 3.01
N GLU B 17 11.73 -16.94 2.49
CA GLU B 17 12.33 -16.14 1.45
C GLU B 17 11.51 -16.24 0.17
N HIS B 18 11.51 -15.20 -0.66
CA HIS B 18 10.74 -15.20 -1.89
C HIS B 18 11.59 -15.47 -3.12
N VAL B 19 10.90 -15.64 -4.26
CA VAL B 19 11.54 -15.89 -5.54
C VAL B 19 11.08 -14.78 -6.47
N ASP B 20 12.02 -14.23 -7.24
CA ASP B 20 11.75 -13.13 -8.17
C ASP B 20 12.90 -13.12 -9.14
N VAL B 21 12.60 -13.07 -10.44
CA VAL B 21 13.64 -13.09 -11.47
C VAL B 21 14.48 -11.81 -11.56
N HIS B 22 13.92 -10.71 -11.07
CA HIS B 22 14.65 -9.45 -11.10
C HIS B 22 15.60 -9.45 -9.90
N GLY B 23 15.63 -10.55 -9.17
CA GLY B 23 16.50 -10.66 -8.02
C GLY B 23 16.38 -9.62 -6.92
N SER B 24 15.16 -9.27 -6.54
CA SER B 24 14.94 -8.28 -5.48
C SER B 24 15.28 -8.85 -4.11
N VAL B 25 15.95 -8.08 -3.27
CA VAL B 25 16.29 -8.55 -1.93
C VAL B 25 15.04 -8.47 -1.07
N ILE B 26 14.14 -7.57 -1.43
CA ILE B 26 12.89 -7.41 -0.71
C ILE B 26 11.75 -7.97 -1.53
N GLU B 27 10.92 -8.80 -0.92
CA GLU B 27 9.78 -9.39 -1.63
C GLU B 27 8.76 -8.34 -2.02
N PRO B 28 8.33 -8.37 -3.28
CA PRO B 28 7.35 -7.40 -3.76
C PRO B 28 5.93 -7.73 -3.33
N ILE B 29 5.04 -6.75 -3.33
CA ILE B 29 3.66 -6.97 -2.92
C ILE B 29 2.89 -7.46 -4.13
N SER B 30 2.41 -8.69 -4.08
CA SER B 30 1.66 -9.23 -5.21
C SER B 30 0.23 -9.28 -4.80
N LEU B 31 -0.58 -8.49 -5.51
CA LEU B 31 -1.99 -8.36 -5.25
C LEU B 31 -2.81 -9.09 -6.26
N SER B 32 -2.19 -9.37 -7.41
CA SER B 32 -2.86 -10.04 -8.52
C SER B 32 -3.78 -11.15 -8.10
N THR B 33 -4.96 -11.12 -8.71
CA THR B 33 -6.03 -12.08 -8.50
C THR B 33 -5.74 -13.37 -9.25
N THR B 34 -5.28 -13.26 -10.49
CA THR B 34 -4.95 -14.43 -11.28
C THR B 34 -3.54 -14.46 -11.85
N PHE B 35 -3.22 -15.59 -12.46
CA PHE B 35 -1.89 -15.77 -13.06
C PHE B 35 -2.04 -16.36 -14.47
N LYS B 36 -1.17 -15.97 -15.39
CA LYS B 36 -1.30 -16.49 -16.73
C LYS B 36 -1.00 -17.95 -16.74
N GLN B 37 -1.46 -18.65 -17.78
CA GLN B 37 -1.21 -20.08 -17.89
C GLN B 37 -0.55 -20.44 -19.21
N SER B 38 0.26 -21.48 -19.20
CA SER B 38 0.95 -21.93 -20.40
C SER B 38 -0.11 -22.62 -21.23
N SER B 39 -0.76 -23.60 -20.62
CA SER B 39 -1.82 -24.38 -21.23
C SER B 39 -3.02 -24.38 -20.29
N PRO B 40 -4.24 -24.50 -20.84
CA PRO B 40 -5.47 -24.52 -20.03
C PRO B 40 -5.33 -25.33 -18.76
N ALA B 41 -4.66 -26.46 -18.86
CA ALA B 41 -4.51 -27.27 -17.67
C ALA B 41 -3.87 -26.53 -16.50
N ASN B 42 -2.61 -26.14 -16.65
CA ASN B 42 -1.89 -25.50 -15.56
C ASN B 42 -0.94 -24.31 -15.85
N PRO B 43 -0.91 -23.34 -14.90
CA PRO B 43 -0.16 -22.08 -14.84
C PRO B 43 1.25 -22.02 -15.40
N ILE B 44 1.68 -20.78 -15.69
CA ILE B 44 3.01 -20.50 -16.21
C ILE B 44 3.87 -20.17 -15.00
N GLY B 45 3.53 -20.79 -13.87
CA GLY B 45 4.25 -20.58 -12.62
C GLY B 45 3.35 -20.90 -11.43
N THR B 46 3.81 -21.83 -10.59
CA THR B 46 3.14 -22.32 -9.38
C THR B 46 1.86 -21.70 -8.80
N TYR B 47 1.44 -20.52 -9.22
CA TYR B 47 0.22 -19.97 -8.66
C TYR B 47 -0.90 -19.91 -9.69
N GLU B 48 -2.13 -20.07 -9.23
CA GLU B 48 -3.27 -20.00 -10.13
C GLU B 48 -4.31 -18.99 -9.71
N TYR B 49 -4.62 -18.92 -8.42
CA TYR B 49 -5.62 -17.98 -7.93
C TYR B 49 -5.23 -17.50 -6.54
N SER B 50 -5.18 -16.16 -6.37
CA SER B 50 -4.80 -15.50 -5.10
C SER B 50 -5.36 -16.06 -3.79
N ARG B 51 -6.68 -16.30 -3.72
CA ARG B 51 -7.29 -16.86 -2.51
C ARG B 51 -6.86 -18.29 -2.24
N SER B 52 -6.60 -19.03 -3.31
CA SER B 52 -6.16 -20.40 -3.17
C SER B 52 -4.74 -20.40 -2.62
N GLN B 53 -3.94 -19.45 -3.08
CA GLN B 53 -2.56 -19.28 -2.66
C GLN B 53 -1.86 -18.18 -3.45
N ASN B 54 -1.13 -17.33 -2.75
CA ASN B 54 -0.37 -16.27 -3.38
C ASN B 54 0.97 -16.22 -2.64
N PRO B 55 2.02 -15.69 -3.29
CA PRO B 55 3.36 -15.59 -2.71
C PRO B 55 3.52 -14.87 -1.36
N ASN B 56 2.94 -13.68 -1.19
CA ASN B 56 3.02 -12.98 0.09
C ASN B 56 2.51 -13.83 1.26
N ARG B 57 1.30 -14.40 1.13
CA ARG B 57 0.74 -15.22 2.22
C ARG B 57 1.54 -16.50 2.45
N GLU B 58 1.86 -17.19 1.38
CA GLU B 58 2.65 -18.40 1.48
C GLU B 58 3.99 -18.16 2.22
N ASN B 59 4.75 -17.16 1.76
CA ASN B 59 6.02 -16.81 2.37
C ASN B 59 5.89 -16.43 3.86
N LEU B 60 4.79 -15.78 4.23
CA LEU B 60 4.60 -15.43 5.63
C LEU B 60 4.41 -16.72 6.36
N GLU B 61 3.45 -17.52 5.88
CA GLU B 61 3.15 -18.83 6.48
C GLU B 61 4.41 -19.65 6.73
N ARG B 62 5.30 -19.76 5.74
CA ARG B 62 6.56 -20.49 5.96
C ARG B 62 7.32 -19.73 7.08
N ALA B 63 7.51 -18.43 6.88
CA ALA B 63 8.20 -17.65 7.90
C ALA B 63 7.67 -17.97 9.30
N VAL B 64 6.36 -17.85 9.50
CA VAL B 64 5.78 -18.11 10.82
C VAL B 64 6.00 -19.52 11.31
N ALA B 65 5.82 -20.49 10.42
CA ALA B 65 6.04 -21.90 10.80
C ALA B 65 7.48 -22.05 11.29
N ALA B 66 8.44 -21.58 10.51
CA ALA B 66 9.85 -21.67 10.92
C ALA B 66 10.11 -21.07 12.33
N LEU B 67 9.73 -19.82 12.53
CA LEU B 67 9.93 -19.19 13.82
C LEU B 67 9.22 -19.95 14.91
N GLU B 68 8.26 -20.76 14.52
CA GLU B 68 7.46 -21.52 15.47
C GLU B 68 7.92 -22.96 15.53
N ASN B 69 9.05 -23.23 14.88
CA ASN B 69 9.62 -24.58 14.85
C ASN B 69 8.53 -25.55 14.52
N ALA B 70 8.02 -25.43 13.30
CA ALA B 70 6.95 -26.29 12.82
C ALA B 70 7.04 -26.45 11.31
N GLN B 71 6.39 -27.48 10.80
CA GLN B 71 6.38 -27.80 9.37
C GLN B 71 5.32 -27.04 8.58
N TYR B 72 4.22 -26.68 9.24
CA TYR B 72 3.18 -25.98 8.53
C TYR B 72 2.59 -24.69 9.15
N GLY B 73 2.06 -23.83 8.27
CA GLY B 73 1.46 -22.59 8.72
C GLY B 73 0.32 -22.17 7.82
N LEU B 74 -0.62 -21.41 8.37
CA LEU B 74 -1.78 -20.92 7.64
C LEU B 74 -2.20 -19.51 8.16
N ALA B 75 -2.40 -18.58 7.24
CA ALA B 75 -2.81 -17.23 7.62
C ALA B 75 -4.25 -17.02 7.22
N PHE B 76 -4.97 -16.30 8.06
CA PHE B 76 -6.38 -15.96 7.83
C PHE B 76 -6.57 -14.47 8.07
N SER B 77 -7.82 -14.01 7.95
CA SER B 77 -8.13 -12.59 8.14
C SER B 77 -7.90 -12.14 9.57
N SER B 78 -8.02 -13.04 10.55
CA SER B 78 -7.81 -12.62 11.94
C SER B 78 -7.62 -13.76 12.92
N GLY B 79 -7.31 -13.43 14.16
CA GLY B 79 -7.16 -14.48 15.15
C GLY B 79 -8.48 -15.23 15.14
N SER B 80 -9.57 -14.50 15.31
CA SER B 80 -10.91 -15.07 15.32
C SER B 80 -11.25 -16.00 14.18
N ALA B 81 -10.87 -15.66 12.96
CA ALA B 81 -11.17 -16.57 11.87
C ALA B 81 -10.24 -17.78 11.92
N THR B 82 -9.17 -17.68 12.70
CA THR B 82 -8.21 -18.75 12.81
C THR B 82 -8.74 -19.79 13.74
N THR B 83 -9.43 -19.29 14.77
CA THR B 83 -10.06 -20.11 15.78
C THR B 83 -11.29 -20.80 15.16
N ALA B 84 -11.98 -20.08 14.30
CA ALA B 84 -13.16 -20.61 13.65
C ALA B 84 -12.73 -21.76 12.75
N THR B 85 -11.86 -21.49 11.78
CA THR B 85 -11.43 -22.57 10.88
C THR B 85 -11.17 -23.83 11.72
N ILE B 86 -10.57 -23.65 12.88
CA ILE B 86 -10.31 -24.81 13.69
C ILE B 86 -11.62 -25.45 14.18
N LEU B 87 -12.37 -24.72 14.98
CA LEU B 87 -13.63 -25.22 15.52
C LEU B 87 -14.51 -25.80 14.44
N GLN B 88 -14.53 -25.18 13.26
CA GLN B 88 -15.36 -25.68 12.17
C GLN B 88 -14.76 -26.88 11.41
N SER B 89 -13.67 -27.44 11.92
CA SER B 89 -13.04 -28.61 11.29
C SER B 89 -13.28 -29.79 12.21
N LEU B 90 -14.02 -29.52 13.29
CA LEU B 90 -14.35 -30.54 14.26
C LEU B 90 -15.56 -31.29 13.76
N PRO B 91 -15.63 -32.60 14.03
CA PRO B 91 -16.80 -33.35 13.56
C PRO B 91 -18.07 -32.77 14.18
N GLN B 92 -19.04 -32.51 13.32
CA GLN B 92 -20.33 -31.95 13.72
C GLN B 92 -20.71 -32.33 15.16
N GLY B 93 -21.21 -31.34 15.91
CA GLY B 93 -21.60 -31.57 17.29
C GLY B 93 -20.54 -32.23 18.15
N SER B 94 -19.54 -31.45 18.55
CA SER B 94 -18.44 -31.93 19.39
C SER B 94 -18.34 -31.06 20.64
N HIS B 95 -17.35 -31.37 21.47
CA HIS B 95 -17.14 -30.62 22.70
C HIS B 95 -15.66 -30.20 22.79
N ALA B 96 -15.40 -29.13 23.55
CA ALA B 96 -14.05 -28.64 23.70
C ALA B 96 -13.88 -28.11 25.10
N VAL B 97 -12.64 -28.13 25.61
CA VAL B 97 -12.38 -27.62 26.95
C VAL B 97 -11.29 -26.56 26.87
N SER B 98 -11.42 -25.52 27.69
CA SER B 98 -10.46 -24.41 27.69
C SER B 98 -10.36 -23.72 29.04
N ILE B 99 -9.17 -23.18 29.34
CA ILE B 99 -8.91 -22.45 30.58
C ILE B 99 -9.86 -21.26 30.65
N GLY B 100 -10.40 -21.00 31.84
CA GLY B 100 -11.35 -19.92 32.02
C GLY B 100 -10.79 -18.56 31.63
N ASP B 101 -9.71 -18.14 32.29
CA ASP B 101 -9.07 -16.84 32.00
C ASP B 101 -8.77 -16.76 30.50
N VAL B 102 -9.84 -16.63 29.70
CA VAL B 102 -9.74 -16.58 28.24
C VAL B 102 -10.44 -15.34 27.65
N TYR B 103 -10.02 -14.95 26.46
CA TYR B 103 -10.64 -13.80 25.78
C TYR B 103 -12.11 -14.19 25.59
N GLY B 104 -12.92 -13.26 25.12
CA GLY B 104 -14.31 -13.56 24.87
C GLY B 104 -14.35 -14.37 23.58
N GLY B 105 -13.19 -14.40 22.91
CA GLY B 105 -13.03 -15.12 21.67
C GLY B 105 -13.59 -16.52 21.73
N THR B 106 -13.06 -17.36 22.62
CA THR B 106 -13.58 -18.72 22.73
C THR B 106 -15.09 -18.62 22.81
N HIS B 107 -15.56 -17.83 23.77
CA HIS B 107 -16.98 -17.60 23.99
C HIS B 107 -17.63 -17.52 22.61
N ARG B 108 -17.44 -16.38 21.95
CA ARG B 108 -18.01 -16.13 20.63
C ARG B 108 -17.80 -17.28 19.65
N TYR B 109 -16.62 -17.34 19.03
CA TYR B 109 -16.31 -18.39 18.06
C TYR B 109 -16.88 -19.75 18.47
N PHE B 110 -16.30 -20.38 19.49
CA PHE B 110 -16.78 -21.70 19.96
C PHE B 110 -18.30 -21.76 19.80
N THR B 111 -19.00 -20.74 20.30
CA THR B 111 -20.45 -20.67 20.21
C THR B 111 -20.96 -20.57 18.75
N LYS B 112 -20.67 -19.46 18.07
CA LYS B 112 -21.10 -19.26 16.69
C LYS B 112 -21.02 -20.52 15.82
N VAL B 113 -19.80 -21.01 15.61
CA VAL B 113 -19.61 -22.21 14.81
C VAL B 113 -20.38 -23.37 15.43
N ALA B 114 -20.71 -23.23 16.72
CA ALA B 114 -21.52 -24.25 17.40
C ALA B 114 -22.96 -23.85 17.14
N ASN B 115 -23.22 -23.43 15.90
CA ASN B 115 -24.53 -23.00 15.44
C ASN B 115 -25.64 -23.56 16.32
N ALA B 116 -26.43 -22.65 16.89
CA ALA B 116 -27.52 -23.00 17.81
C ALA B 116 -26.93 -23.64 19.07
N HIS B 117 -26.33 -24.83 18.91
CA HIS B 117 -25.75 -25.54 20.04
C HIS B 117 -24.76 -26.63 19.60
N GLY B 118 -24.20 -26.46 18.39
CA GLY B 118 -23.26 -27.42 17.80
C GLY B 118 -22.01 -27.85 18.56
N VAL B 119 -21.05 -26.93 18.71
CA VAL B 119 -19.80 -27.21 19.43
C VAL B 119 -19.93 -26.95 20.92
N GLU B 120 -20.00 -28.03 21.70
CA GLU B 120 -20.09 -27.93 23.16
C GLU B 120 -18.89 -27.15 23.66
N THR B 121 -19.03 -26.57 24.86
CA THR B 121 -17.96 -25.78 25.45
C THR B 121 -18.01 -25.74 26.97
N SER B 122 -17.05 -26.41 27.61
CA SER B 122 -16.97 -26.43 29.07
C SER B 122 -15.73 -25.71 29.57
N PHE B 123 -15.87 -24.41 29.78
CA PHE B 123 -14.75 -23.61 30.28
C PHE B 123 -14.35 -24.20 31.63
N THR B 124 -13.06 -24.23 31.92
CA THR B 124 -12.57 -24.78 33.17
C THR B 124 -11.27 -24.17 33.65
N ASN B 125 -11.33 -23.44 34.75
CA ASN B 125 -10.12 -22.85 35.30
C ASN B 125 -9.29 -24.03 35.87
N ASP B 126 -8.02 -23.80 36.19
CA ASP B 126 -7.17 -24.87 36.72
C ASP B 126 -7.26 -26.16 35.87
N LEU B 127 -6.75 -26.08 34.64
CA LEU B 127 -6.78 -27.20 33.71
C LEU B 127 -6.39 -28.60 34.23
N LEU B 128 -5.15 -28.75 34.68
CA LEU B 128 -4.64 -30.03 35.15
C LEU B 128 -5.45 -30.83 36.16
N ASN B 129 -6.44 -30.24 36.82
CA ASN B 129 -7.21 -31.00 37.81
C ASN B 129 -8.64 -31.41 37.45
N ASP B 130 -9.27 -30.70 36.51
CA ASP B 130 -10.62 -31.06 36.13
C ASP B 130 -10.66 -31.57 34.68
N LEU B 131 -9.52 -31.53 34.00
CA LEU B 131 -9.49 -31.98 32.62
C LEU B 131 -9.83 -33.46 32.52
N PRO B 132 -9.41 -34.28 33.50
CA PRO B 132 -9.74 -35.71 33.43
C PRO B 132 -11.24 -35.90 33.65
N GLN B 133 -11.81 -35.08 34.54
CA GLN B 133 -13.23 -35.15 34.84
C GLN B 133 -14.10 -34.65 33.69
N LEU B 134 -13.58 -33.74 32.88
CA LEU B 134 -14.37 -33.20 31.77
C LEU B 134 -13.89 -33.66 30.39
N ILE B 135 -12.66 -34.20 30.30
CA ILE B 135 -12.09 -34.62 29.03
C ILE B 135 -13.09 -35.21 28.08
N LYS B 136 -14.20 -35.70 28.61
CA LYS B 136 -15.26 -36.20 27.75
C LYS B 136 -16.60 -35.58 28.14
N GLU B 137 -17.55 -35.67 27.22
CA GLU B 137 -18.89 -35.11 27.31
C GLU B 137 -19.05 -34.71 25.87
N ASN B 138 -18.19 -35.35 25.04
CA ASN B 138 -18.13 -35.14 23.60
C ASN B 138 -16.89 -34.30 23.11
N THR B 139 -15.96 -34.02 24.01
CA THR B 139 -14.76 -33.23 23.72
C THR B 139 -13.90 -33.70 22.54
N LYS B 140 -13.29 -32.74 21.85
CA LYS B 140 -12.43 -33.01 20.71
C LYS B 140 -11.39 -31.89 20.61
N LEU B 141 -11.47 -30.96 21.56
CA LEU B 141 -10.57 -29.80 21.63
C LEU B 141 -10.25 -29.32 23.08
N VAL B 142 -9.00 -28.93 23.28
CA VAL B 142 -8.52 -28.40 24.57
C VAL B 142 -7.77 -27.14 24.16
N TRP B 143 -8.30 -25.98 24.55
CA TRP B 143 -7.72 -24.69 24.16
C TRP B 143 -6.93 -23.96 25.26
N ILE B 144 -5.60 -24.05 25.20
CA ILE B 144 -4.76 -23.39 26.20
C ILE B 144 -4.22 -22.04 25.75
N GLU B 145 -4.40 -21.07 26.62
CA GLU B 145 -3.93 -19.71 26.38
C GLU B 145 -2.85 -19.59 27.46
N THR B 146 -1.72 -20.25 27.21
CA THR B 146 -0.58 -20.31 28.12
C THR B 146 -0.48 -19.17 29.12
N PRO B 147 -0.17 -17.94 28.68
CA PRO B 147 -0.14 -16.96 29.79
C PRO B 147 -1.53 -16.32 29.87
N THR B 148 -2.33 -16.73 30.86
CA THR B 148 -3.70 -16.21 30.99
C THR B 148 -3.82 -14.70 31.12
N ASN B 149 -4.65 -14.10 30.29
CA ASN B 149 -4.85 -12.65 30.34
C ASN B 149 -6.00 -12.40 31.29
N PRO B 150 -5.75 -11.63 32.36
CA PRO B 150 -4.49 -10.98 32.71
C PRO B 150 -3.75 -11.61 33.91
N THR B 151 -4.41 -12.50 34.65
CA THR B 151 -3.78 -13.13 35.82
C THR B 151 -2.32 -13.53 35.59
N LEU B 152 -2.04 -13.98 34.38
CA LEU B 152 -0.72 -14.42 33.95
C LEU B 152 -0.31 -15.79 34.52
N LYS B 153 -1.27 -16.71 34.57
CA LYS B 153 -1.07 -18.06 35.07
C LYS B 153 -0.47 -18.93 33.95
N VAL B 154 0.66 -19.56 34.19
CA VAL B 154 1.27 -20.39 33.15
C VAL B 154 0.81 -21.84 33.30
N THR B 155 0.51 -22.48 32.16
CA THR B 155 0.08 -23.87 32.19
C THR B 155 1.12 -24.80 31.56
N ASP B 156 1.23 -26.01 32.10
CA ASP B 156 2.22 -26.94 31.58
C ASP B 156 1.67 -27.68 30.36
N ILE B 157 2.12 -27.27 29.19
CA ILE B 157 1.70 -27.84 27.92
C ILE B 157 1.93 -29.33 27.79
N GLN B 158 2.92 -29.84 28.51
CA GLN B 158 3.24 -31.27 28.48
C GLN B 158 2.25 -31.98 29.36
N LYS B 159 2.18 -31.55 30.62
CA LYS B 159 1.25 -32.13 31.59
C LYS B 159 -0.18 -32.28 31.02
N VAL B 160 -0.61 -31.32 30.23
CA VAL B 160 -1.94 -31.39 29.64
C VAL B 160 -1.90 -32.39 28.47
N ALA B 161 -0.92 -32.25 27.59
CA ALA B 161 -0.74 -33.16 26.47
C ALA B 161 -0.82 -34.60 26.97
N ASP B 162 -0.06 -34.88 28.03
CA ASP B 162 -0.03 -36.22 28.59
C ASP B 162 -1.39 -36.61 29.15
N LEU B 163 -1.90 -35.81 30.08
CA LEU B 163 -3.20 -36.05 30.70
C LEU B 163 -4.20 -36.54 29.66
N ILE B 164 -4.23 -35.84 28.53
CA ILE B 164 -5.11 -36.15 27.40
C ILE B 164 -4.92 -37.53 26.80
N LYS B 165 -3.67 -37.87 26.49
CA LYS B 165 -3.38 -39.19 25.95
C LYS B 165 -3.86 -40.20 26.99
N LYS B 166 -3.94 -39.76 28.24
CA LYS B 166 -4.37 -40.65 29.31
C LYS B 166 -5.87 -40.80 29.34
N HIS B 167 -6.55 -39.79 29.86
CA HIS B 167 -8.00 -39.81 29.96
C HIS B 167 -8.74 -39.68 28.64
N ALA B 168 -8.11 -40.02 27.52
CA ALA B 168 -8.78 -39.96 26.21
C ALA B 168 -7.96 -40.42 25.00
N ALA B 169 -7.09 -41.41 25.19
CA ALA B 169 -6.31 -41.92 24.08
C ALA B 169 -7.21 -42.68 23.10
N GLY B 170 -7.01 -42.44 21.81
CA GLY B 170 -7.80 -43.11 20.79
C GLY B 170 -9.00 -42.31 20.31
N GLN B 171 -9.00 -41.02 20.57
CA GLN B 171 -10.11 -40.16 20.17
C GLN B 171 -9.69 -38.80 19.65
N ASP B 172 -8.64 -38.80 18.85
CA ASP B 172 -8.12 -37.60 18.21
C ASP B 172 -8.41 -36.27 18.92
N VAL B 173 -8.11 -36.17 20.21
CA VAL B 173 -8.35 -34.90 20.89
C VAL B 173 -7.14 -34.02 20.66
N ILE B 174 -7.32 -32.93 19.89
CA ILE B 174 -6.23 -31.99 19.57
C ILE B 174 -6.01 -30.85 20.57
N LEU B 175 -4.75 -30.64 20.92
CA LEU B 175 -4.43 -29.59 21.86
C LEU B 175 -4.01 -28.34 21.08
N VAL B 176 -4.73 -27.25 21.36
CA VAL B 176 -4.49 -25.96 20.74
C VAL B 176 -4.01 -24.98 21.81
N VAL B 177 -2.87 -24.34 21.53
CA VAL B 177 -2.36 -23.37 22.46
C VAL B 177 -2.29 -22.04 21.76
N ASP B 178 -2.82 -21.03 22.43
CA ASP B 178 -2.78 -19.64 21.96
C ASP B 178 -1.41 -19.10 22.47
N ASN B 179 -0.52 -18.73 21.56
CA ASN B 179 0.83 -18.27 21.92
C ASN B 179 1.00 -16.82 21.48
N THR B 180 -0.07 -16.03 21.60
CA THR B 180 -0.05 -14.62 21.16
C THR B 180 0.81 -13.67 21.97
N PHE B 181 0.52 -13.54 23.25
CA PHE B 181 1.29 -12.63 24.12
C PHE B 181 2.77 -12.93 24.18
N LEU B 182 3.16 -14.20 24.23
CA LEU B 182 4.58 -14.50 24.31
C LEU B 182 5.26 -14.43 22.94
N SER B 183 4.60 -14.92 21.91
CA SER B 183 5.14 -14.89 20.54
C SER B 183 6.22 -15.94 20.29
N PRO B 184 6.36 -16.36 19.02
CA PRO B 184 7.36 -17.36 18.62
C PRO B 184 8.72 -17.21 19.31
N TYR B 185 9.19 -15.97 19.49
CA TYR B 185 10.49 -15.75 20.13
C TYR B 185 10.64 -16.32 21.53
N ILE B 186 9.68 -16.00 22.39
CA ILE B 186 9.72 -16.47 23.76
C ILE B 186 9.41 -17.97 23.92
N SER B 187 8.50 -18.51 23.10
CA SER B 187 8.14 -19.93 23.20
C SER B 187 7.67 -20.64 21.95
N ASN B 188 7.70 -21.97 22.02
CA ASN B 188 7.28 -22.83 20.91
C ASN B 188 6.44 -24.00 21.46
N PRO B 189 5.10 -23.79 21.62
CA PRO B 189 4.18 -24.80 22.14
C PRO B 189 4.26 -26.14 21.45
N LEU B 190 4.56 -26.18 20.15
CA LEU B 190 4.66 -27.46 19.49
C LEU B 190 5.66 -28.38 20.18
N ASN B 191 6.81 -27.83 20.57
CA ASN B 191 7.86 -28.59 21.26
C ASN B 191 7.41 -29.13 22.60
N PHE B 192 6.13 -29.00 22.89
CA PHE B 192 5.62 -29.45 24.17
C PHE B 192 4.33 -30.24 24.05
N GLY B 193 4.23 -30.97 22.94
CA GLY B 193 3.07 -31.80 22.73
C GLY B 193 1.88 -30.88 22.71
N ALA B 194 1.72 -30.29 21.55
CA ALA B 194 0.66 -29.38 21.28
C ALA B 194 0.52 -29.70 19.82
N ASP B 195 -0.72 -29.69 19.36
CA ASP B 195 -1.02 -30.02 17.98
C ASP B 195 -1.06 -28.78 17.12
N ILE B 196 -1.49 -27.67 17.71
CA ILE B 196 -1.58 -26.42 16.98
C ILE B 196 -1.26 -25.21 17.84
N VAL B 197 -0.52 -24.25 17.28
CA VAL B 197 -0.19 -22.99 17.96
C VAL B 197 -0.94 -21.95 17.23
N VAL B 198 -1.56 -21.05 17.97
CA VAL B 198 -2.29 -19.98 17.33
C VAL B 198 -1.73 -18.63 17.77
N HIS B 199 -1.92 -17.62 16.93
CA HIS B 199 -1.46 -16.28 17.19
C HIS B 199 -2.45 -15.35 16.50
N SER B 200 -2.65 -14.21 17.12
CA SER B 200 -3.49 -13.16 16.59
C SER B 200 -2.31 -12.27 16.21
N ALA B 201 -1.96 -12.27 14.93
CA ALA B 201 -0.77 -11.54 14.48
C ALA B 201 -0.76 -10.06 14.72
N THR B 202 -1.91 -9.52 15.06
CA THR B 202 -2.03 -8.09 15.31
C THR B 202 -1.11 -7.54 16.42
N LYS B 203 -0.97 -8.24 17.53
CA LYS B 203 -0.16 -7.71 18.63
C LYS B 203 1.36 -7.68 18.45
N TYR B 204 2.01 -8.83 18.61
CA TYR B 204 3.46 -8.92 18.50
C TYR B 204 4.12 -9.34 17.20
N ILE B 205 3.53 -10.23 16.40
CA ILE B 205 4.24 -10.64 15.16
C ILE B 205 4.35 -9.47 14.14
N ASN B 206 3.24 -8.86 13.79
CA ASN B 206 3.28 -7.73 12.87
C ASN B 206 3.85 -6.61 13.71
N GLY B 207 3.48 -6.65 14.97
CA GLY B 207 3.93 -5.69 15.95
C GLY B 207 3.44 -4.25 15.90
N HIS B 208 3.38 -3.63 14.74
CA HIS B 208 2.99 -2.23 14.76
C HIS B 208 1.49 -1.93 14.73
N SER B 209 0.71 -2.84 15.30
CA SER B 209 -0.74 -2.73 15.41
C SER B 209 -1.56 -2.21 14.22
N ASP B 210 -0.96 -2.23 13.05
CA ASP B 210 -1.60 -1.76 11.84
C ASP B 210 -2.11 -2.91 10.92
N VAL B 211 -2.53 -4.04 11.48
CA VAL B 211 -2.96 -5.17 10.66
C VAL B 211 -3.72 -6.21 11.49
N VAL B 212 -4.85 -6.68 10.99
CA VAL B 212 -5.60 -7.72 11.70
C VAL B 212 -5.38 -8.96 10.86
N LEU B 213 -4.76 -9.97 11.47
CA LEU B 213 -4.41 -11.18 10.76
C LEU B 213 -4.04 -12.26 11.73
N GLY B 214 -4.50 -13.49 11.45
CA GLY B 214 -4.20 -14.63 12.33
C GLY B 214 -3.45 -15.76 11.64
N VAL B 215 -2.70 -16.55 12.41
CA VAL B 215 -2.02 -17.71 11.84
C VAL B 215 -1.95 -18.83 12.83
N LEU B 216 -1.58 -19.99 12.33
CA LEU B 216 -1.45 -21.17 13.13
C LEU B 216 -0.28 -21.91 12.52
N ALA B 217 0.20 -22.91 13.23
CA ALA B 217 1.28 -23.73 12.72
C ALA B 217 1.04 -25.08 13.39
N THR B 218 1.42 -26.14 12.67
CA THR B 218 1.30 -27.54 13.12
C THR B 218 2.31 -28.39 12.37
N ASN B 219 2.71 -29.47 13.02
CA ASN B 219 3.66 -30.40 12.45
C ASN B 219 2.94 -31.57 11.81
N ASN B 220 1.65 -31.64 12.11
CA ASN B 220 0.71 -32.67 11.66
C ASN B 220 0.15 -32.44 10.25
N LYS B 221 0.62 -33.21 9.27
CA LYS B 221 0.17 -33.03 7.89
C LYS B 221 -1.35 -33.16 7.63
N PRO B 222 -1.99 -34.17 8.21
CA PRO B 222 -3.42 -34.31 7.98
C PRO B 222 -4.21 -33.08 8.47
N LEU B 223 -4.00 -32.76 9.73
CA LEU B 223 -4.67 -31.62 10.37
C LEU B 223 -4.45 -30.34 9.58
N TYR B 224 -3.26 -30.20 9.02
CA TYR B 224 -2.92 -29.04 8.22
C TYR B 224 -3.68 -29.05 6.88
N GLU B 225 -3.89 -30.23 6.30
CA GLU B 225 -4.59 -30.35 5.02
C GLU B 225 -6.10 -30.12 5.10
N ARG B 226 -6.70 -30.57 6.18
CA ARG B 226 -8.11 -30.33 6.40
C ARG B 226 -8.24 -28.82 6.56
N LEU B 227 -7.57 -28.28 7.59
CA LEU B 227 -7.58 -26.84 7.87
C LEU B 227 -7.40 -26.00 6.61
N GLN B 228 -6.40 -26.34 5.81
CA GLN B 228 -6.13 -25.59 4.59
C GLN B 228 -7.28 -25.69 3.59
N PHE B 229 -8.06 -26.75 3.72
CA PHE B 229 -9.21 -26.95 2.85
C PHE B 229 -10.25 -25.91 3.27
N LEU B 230 -10.63 -25.92 4.54
CA LEU B 230 -11.59 -24.95 5.04
C LEU B 230 -11.18 -23.52 4.68
N GLN B 231 -9.89 -23.24 4.78
CA GLN B 231 -9.31 -21.94 4.47
C GLN B 231 -9.66 -21.53 3.03
N ASN B 232 -9.41 -22.45 2.10
CA ASN B 232 -9.67 -22.23 0.68
C ASN B 232 -11.16 -22.23 0.34
N ALA B 233 -11.96 -22.96 1.12
CA ALA B 233 -13.41 -23.04 0.89
C ALA B 233 -14.28 -21.98 1.59
N ILE B 234 -13.92 -21.56 2.81
CA ILE B 234 -14.71 -20.51 3.48
C ILE B 234 -14.14 -19.17 3.03
N GLY B 235 -12.87 -19.19 2.63
CA GLY B 235 -12.19 -18.00 2.16
C GLY B 235 -11.88 -16.90 3.16
N ALA B 236 -11.80 -17.23 4.45
CA ALA B 236 -11.51 -16.23 5.47
C ALA B 236 -10.01 -15.99 5.49
N ILE B 237 -9.49 -15.49 4.40
CA ILE B 237 -8.06 -15.26 4.28
C ILE B 237 -7.65 -13.78 4.34
N PRO B 238 -6.40 -13.49 4.71
CA PRO B 238 -5.92 -12.12 4.78
C PRO B 238 -5.55 -11.71 3.39
N SER B 239 -5.31 -10.43 3.21
CA SER B 239 -4.94 -9.87 1.94
C SER B 239 -3.40 -9.87 1.76
N PRO B 240 -2.92 -10.04 0.52
CA PRO B 240 -1.48 -10.06 0.26
C PRO B 240 -0.69 -8.91 0.88
N PHE B 241 -1.31 -7.74 1.02
CA PHE B 241 -0.68 -6.55 1.61
C PHE B 241 -0.53 -6.83 3.09
N ASP B 242 -1.66 -7.05 3.76
CA ASP B 242 -1.69 -7.33 5.18
C ASP B 242 -0.70 -8.39 5.60
N ALA B 243 -0.47 -9.33 4.69
CA ALA B 243 0.46 -10.44 4.90
C ALA B 243 1.91 -9.93 4.82
N TRP B 244 2.21 -9.18 3.76
CA TRP B 244 3.54 -8.62 3.55
C TRP B 244 3.91 -7.68 4.69
N LEU B 245 2.98 -6.79 5.06
CA LEU B 245 3.21 -5.83 6.13
C LEU B 245 3.47 -6.59 7.46
N THR B 246 2.75 -7.69 7.67
CA THR B 246 2.96 -8.47 8.87
C THR B 246 4.35 -9.08 8.81
N HIS B 247 4.69 -9.65 7.66
CA HIS B 247 5.99 -10.30 7.43
C HIS B 247 7.12 -9.32 7.71
N ARG B 248 6.98 -8.11 7.20
CA ARG B 248 7.95 -7.07 7.43
C ARG B 248 8.12 -6.85 8.94
N GLY B 249 6.99 -6.79 9.62
CA GLY B 249 6.98 -6.56 11.06
C GLY B 249 7.53 -7.66 11.92
N LEU B 250 7.51 -8.88 11.42
CA LEU B 250 8.06 -9.97 12.22
C LEU B 250 9.61 -9.94 12.24
N LYS B 251 10.22 -9.36 11.20
CA LYS B 251 11.68 -9.29 11.05
C LYS B 251 12.45 -8.67 12.23
N THR B 252 11.74 -7.99 13.13
CA THR B 252 12.36 -7.39 14.30
C THR B 252 11.68 -7.93 15.55
N LEU B 253 10.92 -9.01 15.40
CA LEU B 253 10.23 -9.61 16.52
C LEU B 253 11.19 -9.96 17.63
N HIS B 254 12.35 -10.50 17.30
CA HIS B 254 13.27 -10.89 18.35
C HIS B 254 13.82 -9.69 19.12
N LEU B 255 14.13 -8.63 18.37
CA LEU B 255 14.65 -7.42 19.01
C LEU B 255 13.55 -6.77 19.87
N ARG B 256 12.37 -6.62 19.29
CA ARG B 256 11.21 -6.04 19.98
C ARG B 256 10.73 -6.72 21.25
N VAL B 257 10.58 -8.05 21.22
CA VAL B 257 10.12 -8.80 22.40
C VAL B 257 11.23 -8.90 23.46
N ARG B 258 12.45 -9.23 23.04
CA ARG B 258 13.57 -9.31 23.99
C ARG B 258 13.62 -8.05 24.85
N GLN B 259 13.46 -6.91 24.22
CA GLN B 259 13.48 -5.63 24.90
C GLN B 259 12.31 -5.54 25.84
N ALA B 260 11.12 -5.58 25.26
CA ALA B 260 9.90 -5.45 26.03
C ALA B 260 9.90 -6.35 27.21
N ALA B 261 10.60 -7.48 27.12
CA ALA B 261 10.67 -8.43 28.24
C ALA B 261 11.57 -7.94 29.37
N LEU B 262 12.82 -7.58 29.04
CA LEU B 262 13.78 -7.08 30.04
C LEU B 262 13.19 -5.87 30.76
N SER B 263 12.46 -5.05 30.02
CA SER B 263 11.81 -3.90 30.62
C SER B 263 10.72 -4.38 31.56
N ALA B 264 9.88 -5.29 31.06
CA ALA B 264 8.76 -5.82 31.83
C ALA B 264 9.32 -6.45 33.09
N ASN B 265 10.42 -7.17 32.93
CA ASN B 265 11.04 -7.81 34.09
C ASN B 265 11.57 -6.80 35.11
N LYS B 266 12.15 -5.69 34.64
CA LYS B 266 12.69 -4.68 35.54
C LYS B 266 11.59 -3.85 36.21
N ILE B 267 10.42 -3.79 35.59
CA ILE B 267 9.34 -3.04 36.18
C ILE B 267 8.54 -3.93 37.14
N ALA B 268 8.68 -5.24 36.97
CA ALA B 268 7.99 -6.16 37.86
C ALA B 268 8.75 -6.02 39.19
N GLU B 269 9.96 -6.58 39.24
CA GLU B 269 10.78 -6.54 40.43
C GLU B 269 10.70 -5.20 41.17
N PHE B 270 10.56 -4.09 40.46
CA PHE B 270 10.43 -2.84 41.18
C PHE B 270 9.09 -2.95 41.93
N LEU B 271 8.02 -3.13 41.17
CA LEU B 271 6.69 -3.25 41.73
C LEU B 271 6.64 -4.36 42.80
N ALA B 272 7.58 -5.30 42.68
CA ALA B 272 7.66 -6.45 43.58
C ALA B 272 8.55 -6.24 44.77
N ALA B 273 8.82 -4.99 45.10
CA ALA B 273 9.66 -4.68 46.25
C ALA B 273 9.05 -3.51 47.02
N ASP B 274 8.07 -2.86 46.38
CA ASP B 274 7.37 -1.76 47.00
C ASP B 274 6.22 -2.42 47.75
N LYS B 275 6.50 -2.91 48.95
CA LYS B 275 5.49 -3.57 49.77
C LYS B 275 4.41 -2.57 50.13
N GLU B 276 4.76 -1.29 50.04
CA GLU B 276 3.84 -0.21 50.37
C GLU B 276 2.62 -0.07 49.45
N ASN B 277 2.81 0.58 48.31
CA ASN B 277 1.69 0.81 47.41
C ASN B 277 1.35 -0.36 46.48
N VAL B 278 2.15 -1.42 46.52
CA VAL B 278 1.90 -2.58 45.66
C VAL B 278 1.44 -3.85 46.41
N VAL B 279 0.19 -4.24 46.23
CA VAL B 279 -0.35 -5.44 46.88
C VAL B 279 0.34 -6.68 46.28
N ALA B 280 -0.17 -7.16 45.14
CA ALA B 280 0.41 -8.33 44.46
C ALA B 280 0.96 -7.97 43.08
N VAL B 281 1.89 -8.77 42.59
CA VAL B 281 2.43 -8.57 41.24
C VAL B 281 2.42 -9.88 40.46
N ASN B 282 1.98 -9.81 39.19
CA ASN B 282 1.88 -10.99 38.33
C ASN B 282 2.79 -10.90 37.11
N TYR B 283 3.90 -11.61 37.16
CA TYR B 283 4.86 -11.59 36.05
C TYR B 283 5.63 -12.90 36.01
N PRO B 284 5.26 -13.80 35.09
CA PRO B 284 5.91 -15.11 34.93
C PRO B 284 7.44 -15.07 35.02
N GLY B 285 8.00 -13.88 34.90
CA GLY B 285 9.45 -13.71 34.99
C GLY B 285 10.00 -13.61 36.42
N LEU B 286 9.13 -13.44 37.40
CA LEU B 286 9.58 -13.36 38.78
C LEU B 286 9.75 -14.80 39.22
N LYS B 287 10.85 -15.11 39.93
CA LYS B 287 11.05 -16.49 40.40
C LYS B 287 10.04 -16.88 41.47
N THR B 288 9.17 -15.94 41.82
CA THR B 288 8.14 -16.13 42.81
C THR B 288 6.84 -16.40 42.10
N HIS B 289 6.92 -16.77 40.82
CA HIS B 289 5.70 -17.01 40.08
C HIS B 289 5.15 -18.40 40.37
N PRO B 290 3.84 -18.48 40.67
CA PRO B 290 3.14 -19.74 40.97
C PRO B 290 3.61 -20.91 40.14
N ASN B 291 3.84 -20.69 38.84
CA ASN B 291 4.29 -21.74 37.91
C ASN B 291 5.62 -21.39 37.23
N TYR B 292 6.51 -20.75 37.97
CA TYR B 292 7.82 -20.37 37.47
C TYR B 292 8.62 -21.62 37.06
N ASP B 293 8.16 -22.79 37.53
CA ASP B 293 8.82 -24.05 37.20
C ASP B 293 8.55 -24.35 35.72
N VAL B 294 7.36 -23.93 35.29
CA VAL B 294 6.87 -24.12 33.92
C VAL B 294 7.45 -23.06 33.00
N VAL B 295 7.73 -21.90 33.59
CA VAL B 295 8.31 -20.78 32.85
C VAL B 295 9.72 -21.19 32.45
N LEU B 296 10.44 -21.80 33.39
CA LEU B 296 11.79 -22.25 33.10
C LEU B 296 11.86 -23.33 32.03
N LYS B 297 10.80 -24.11 31.89
CA LYS B 297 10.81 -25.20 30.92
C LYS B 297 10.21 -24.84 29.60
N GLN B 298 9.43 -23.76 29.55
CA GLN B 298 8.81 -23.38 28.29
C GLN B 298 9.22 -22.03 27.71
N HIS B 299 9.60 -21.07 28.56
CA HIS B 299 10.00 -19.75 28.06
C HIS B 299 11.49 -19.70 27.74
N ARG B 300 11.81 -19.13 26.60
CA ARG B 300 13.21 -19.00 26.19
C ARG B 300 13.91 -18.07 27.17
N ASP B 301 15.11 -18.47 27.61
CA ASP B 301 15.91 -17.70 28.56
C ASP B 301 15.11 -17.20 29.77
N ALA B 302 13.91 -17.78 29.96
CA ALA B 302 13.00 -17.44 31.07
C ALA B 302 12.40 -16.03 31.00
N LEU B 303 12.20 -15.54 29.78
CA LEU B 303 11.61 -14.22 29.61
C LEU B 303 10.16 -14.23 30.14
N GLY B 304 9.73 -13.14 30.76
CA GLY B 304 8.39 -13.10 31.33
C GLY B 304 7.33 -12.63 30.37
N GLY B 305 7.79 -12.05 29.28
CA GLY B 305 6.87 -11.52 28.29
C GLY B 305 6.76 -10.04 28.60
N GLY B 306 5.88 -9.34 27.90
CA GLY B 306 5.73 -7.91 28.13
C GLY B 306 4.40 -7.54 28.76
N MET B 307 3.88 -8.47 29.54
CA MET B 307 2.61 -8.22 30.18
C MET B 307 2.79 -8.31 31.66
N ILE B 308 2.48 -7.23 32.36
CA ILE B 308 2.58 -7.21 33.81
C ILE B 308 1.18 -6.92 34.31
N SER B 309 0.82 -7.61 35.38
CA SER B 309 -0.48 -7.46 36.00
C SER B 309 -0.18 -7.25 37.46
N PHE B 310 -0.79 -6.22 38.06
CA PHE B 310 -0.58 -5.98 39.48
C PHE B 310 -1.76 -5.24 40.14
N ARG B 311 -1.77 -5.28 41.47
CA ARG B 311 -2.80 -4.63 42.23
C ARG B 311 -2.16 -3.70 43.28
N ILE B 312 -2.43 -2.41 43.13
CA ILE B 312 -1.93 -1.37 44.03
C ILE B 312 -2.60 -1.48 45.39
N LYS B 313 -2.09 -0.71 46.35
CA LYS B 313 -2.63 -0.70 47.70
C LYS B 313 -3.87 0.23 47.82
N GLY B 314 -4.91 -0.06 47.05
CA GLY B 314 -6.12 0.75 47.08
C GLY B 314 -7.23 0.09 46.29
N GLY B 315 -8.10 0.88 45.66
CA GLY B 315 -9.20 0.30 44.90
C GLY B 315 -9.66 1.03 43.65
N ALA B 316 -10.48 0.35 42.86
CA ALA B 316 -11.03 0.86 41.60
C ALA B 316 -10.50 2.21 41.11
N GLU B 317 -10.64 3.22 41.96
CA GLU B 317 -10.18 4.58 41.63
C GLU B 317 -8.70 4.51 41.26
N ALA B 318 -7.88 4.31 42.30
CA ALA B 318 -6.43 4.21 42.20
C ALA B 318 -6.03 3.53 40.91
N ALA B 319 -6.83 2.55 40.50
CA ALA B 319 -6.54 1.82 39.28
C ALA B 319 -6.99 2.66 38.08
N SER B 320 -8.24 3.07 38.10
CA SER B 320 -8.76 3.86 37.00
C SER B 320 -7.88 5.10 36.90
N LYS B 321 -7.37 5.51 38.06
CA LYS B 321 -6.47 6.67 38.21
C LYS B 321 -5.21 6.40 37.40
N PHE B 322 -4.44 5.43 37.88
CA PHE B 322 -3.21 5.00 37.27
C PHE B 322 -3.40 4.97 35.75
N ALA B 323 -4.51 4.37 35.33
CA ALA B 323 -4.80 4.26 33.90
C ALA B 323 -4.86 5.62 33.14
N SER B 324 -4.72 6.72 33.88
CA SER B 324 -4.80 8.06 33.30
C SER B 324 -3.58 8.91 33.63
N SER B 325 -3.30 9.04 34.92
CA SER B 325 -2.16 9.81 35.44
C SER B 325 -0.88 9.52 34.64
N THR B 326 -0.71 8.24 34.27
CA THR B 326 0.42 7.76 33.48
C THR B 326 0.68 8.66 32.29
N ARG B 327 1.95 8.87 31.96
CA ARG B 327 2.28 9.70 30.80
C ARG B 327 2.73 8.84 29.62
N LEU B 328 3.59 7.88 29.93
CA LEU B 328 4.15 6.99 28.93
C LEU B 328 3.23 5.83 28.55
N PHE B 329 2.56 5.22 29.52
CA PHE B 329 1.64 4.11 29.22
C PHE B 329 0.29 4.61 28.65
N THR B 330 0.02 4.32 27.38
CA THR B 330 -1.24 4.75 26.78
C THR B 330 -2.41 3.83 27.11
N LEU B 331 -3.42 4.41 27.78
CA LEU B 331 -4.64 3.73 28.20
C LEU B 331 -5.51 3.41 26.98
N ALA B 332 -5.89 2.14 26.83
CA ALA B 332 -6.71 1.71 25.71
C ALA B 332 -7.05 0.24 25.87
N GLU B 333 -7.02 -0.51 24.76
CA GLU B 333 -7.27 -1.95 24.77
C GLU B 333 -6.10 -2.60 24.05
N SER B 334 -6.30 -3.81 23.53
CA SER B 334 -5.21 -4.51 22.84
C SER B 334 -3.96 -4.51 23.72
N LEU B 335 -2.81 -4.80 23.13
CA LEU B 335 -1.55 -4.85 23.89
C LEU B 335 -0.38 -5.00 22.96
N GLY B 336 0.47 -5.99 23.25
CA GLY B 336 1.64 -6.28 22.45
C GLY B 336 1.91 -5.30 21.33
N GLY B 337 1.73 -4.02 21.64
CA GLY B 337 1.95 -2.99 20.66
C GLY B 337 3.38 -2.53 20.80
N ILE B 338 3.87 -1.85 19.78
CA ILE B 338 5.22 -1.34 19.81
C ILE B 338 5.25 -0.34 20.95
N GLU B 339 4.09 0.23 21.26
CA GLU B 339 4.01 1.24 22.31
C GLU B 339 3.36 0.79 23.61
N SER B 340 3.91 1.26 24.72
CA SER B 340 3.39 0.94 26.06
C SER B 340 1.92 1.29 26.26
N LEU B 341 1.13 0.30 26.68
CA LEU B 341 -0.30 0.48 26.92
C LEU B 341 -0.70 -0.13 28.24
N LEU B 342 -1.84 0.33 28.75
CA LEU B 342 -2.36 -0.18 30.01
C LEU B 342 -3.88 -0.20 29.98
N GLU B 343 -4.45 -1.28 30.49
CA GLU B 343 -5.89 -1.42 30.52
C GLU B 343 -6.34 -2.14 31.77
N VAL B 344 -7.60 -1.94 32.14
CA VAL B 344 -8.18 -2.60 33.31
C VAL B 344 -9.14 -3.63 32.75
N PRO B 345 -8.66 -4.87 32.55
CA PRO B 345 -9.46 -5.97 32.02
C PRO B 345 -10.94 -5.86 32.38
N ALA B 346 -11.17 -5.80 33.70
CA ALA B 346 -12.51 -5.68 34.26
C ALA B 346 -13.42 -4.74 33.45
N VAL B 347 -13.13 -3.44 33.52
CA VAL B 347 -13.94 -2.48 32.77
C VAL B 347 -13.75 -2.69 31.27
N MET B 348 -12.79 -1.98 30.71
CA MET B 348 -12.46 -2.00 29.28
C MET B 348 -12.67 -3.34 28.58
N THR B 349 -12.05 -4.40 29.08
CA THR B 349 -12.26 -5.68 28.42
C THR B 349 -13.51 -6.41 28.95
N HIS B 350 -13.34 -7.18 30.02
CA HIS B 350 -14.39 -7.99 30.65
C HIS B 350 -15.63 -7.24 31.13
N GLY B 351 -16.44 -6.79 30.16
CA GLY B 351 -17.64 -6.04 30.47
C GLY B 351 -18.85 -6.86 30.87
N GLY B 352 -19.60 -7.31 29.86
CA GLY B 352 -20.81 -8.09 30.09
C GLY B 352 -20.63 -9.38 30.88
N ILE B 353 -19.90 -9.29 31.98
CA ILE B 353 -19.65 -10.43 32.84
C ILE B 353 -19.62 -9.88 34.27
N PRO B 354 -20.70 -10.12 35.02
CA PRO B 354 -20.89 -9.70 36.42
C PRO B 354 -19.68 -9.79 37.35
N LYS B 355 -19.57 -8.80 38.24
CA LYS B 355 -18.50 -8.75 39.24
C LYS B 355 -18.42 -10.11 39.91
N GLU B 356 -19.43 -10.93 39.63
CA GLU B 356 -19.49 -12.28 40.18
C GLU B 356 -18.19 -12.99 39.82
N ALA B 357 -18.00 -13.16 38.52
CA ALA B 357 -16.81 -13.82 37.97
C ALA B 357 -15.55 -13.00 38.21
N ARG B 358 -15.68 -11.69 38.00
CA ARG B 358 -14.57 -10.73 38.14
C ARG B 358 -13.98 -10.61 39.54
N GLU B 359 -13.85 -11.75 40.21
CA GLU B 359 -13.29 -11.85 41.55
C GLU B 359 -12.96 -13.32 41.68
N ALA B 360 -13.55 -14.10 40.78
CA ALA B 360 -13.37 -15.54 40.73
C ALA B 360 -12.11 -15.93 39.95
N SER B 361 -12.22 -15.84 38.62
CA SER B 361 -11.13 -16.21 37.71
C SER B 361 -9.81 -15.49 38.06
N GLY B 362 -9.93 -14.42 38.83
CA GLY B 362 -8.76 -13.65 39.22
C GLY B 362 -8.83 -12.22 38.71
N VAL B 363 -9.76 -11.95 37.79
CA VAL B 363 -9.92 -10.61 37.19
C VAL B 363 -10.30 -9.52 38.21
N PHE B 364 -9.50 -9.37 39.27
CA PHE B 364 -9.75 -8.39 40.34
C PHE B 364 -10.14 -7.01 39.84
N ASP B 365 -11.10 -6.40 40.54
CA ASP B 365 -11.62 -5.07 40.17
C ASP B 365 -10.60 -3.95 40.40
N ASP B 366 -9.58 -4.23 41.21
CA ASP B 366 -8.54 -3.25 41.51
C ASP B 366 -7.17 -3.74 41.02
N LEU B 367 -7.16 -4.36 39.84
CA LEU B 367 -5.95 -4.92 39.25
C LEU B 367 -5.56 -4.09 38.02
N VAL B 368 -4.33 -3.58 38.01
CA VAL B 368 -3.84 -2.77 36.88
C VAL B 368 -3.10 -3.64 35.87
N ARG B 369 -3.56 -3.65 34.62
CA ARG B 369 -2.90 -4.44 33.60
C ARG B 369 -2.17 -3.51 32.64
N ILE B 370 -0.89 -3.82 32.43
CA ILE B 370 -0.07 -3.02 31.53
C ILE B 370 0.70 -3.90 30.55
N SER B 371 0.90 -3.36 29.37
CA SER B 371 1.62 -4.02 28.31
C SER B 371 2.87 -3.17 28.12
N VAL B 372 4.05 -3.78 28.19
CA VAL B 372 5.31 -3.03 28.02
C VAL B 372 5.76 -2.85 26.55
N GLY B 373 5.86 -1.60 26.12
CA GLY B 373 6.31 -1.27 24.78
C GLY B 373 7.84 -1.16 24.65
N ILE B 374 8.33 -0.56 23.59
CA ILE B 374 9.79 -0.49 23.45
C ILE B 374 10.38 0.90 23.68
N GLU B 375 9.81 1.63 24.63
CA GLU B 375 10.34 2.94 24.96
C GLU B 375 11.51 2.66 25.90
N ASP B 376 12.29 3.68 26.28
CA ASP B 376 13.41 3.44 27.16
C ASP B 376 12.98 2.83 28.49
N THR B 377 13.74 1.86 28.99
CA THR B 377 13.39 1.21 30.26
C THR B 377 13.18 2.18 31.42
N ASP B 378 14.22 2.97 31.75
CA ASP B 378 14.12 3.94 32.86
C ASP B 378 13.06 4.96 32.65
N ASP B 379 12.80 5.33 31.40
CA ASP B 379 11.73 6.28 31.17
C ASP B 379 10.42 5.65 31.66
N LEU B 380 10.27 4.35 31.38
CA LEU B 380 9.05 3.67 31.79
C LEU B 380 9.04 3.35 33.28
N LEU B 381 10.09 2.69 33.77
CA LEU B 381 10.18 2.39 35.19
C LEU B 381 9.88 3.65 36.01
N GLU B 382 10.65 4.71 35.72
CA GLU B 382 10.49 6.00 36.37
C GLU B 382 9.06 6.52 36.25
N ASP B 383 8.39 6.19 35.15
CA ASP B 383 7.01 6.63 34.93
C ASP B 383 6.00 5.88 35.79
N ILE B 384 6.17 4.57 35.94
CA ILE B 384 5.23 3.80 36.74
C ILE B 384 5.21 4.46 38.12
N LYS B 385 6.40 4.73 38.65
CA LYS B 385 6.52 5.37 39.97
C LYS B 385 5.72 6.67 39.95
N GLN B 386 6.14 7.58 39.09
CA GLN B 386 5.49 8.87 38.92
C GLN B 386 3.97 8.70 38.87
N ALA B 387 3.51 7.49 38.59
CA ALA B 387 2.08 7.22 38.48
C ALA B 387 1.46 6.72 39.77
N LEU B 388 2.18 5.83 40.47
CA LEU B 388 1.71 5.27 41.72
C LEU B 388 1.23 6.37 42.69
N LYS B 389 2.06 7.38 42.87
CA LYS B 389 1.74 8.48 43.77
C LYS B 389 0.45 9.24 43.37
N GLN B 390 0.39 9.69 42.13
CA GLN B 390 -0.81 10.38 41.63
C GLN B 390 -2.05 9.62 42.15
N ALA B 391 -2.12 8.34 41.80
CA ALA B 391 -3.20 7.46 42.18
C ALA B 391 -3.37 7.49 43.69
N THR B 392 -2.25 7.36 44.39
CA THR B 392 -2.29 7.39 45.84
C THR B 392 -3.01 8.67 46.28
N ASN B 393 -2.44 9.80 45.92
CA ASN B 393 -3.02 11.11 46.27
C ASN B 393 -4.36 11.38 45.59
N THR C 1 0.13 10.13 24.75
CA THR C 1 1.55 10.41 25.12
C THR C 1 2.01 11.85 24.82
N LEU C 2 3.01 12.31 25.56
CA LEU C 2 3.56 13.64 25.38
C LEU C 2 4.96 13.69 25.94
N GLN C 3 5.96 13.57 25.07
CA GLN C 3 7.34 13.57 25.51
C GLN C 3 7.69 14.80 26.33
N GLU C 4 8.75 14.68 27.11
CA GLU C 4 9.20 15.77 27.95
C GLU C 4 10.66 15.50 28.29
N SER C 5 11.50 15.39 27.25
CA SER C 5 12.93 15.14 27.44
C SER C 5 13.17 13.76 28.01
N ASP C 6 12.54 12.80 27.36
CA ASP C 6 12.65 11.39 27.68
C ASP C 6 13.87 10.87 26.94
N LYS C 7 14.00 9.56 26.91
CA LYS C 7 15.11 8.96 26.21
C LYS C 7 14.84 8.82 24.70
N PHE C 8 15.90 8.43 23.98
CA PHE C 8 15.81 8.25 22.54
C PHE C 8 14.73 7.24 22.18
N ALA C 9 14.74 6.10 22.85
CA ALA C 9 13.75 5.07 22.57
C ALA C 9 12.34 5.62 22.77
N THR C 10 12.10 6.24 23.91
CA THR C 10 10.77 6.81 24.16
C THR C 10 10.38 7.76 23.03
N LYS C 11 11.33 8.56 22.55
CA LYS C 11 11.07 9.52 21.47
C LYS C 11 10.78 8.89 20.11
N ALA C 12 11.49 7.82 19.79
CA ALA C 12 11.25 7.11 18.54
C ALA C 12 9.78 6.65 18.59
N ILE C 13 9.37 6.01 19.65
CA ILE C 13 7.97 5.56 19.77
C ILE C 13 6.82 6.59 19.79
N HIS C 14 7.07 7.84 20.13
CA HIS C 14 5.97 8.80 20.23
C HIS C 14 6.22 10.15 19.59
N ALA C 15 7.46 10.44 19.22
CA ALA C 15 7.70 11.74 18.61
C ALA C 15 6.90 11.72 17.32
N GLY C 16 6.35 12.87 16.96
CA GLY C 16 5.57 12.96 15.73
C GLY C 16 4.24 12.21 15.77
N GLU C 17 3.65 12.14 16.96
CA GLU C 17 2.37 11.49 17.16
C GLU C 17 1.43 12.23 16.21
N HIS C 18 0.23 11.69 15.99
CA HIS C 18 -0.72 12.29 15.06
C HIS C 18 -2.06 12.70 15.66
N VAL C 19 -2.85 13.43 14.88
CA VAL C 19 -4.18 13.92 15.28
C VAL C 19 -5.37 13.21 14.58
N ASP C 20 -6.13 12.41 15.35
CA ASP C 20 -7.28 11.67 14.80
C ASP C 20 -8.48 11.75 15.72
N VAL C 21 -9.62 12.20 15.20
CA VAL C 21 -10.84 12.31 15.98
C VAL C 21 -11.29 10.93 16.48
N HIS C 22 -11.24 9.97 15.56
CA HIS C 22 -11.63 8.62 15.84
C HIS C 22 -10.86 8.10 17.05
N GLY C 23 -9.57 8.45 17.14
CA GLY C 23 -8.78 8.00 18.27
C GLY C 23 -7.79 6.89 17.94
N SER C 24 -7.43 6.84 16.66
CA SER C 24 -6.50 5.85 16.12
C SER C 24 -5.12 5.83 16.79
N VAL C 25 -4.82 4.82 17.60
CA VAL C 25 -3.49 4.75 18.22
C VAL C 25 -2.48 4.74 17.07
N ILE C 26 -2.93 4.22 15.92
CA ILE C 26 -2.06 4.14 14.77
C ILE C 26 -2.46 5.16 13.73
N GLU C 27 -1.44 5.80 13.16
CA GLU C 27 -1.64 6.81 12.15
C GLU C 27 -2.16 6.19 10.87
N PRO C 28 -3.18 6.83 10.25
CA PRO C 28 -3.77 6.35 9.00
C PRO C 28 -2.90 6.85 7.86
N ILE C 29 -3.19 6.41 6.65
CA ILE C 29 -2.41 6.82 5.50
C ILE C 29 -3.25 7.81 4.74
N SER C 30 -2.89 9.08 4.85
CA SER C 30 -3.62 10.13 4.17
C SER C 30 -2.89 10.39 2.87
N LEU C 31 -3.58 10.12 1.76
CA LEU C 31 -3.05 10.30 0.42
C LEU C 31 -3.85 11.40 -0.25
N SER C 32 -4.86 11.89 0.47
CA SER C 32 -5.73 12.96 -0.03
C SER C 32 -4.90 14.11 -0.59
N THR C 33 -5.25 14.53 -1.81
CA THR C 33 -4.59 15.64 -2.50
C THR C 33 -4.98 16.94 -1.82
N THR C 34 -6.29 17.15 -1.76
CA THR C 34 -6.88 18.34 -1.20
C THR C 34 -7.77 18.12 0.00
N PHE C 35 -8.11 19.22 0.66
CA PHE C 35 -8.96 19.18 1.82
C PHE C 35 -10.07 20.23 1.72
N LYS C 36 -11.25 19.89 2.24
CA LYS C 36 -12.37 20.81 2.24
C LYS C 36 -12.04 21.97 3.16
N GLN C 37 -12.77 23.07 2.98
CA GLN C 37 -12.52 24.26 3.78
C GLN C 37 -13.78 24.93 4.32
N SER C 38 -13.61 25.58 5.47
CA SER C 38 -14.68 26.32 6.15
C SER C 38 -15.15 27.48 5.27
N SER C 39 -14.20 28.32 4.87
CA SER C 39 -14.48 29.44 3.99
C SER C 39 -13.44 29.39 2.86
N PRO C 40 -13.84 29.72 1.63
CA PRO C 40 -12.89 29.69 0.52
C PRO C 40 -11.49 30.03 0.99
N ALA C 41 -11.37 31.15 1.72
CA ALA C 41 -10.06 31.59 2.22
C ALA C 41 -9.28 30.53 3.00
N ASN C 42 -9.87 29.94 4.04
CA ASN C 42 -9.13 28.96 4.83
C ASN C 42 -9.85 27.68 5.27
N PRO C 43 -9.20 26.52 5.04
CA PRO C 43 -9.57 25.13 5.32
C PRO C 43 -10.44 24.78 6.53
N ILE C 44 -10.80 23.49 6.56
CA ILE C 44 -11.61 22.90 7.62
C ILE C 44 -10.66 22.03 8.44
N GLY C 45 -9.38 22.41 8.40
CA GLY C 45 -8.33 21.70 9.13
C GLY C 45 -7.01 22.16 8.53
N THR C 46 -6.04 22.43 9.39
CA THR C 46 -4.69 22.91 9.02
C THR C 46 -4.07 22.48 7.67
N TYR C 47 -4.67 21.51 6.99
CA TYR C 47 -4.17 21.04 5.70
C TYR C 47 -4.97 21.52 4.49
N GLU C 48 -4.28 22.13 3.53
CA GLU C 48 -4.92 22.66 2.33
C GLU C 48 -4.59 21.82 1.10
N TYR C 49 -3.31 21.54 0.89
CA TYR C 49 -2.88 20.75 -0.27
C TYR C 49 -1.71 19.81 0.10
N SER C 50 -1.86 18.53 -0.28
CA SER C 50 -0.86 17.49 -0.02
C SER C 50 0.61 17.95 -0.09
N ARG C 51 1.13 18.18 -1.31
CA ARG C 51 2.50 18.62 -1.51
C ARG C 51 2.91 19.76 -0.54
N SER C 52 2.04 20.75 -0.37
CA SER C 52 2.35 21.84 0.54
C SER C 52 2.63 21.26 1.91
N GLN C 53 1.95 20.14 2.20
CA GLN C 53 2.07 19.43 3.49
C GLN C 53 0.91 18.45 3.69
N ASN C 54 1.26 17.27 4.19
CA ASN C 54 0.28 16.24 4.49
C ASN C 54 0.70 15.66 5.82
N PRO C 55 -0.26 15.08 6.56
CA PRO C 55 0.05 14.50 7.86
C PRO C 55 1.18 13.46 7.97
N ASN C 56 1.30 12.55 7.01
CA ASN C 56 2.33 11.51 7.08
C ASN C 56 3.72 12.09 6.96
N ARG C 57 3.91 12.97 6.01
CA ARG C 57 5.23 13.56 5.85
C ARG C 57 5.50 14.35 7.12
N GLU C 58 4.74 15.42 7.33
CA GLU C 58 4.84 16.29 8.50
C GLU C 58 5.19 15.53 9.75
N ASN C 59 4.44 14.45 10.02
CA ASN C 59 4.70 13.64 11.20
C ASN C 59 6.01 12.91 11.18
N LEU C 60 6.43 12.42 10.01
CA LEU C 60 7.72 11.71 9.91
C LEU C 60 8.80 12.70 10.12
N GLU C 61 8.55 13.93 9.66
CA GLU C 61 9.47 15.05 9.82
C GLU C 61 9.61 15.45 11.29
N ARG C 62 8.49 15.65 12.00
CA ARG C 62 8.58 15.98 13.41
C ARG C 62 9.33 14.91 14.13
N ALA C 63 9.12 13.66 13.75
CA ALA C 63 9.81 12.57 14.42
C ALA C 63 11.33 12.57 14.20
N VAL C 64 11.78 12.79 12.96
CA VAL C 64 13.22 12.78 12.64
C VAL C 64 13.97 13.94 13.27
N ALA C 65 13.31 15.08 13.39
CA ALA C 65 13.89 16.26 14.05
C ALA C 65 14.17 15.89 15.51
N ALA C 66 13.12 15.51 16.23
CA ALA C 66 13.31 15.11 17.61
C ALA C 66 14.44 14.11 17.70
N LEU C 67 14.33 12.97 17.02
CA LEU C 67 15.37 11.95 17.14
C LEU C 67 16.71 12.53 16.87
N GLU C 68 16.75 13.55 16.05
CA GLU C 68 18.01 14.20 15.70
C GLU C 68 18.33 15.41 16.63
N ASN C 69 17.52 15.56 17.68
CA ASN C 69 17.67 16.66 18.66
C ASN C 69 17.72 17.97 17.93
N ALA C 70 16.75 18.15 17.04
CA ALA C 70 16.64 19.33 16.18
C ALA C 70 15.22 19.88 16.22
N GLN C 71 15.08 21.18 16.03
CA GLN C 71 13.78 21.85 16.06
C GLN C 71 13.01 21.64 14.78
N TYR C 72 13.72 21.41 13.68
CA TYR C 72 13.09 21.24 12.37
C TYR C 72 13.50 20.04 11.50
N GLY C 73 12.59 19.66 10.60
CA GLY C 73 12.82 18.56 9.68
C GLY C 73 12.02 18.67 8.40
N LEU C 74 12.59 18.12 7.32
CA LEU C 74 11.97 18.10 5.98
C LEU C 74 12.29 16.79 5.24
N ALA C 75 11.27 16.10 4.76
CA ALA C 75 11.45 14.87 4.01
C ALA C 75 11.36 15.17 2.51
N PHE C 76 12.14 14.47 1.71
CA PHE C 76 12.13 14.64 0.26
C PHE C 76 12.09 13.29 -0.46
N SER C 77 12.06 13.36 -1.79
CA SER C 77 12.00 12.19 -2.67
C SER C 77 13.11 11.22 -2.38
N SER C 78 14.28 11.74 -2.06
CA SER C 78 15.43 10.88 -1.77
C SER C 78 16.45 11.62 -0.97
N GLY C 79 17.62 11.01 -0.82
CA GLY C 79 18.72 11.66 -0.13
C GLY C 79 19.29 12.63 -1.16
N SER C 80 19.29 12.19 -2.41
CA SER C 80 19.79 13.01 -3.48
C SER C 80 18.99 14.29 -3.66
N ALA C 81 17.67 14.21 -3.59
CA ALA C 81 16.89 15.44 -3.72
C ALA C 81 17.08 16.34 -2.51
N THR C 82 17.47 15.77 -1.37
CA THR C 82 17.70 16.54 -0.14
C THR C 82 18.99 17.35 -0.19
N THR C 83 20.05 16.71 -0.69
CA THR C 83 21.35 17.31 -0.88
C THR C 83 21.15 18.40 -1.91
N ALA C 84 20.34 18.08 -2.91
CA ALA C 84 20.05 18.95 -4.02
C ALA C 84 19.19 20.17 -3.68
N THR C 85 18.35 20.11 -2.66
CA THR C 85 17.55 21.27 -2.31
C THR C 85 18.51 22.21 -1.61
N ILE C 86 19.45 21.58 -0.89
CA ILE C 86 20.46 22.32 -0.18
C ILE C 86 21.32 23.09 -1.19
N LEU C 87 21.89 22.40 -2.17
CA LEU C 87 22.74 23.10 -3.14
C LEU C 87 22.05 24.20 -3.92
N GLN C 88 20.77 24.04 -4.22
CA GLN C 88 20.04 25.07 -4.98
C GLN C 88 19.50 26.16 -4.07
N SER C 89 19.80 26.05 -2.78
CA SER C 89 19.35 27.08 -1.86
C SER C 89 20.50 28.07 -1.78
N LEU C 90 21.64 27.66 -2.32
CA LEU C 90 22.85 28.48 -2.32
C LEU C 90 22.76 29.65 -3.29
N PRO C 91 23.33 30.80 -2.92
CA PRO C 91 23.27 31.95 -3.83
C PRO C 91 23.93 31.56 -5.17
N GLN C 92 23.39 32.09 -6.27
CA GLN C 92 23.92 31.79 -7.59
C GLN C 92 25.43 31.94 -7.64
N GLY C 93 26.08 30.97 -8.31
CA GLY C 93 27.53 30.98 -8.43
C GLY C 93 28.25 31.00 -7.08
N SER C 94 28.21 29.88 -6.35
CA SER C 94 28.86 29.75 -5.03
C SER C 94 29.86 28.62 -5.06
N HIS C 95 30.51 28.41 -3.92
CA HIS C 95 31.51 27.34 -3.81
C HIS C 95 31.25 26.55 -2.53
N ALA C 96 31.54 25.25 -2.58
CA ALA C 96 31.33 24.39 -1.43
C ALA C 96 32.51 23.44 -1.30
N VAL C 97 32.79 23.01 -0.07
CA VAL C 97 33.90 22.11 0.20
C VAL C 97 33.34 20.82 0.81
N SER C 98 33.91 19.67 0.43
CA SER C 98 33.46 18.39 0.96
C SER C 98 34.56 17.34 1.05
N ILE C 99 34.42 16.41 1.99
CA ILE C 99 35.41 15.35 2.14
C ILE C 99 35.49 14.59 0.82
N GLY C 100 36.66 14.04 0.54
CA GLY C 100 36.84 13.31 -0.70
C GLY C 100 36.01 12.05 -0.67
N ASP C 101 36.30 11.18 0.29
CA ASP C 101 35.59 9.91 0.43
C ASP C 101 34.06 10.08 0.47
N VAL C 102 33.49 10.47 -0.66
CA VAL C 102 32.05 10.70 -0.75
C VAL C 102 31.35 9.91 -1.85
N TYR C 103 30.03 9.77 -1.70
CA TYR C 103 29.19 9.08 -2.67
C TYR C 103 29.31 9.96 -3.92
N GLY C 104 29.07 9.39 -5.11
CA GLY C 104 29.13 10.18 -6.33
C GLY C 104 28.06 11.27 -6.30
N GLY C 105 27.22 11.17 -5.26
CA GLY C 105 26.13 12.11 -5.06
C GLY C 105 26.57 13.56 -5.20
N THR C 106 27.53 13.97 -4.37
CA THR C 106 28.03 15.36 -4.42
C THR C 106 28.45 15.59 -5.86
N HIS C 107 29.34 14.73 -6.34
CA HIS C 107 29.84 14.79 -7.70
C HIS C 107 28.66 15.22 -8.55
N ARG C 108 27.67 14.34 -8.61
CA ARG C 108 26.44 14.56 -9.37
C ARG C 108 25.73 15.87 -9.02
N TYR C 109 24.92 15.79 -7.96
CA TYR C 109 24.14 16.93 -7.48
C TYR C 109 24.91 18.24 -7.58
N PHE C 110 25.96 18.35 -6.76
CA PHE C 110 26.83 19.55 -6.70
C PHE C 110 27.01 20.20 -8.06
N THR C 111 27.24 19.35 -9.06
CA THR C 111 27.46 19.75 -10.43
C THR C 111 26.17 20.09 -11.19
N LYS C 112 25.18 19.21 -11.13
CA LYS C 112 23.93 19.48 -11.82
C LYS C 112 23.36 20.86 -11.45
N VAL C 113 22.94 21.01 -10.19
CA VAL C 113 22.37 22.29 -9.77
C VAL C 113 23.35 23.44 -10.03
N ALA C 114 24.58 23.04 -10.31
CA ALA C 114 25.65 23.95 -10.66
C ALA C 114 25.55 23.94 -12.19
N ASN C 115 24.31 24.04 -12.68
CA ASN C 115 23.99 24.05 -14.12
C ASN C 115 25.11 24.65 -14.93
N ALA C 116 25.71 23.82 -15.78
CA ALA C 116 26.84 24.20 -16.64
C ALA C 116 28.11 24.37 -15.82
N HIS C 117 28.09 25.27 -14.83
CA HIS C 117 29.25 25.52 -13.97
C HIS C 117 28.87 26.24 -12.68
N GLY C 118 27.55 26.40 -12.47
CA GLY C 118 26.98 27.08 -11.30
C GLY C 118 27.57 27.04 -9.89
N VAL C 119 27.41 25.92 -9.19
CA VAL C 119 27.95 25.80 -7.84
C VAL C 119 29.31 25.13 -7.83
N GLU C 120 30.34 25.93 -7.60
CA GLU C 120 31.69 25.41 -7.55
C GLU C 120 31.78 24.24 -6.58
N THR C 121 32.87 23.49 -6.68
CA THR C 121 33.09 22.34 -5.82
C THR C 121 34.56 21.98 -5.78
N SER C 122 35.13 21.95 -4.57
CA SER C 122 36.53 21.57 -4.41
C SER C 122 36.60 20.40 -3.42
N PHE C 123 36.67 19.19 -3.96
CA PHE C 123 36.73 17.98 -3.13
C PHE C 123 38.03 17.99 -2.39
N THR C 124 37.99 17.55 -1.15
CA THR C 124 39.20 17.53 -0.33
C THR C 124 39.19 16.44 0.71
N ASN C 125 40.25 15.65 0.72
CA ASN C 125 40.38 14.59 1.70
C ASN C 125 41.07 15.31 2.86
N ASP C 126 41.11 14.68 4.03
CA ASP C 126 41.71 15.30 5.21
C ASP C 126 41.15 16.73 5.32
N LEU C 127 39.97 16.84 5.90
CA LEU C 127 39.30 18.13 6.04
C LEU C 127 39.96 19.18 6.90
N LEU C 128 40.42 18.80 8.09
CA LEU C 128 41.02 19.76 9.02
C LEU C 128 42.32 20.48 8.61
N ASN C 129 43.01 19.98 7.58
CA ASN C 129 44.26 20.59 7.13
C ASN C 129 44.22 21.45 5.85
N ASP C 130 43.26 21.18 4.96
CA ASP C 130 43.19 21.96 3.73
C ASP C 130 41.99 22.89 3.71
N LEU C 131 41.12 22.78 4.71
CA LEU C 131 39.93 23.64 4.76
C LEU C 131 40.25 25.13 4.80
N PRO C 132 41.29 25.54 5.53
CA PRO C 132 41.65 26.97 5.60
C PRO C 132 42.13 27.51 4.23
N GLN C 133 43.03 26.76 3.60
CA GLN C 133 43.56 27.12 2.28
C GLN C 133 42.45 27.10 1.24
N LEU C 134 41.41 26.31 1.49
CA LEU C 134 40.30 26.17 0.56
C LEU C 134 39.05 26.95 0.94
N ILE C 135 38.82 27.14 2.24
CA ILE C 135 37.60 27.80 2.71
C ILE C 135 37.02 28.91 1.87
N LYS C 136 37.78 29.49 0.96
CA LYS C 136 37.19 30.48 0.09
C LYS C 136 37.52 30.10 -1.33
N GLU C 137 36.93 30.84 -2.27
CA GLU C 137 37.05 30.60 -3.71
C GLU C 137 35.58 30.65 -4.09
N ASN C 138 34.82 31.29 -3.19
CA ASN C 138 33.40 31.47 -3.34
C ASN C 138 32.56 30.58 -2.39
N THR C 139 33.24 29.80 -1.52
CA THR C 139 32.56 28.87 -0.61
C THR C 139 31.45 29.41 0.28
N LYS C 140 30.42 28.57 0.45
CA LYS C 140 29.22 28.86 1.23
C LYS C 140 28.68 27.57 1.84
N LEU C 141 29.29 26.45 1.47
CA LEU C 141 28.88 25.16 1.98
C LEU C 141 30.07 24.29 2.40
N VAL C 142 29.92 23.58 3.52
CA VAL C 142 30.95 22.67 3.97
C VAL C 142 30.21 21.38 4.21
N TRP C 143 30.52 20.37 3.38
CA TRP C 143 29.89 19.07 3.42
C TRP C 143 30.77 17.96 3.99
N ILE C 144 30.39 17.49 5.17
CA ILE C 144 31.09 16.43 5.84
C ILE C 144 30.21 15.22 5.91
N GLU C 145 30.79 14.08 5.53
CA GLU C 145 30.14 12.77 5.55
C GLU C 145 30.94 12.06 6.64
N THR C 146 30.60 12.34 7.89
CA THR C 146 31.32 11.79 9.01
C THR C 146 31.96 10.44 8.77
N PRO C 147 31.22 9.32 8.85
CA PRO C 147 32.13 8.22 8.55
C PRO C 147 32.17 8.01 7.04
N THR C 148 33.35 8.20 6.44
CA THR C 148 33.50 8.04 4.99
C THR C 148 33.23 6.62 4.51
N ASN C 149 32.79 6.53 3.26
CA ASN C 149 32.46 5.25 2.68
C ASN C 149 33.45 4.94 1.56
N PRO C 150 34.16 3.79 1.66
CA PRO C 150 34.14 2.76 2.70
C PRO C 150 35.24 2.80 3.80
N THR C 151 36.26 3.65 3.60
CA THR C 151 37.39 3.78 4.54
C THR C 151 36.96 3.87 6.00
N LEU C 152 35.90 4.63 6.25
CA LEU C 152 35.34 4.81 7.58
C LEU C 152 36.14 5.82 8.43
N LYS C 153 36.61 6.87 7.76
CA LYS C 153 37.38 7.93 8.40
C LYS C 153 36.49 8.92 9.14
N VAL C 154 36.51 8.87 10.47
CA VAL C 154 35.70 9.79 11.27
C VAL C 154 36.31 11.17 11.24
N THR C 155 35.47 12.19 11.29
CA THR C 155 35.89 13.58 11.26
C THR C 155 35.36 14.32 12.47
N ASP C 156 36.11 15.28 12.97
CA ASP C 156 35.67 16.05 14.13
C ASP C 156 34.74 17.19 13.67
N ILE C 157 33.45 16.98 13.84
CA ILE C 157 32.46 17.97 13.45
C ILE C 157 32.69 19.33 14.13
N GLN C 158 33.18 19.31 15.36
CA GLN C 158 33.45 20.55 16.12
C GLN C 158 34.66 21.32 15.62
N LYS C 159 35.76 20.60 15.42
CA LYS C 159 36.98 21.22 14.92
C LYS C 159 36.70 21.89 13.57
N VAL C 160 35.82 21.28 12.78
CA VAL C 160 35.48 21.82 11.49
C VAL C 160 34.60 23.04 11.69
N ALA C 161 33.55 22.88 12.49
CA ALA C 161 32.65 24.01 12.74
C ALA C 161 33.43 25.24 13.16
N ASP C 162 34.42 25.05 14.05
CA ASP C 162 35.25 26.17 14.54
C ASP C 162 36.12 26.70 13.42
N LEU C 163 36.97 25.83 12.88
CA LEU C 163 37.87 26.18 11.79
C LEU C 163 37.17 27.02 10.73
N ILE C 164 35.84 26.93 10.66
CA ILE C 164 35.08 27.71 9.70
C ILE C 164 34.89 29.11 10.26
N LYS C 165 34.25 29.20 11.42
CA LYS C 165 34.01 30.50 12.06
C LYS C 165 35.29 31.32 11.99
N LYS C 166 36.43 30.62 12.01
CA LYS C 166 37.74 31.26 11.96
C LYS C 166 38.12 31.74 10.55
N HIS C 167 38.34 30.78 9.64
CA HIS C 167 38.76 31.13 8.30
C HIS C 167 37.70 31.69 7.37
N ALA C 168 36.53 32.03 7.90
CA ALA C 168 35.47 32.59 7.05
C ALA C 168 34.30 33.19 7.79
N ALA C 169 34.55 33.77 8.96
CA ALA C 169 33.50 34.41 9.74
C ALA C 169 32.85 35.52 8.90
N GLY C 170 31.56 35.79 9.15
CA GLY C 170 30.85 36.83 8.43
C GLY C 170 30.24 36.48 7.07
N GLN C 171 30.53 35.29 6.55
CA GLN C 171 30.00 34.93 5.24
C GLN C 171 29.02 33.74 5.19
N ASP C 172 28.26 33.55 6.25
CA ASP C 172 27.25 32.50 6.30
C ASP C 172 27.59 31.11 5.79
N VAL C 173 28.80 30.63 6.05
CA VAL C 173 29.19 29.29 5.61
C VAL C 173 28.54 28.19 6.44
N ILE C 174 27.48 27.58 5.92
CA ILE C 174 26.80 26.51 6.66
C ILE C 174 27.50 25.15 6.57
N LEU C 175 27.47 24.44 7.68
CA LEU C 175 28.08 23.12 7.77
C LEU C 175 26.98 22.05 7.74
N VAL C 176 27.18 21.09 6.84
CA VAL C 176 26.23 20.01 6.67
C VAL C 176 26.90 18.70 6.95
N VAL C 177 26.26 17.89 7.77
CA VAL C 177 26.82 16.57 8.05
C VAL C 177 25.87 15.47 7.60
N ASP C 178 26.42 14.52 6.84
CA ASP C 178 25.66 13.37 6.36
C ASP C 178 25.77 12.38 7.47
N ASN C 179 24.67 12.10 8.15
CA ASN C 179 24.63 11.17 9.29
C ASN C 179 23.90 9.84 8.99
N THR C 180 23.83 9.46 7.71
CA THR C 180 23.15 8.23 7.25
C THR C 180 23.66 6.91 7.82
N PHE C 181 24.98 6.72 7.80
CA PHE C 181 25.66 5.51 8.26
C PHE C 181 25.62 5.22 9.76
N LEU C 182 25.55 6.27 10.57
CA LEU C 182 25.47 6.01 12.00
C LEU C 182 24.02 6.01 12.37
N SER C 183 23.30 7.07 11.97
CA SER C 183 21.87 7.21 12.21
C SER C 183 21.66 7.98 13.46
N PRO C 184 20.52 8.68 13.57
CA PRO C 184 20.18 9.49 14.76
C PRO C 184 20.54 8.84 16.10
N TYR C 185 20.36 7.52 16.22
CA TYR C 185 20.67 6.85 17.47
C TYR C 185 22.11 6.99 17.91
N ILE C 186 23.03 6.60 17.04
CA ILE C 186 24.45 6.65 17.35
C ILE C 186 24.99 8.05 17.49
N SER C 187 24.52 8.97 16.66
CA SER C 187 25.06 10.32 16.75
C SER C 187 24.12 11.43 16.33
N ASN C 188 24.45 12.65 16.75
CA ASN C 188 23.67 13.85 16.45
C ASN C 188 24.63 14.98 16.12
N PRO C 189 24.94 15.20 14.83
CA PRO C 189 25.85 16.25 14.36
C PRO C 189 25.50 17.67 14.82
N LEU C 190 24.21 17.97 14.98
CA LEU C 190 23.83 19.31 15.44
C LEU C 190 24.46 19.61 16.79
N ASN C 191 24.62 18.59 17.62
CA ASN C 191 25.22 18.76 18.94
C ASN C 191 26.73 18.98 18.84
N PHE C 192 27.18 19.40 17.67
CA PHE C 192 28.61 19.60 17.47
C PHE C 192 28.83 20.73 16.47
N GLY C 193 27.91 21.69 16.49
CA GLY C 193 28.03 22.81 15.60
C GLY C 193 28.01 22.27 14.20
N ALA C 194 26.80 22.06 13.73
CA ALA C 194 26.51 21.58 12.40
C ALA C 194 25.24 22.36 12.16
N ASP C 195 25.07 22.86 10.96
CA ASP C 195 23.91 23.64 10.63
C ASP C 195 22.77 22.75 10.14
N ILE C 196 23.10 21.72 9.38
CA ILE C 196 22.11 20.77 8.85
C ILE C 196 22.65 19.32 8.91
N VAL C 197 21.77 18.41 9.35
CA VAL C 197 22.02 16.96 9.43
C VAL C 197 21.17 16.37 8.31
N VAL C 198 21.81 15.61 7.41
CA VAL C 198 21.15 15.02 6.26
C VAL C 198 21.29 13.51 6.31
N HIS C 199 20.21 12.83 5.92
CA HIS C 199 20.15 11.38 5.88
C HIS C 199 19.55 10.87 4.60
N SER C 200 19.96 9.66 4.25
CA SER C 200 19.40 8.98 3.11
C SER C 200 18.49 8.02 3.90
N ALA C 201 17.21 8.38 4.05
CA ALA C 201 16.31 7.55 4.83
C ALA C 201 16.16 6.10 4.34
N THR C 202 16.54 5.84 3.09
CA THR C 202 16.48 4.50 2.53
C THR C 202 17.21 3.46 3.35
N LYS C 203 18.35 3.84 3.92
CA LYS C 203 19.15 2.93 4.72
C LYS C 203 18.60 2.58 6.10
N TYR C 204 19.22 3.09 7.16
CA TYR C 204 18.81 2.79 8.52
C TYR C 204 17.44 3.24 9.01
N ILE C 205 17.18 4.54 8.96
CA ILE C 205 15.90 5.09 9.45
C ILE C 205 14.68 4.22 9.10
N ASN C 206 14.32 4.11 7.83
CA ASN C 206 13.24 3.19 7.51
C ASN C 206 13.78 1.78 7.86
N GLY C 207 15.01 1.49 7.43
CA GLY C 207 15.67 0.24 7.75
C GLY C 207 15.16 -1.10 7.21
N HIS C 208 14.20 -1.06 6.28
CA HIS C 208 13.65 -2.27 5.71
C HIS C 208 13.82 -2.37 4.19
N SER C 209 14.58 -1.46 3.61
CA SER C 209 14.90 -1.48 2.17
C SER C 209 13.71 -1.38 1.18
N ASP C 210 12.59 -0.86 1.64
CA ASP C 210 11.42 -0.75 0.80
C ASP C 210 10.98 0.70 0.62
N VAL C 211 11.87 1.64 0.94
CA VAL C 211 11.54 3.04 0.78
C VAL C 211 12.75 3.89 0.46
N VAL C 212 12.64 4.70 -0.59
CA VAL C 212 13.68 5.61 -0.98
C VAL C 212 13.13 6.94 -0.49
N LEU C 213 13.68 7.41 0.61
CA LEU C 213 13.24 8.67 1.20
C LEU C 213 14.44 9.35 1.81
N GLY C 214 14.41 10.69 1.84
CA GLY C 214 15.49 11.45 2.44
C GLY C 214 14.98 12.45 3.46
N VAL C 215 15.80 12.79 4.45
CA VAL C 215 15.39 13.82 5.40
C VAL C 215 16.49 14.66 6.00
N LEU C 216 16.16 15.89 6.34
CA LEU C 216 17.13 16.80 6.90
C LEU C 216 16.56 17.40 8.17
N ALA C 217 17.45 17.80 9.06
CA ALA C 217 17.02 18.40 10.31
C ALA C 217 17.87 19.62 10.56
N THR C 218 17.25 20.72 11.03
CA THR C 218 17.99 21.92 11.34
C THR C 218 17.36 22.75 12.46
N ASN C 219 18.21 23.34 13.30
CA ASN C 219 17.77 24.16 14.42
C ASN C 219 17.62 25.62 14.00
N ASN C 220 18.13 25.91 12.80
CA ASN C 220 18.10 27.25 12.20
C ASN C 220 16.79 27.57 11.44
N LYS C 221 15.85 28.23 12.12
CA LYS C 221 14.55 28.56 11.55
C LYS C 221 14.52 29.20 10.17
N PRO C 222 15.36 30.20 9.92
CA PRO C 222 15.29 30.78 8.57
C PRO C 222 15.76 29.81 7.51
N LEU C 223 16.91 29.18 7.76
CA LEU C 223 17.48 28.22 6.81
C LEU C 223 16.51 27.09 6.55
N TYR C 224 15.56 26.92 7.47
CA TYR C 224 14.55 25.89 7.33
C TYR C 224 13.33 26.36 6.53
N GLU C 225 13.05 27.67 6.52
CA GLU C 225 11.90 28.19 5.77
C GLU C 225 12.26 28.33 4.29
N ARG C 226 13.52 28.68 4.04
CA ARG C 226 14.00 28.83 2.67
C ARG C 226 13.88 27.45 2.07
N LEU C 227 14.68 26.53 2.61
CA LEU C 227 14.72 25.13 2.19
C LEU C 227 13.33 24.46 2.02
N GLN C 228 12.35 24.85 2.82
CA GLN C 228 11.01 24.29 2.69
C GLN C 228 10.33 24.93 1.50
N PHE C 229 10.67 26.18 1.23
CA PHE C 229 10.08 26.88 0.09
C PHE C 229 10.47 26.10 -1.17
N LEU C 230 11.77 25.93 -1.38
CA LEU C 230 12.27 25.18 -2.55
C LEU C 230 11.55 23.85 -2.65
N GLN C 231 11.31 23.23 -1.50
CA GLN C 231 10.62 21.95 -1.42
C GLN C 231 9.25 22.09 -2.00
N ASN C 232 8.46 23.01 -1.45
CA ASN C 232 7.10 23.21 -1.92
C ASN C 232 7.08 23.60 -3.40
N ALA C 233 8.09 24.33 -3.87
CA ALA C 233 8.12 24.79 -5.26
C ALA C 233 8.68 23.86 -6.32
N ILE C 234 9.84 23.22 -6.07
CA ILE C 234 10.45 22.28 -7.03
C ILE C 234 9.81 20.89 -6.95
N GLY C 235 9.00 20.67 -5.92
CA GLY C 235 8.28 19.43 -5.71
C GLY C 235 8.98 18.08 -5.63
N ALA C 236 10.22 18.02 -5.14
CA ALA C 236 10.90 16.72 -5.04
C ALA C 236 10.52 16.13 -3.70
N ILE C 237 9.22 16.04 -3.45
CA ILE C 237 8.73 15.57 -2.17
C ILE C 237 8.48 14.09 -2.11
N PRO C 238 8.30 13.54 -0.90
CA PRO C 238 8.06 12.12 -0.69
C PRO C 238 6.57 11.77 -0.76
N SER C 239 6.31 10.49 -1.00
CA SER C 239 4.96 9.96 -1.11
C SER C 239 4.39 9.66 0.27
N PRO C 240 3.16 10.10 0.55
CA PRO C 240 2.56 9.84 1.86
C PRO C 240 2.82 8.41 2.33
N PHE C 241 2.84 7.51 1.34
CA PHE C 241 3.02 6.10 1.58
C PHE C 241 4.42 5.81 2.04
N ASP C 242 5.40 6.25 1.26
CA ASP C 242 6.77 6.02 1.70
C ASP C 242 7.11 6.65 3.06
N ALA C 243 6.54 7.84 3.36
CA ALA C 243 6.81 8.52 4.62
C ALA C 243 6.27 7.64 5.70
N TRP C 244 4.99 7.31 5.58
CA TRP C 244 4.33 6.46 6.60
C TRP C 244 5.09 5.17 6.85
N LEU C 245 5.53 4.55 5.77
CA LEU C 245 6.26 3.30 5.87
C LEU C 245 7.57 3.55 6.64
N THR C 246 8.28 4.61 6.25
CA THR C 246 9.53 5.00 6.90
C THR C 246 9.27 5.32 8.38
N HIS C 247 8.23 6.12 8.64
CA HIS C 247 7.88 6.47 10.01
C HIS C 247 7.75 5.20 10.87
N ARG C 248 7.13 4.17 10.29
CA ARG C 248 6.92 2.87 10.93
C ARG C 248 8.20 2.07 11.24
N GLY C 249 9.16 2.11 10.33
CA GLY C 249 10.40 1.37 10.52
C GLY C 249 11.36 2.08 11.45
N LEU C 250 11.22 3.39 11.57
CA LEU C 250 12.12 4.15 12.46
C LEU C 250 11.85 3.86 13.93
N LYS C 251 10.69 3.27 14.23
CA LYS C 251 10.32 2.96 15.61
C LYS C 251 11.09 1.81 16.21
N THR C 252 11.96 1.19 15.43
CA THR C 252 12.77 0.07 15.90
C THR C 252 14.22 0.37 15.56
N LEU C 253 14.48 1.61 15.13
CA LEU C 253 15.82 2.09 14.77
C LEU C 253 16.80 1.91 15.94
N HIS C 254 16.42 2.38 17.13
CA HIS C 254 17.28 2.23 18.29
C HIS C 254 17.61 0.79 18.53
N LEU C 255 16.63 -0.08 18.33
CA LEU C 255 16.81 -1.51 18.52
C LEU C 255 17.69 -2.14 17.43
N ARG C 256 17.38 -1.81 16.17
CA ARG C 256 18.10 -2.32 15.02
C ARG C 256 19.53 -1.85 14.87
N VAL C 257 19.82 -0.63 15.33
CA VAL C 257 21.17 -0.08 15.21
C VAL C 257 22.07 -0.61 16.34
N ARG C 258 21.48 -0.72 17.52
CA ARG C 258 22.16 -1.22 18.68
C ARG C 258 22.67 -2.62 18.37
N GLN C 259 21.76 -3.47 17.90
CA GLN C 259 22.12 -4.84 17.58
C GLN C 259 23.12 -4.84 16.43
N ALA C 260 22.76 -4.18 15.34
CA ALA C 260 23.63 -4.14 14.19
C ALA C 260 25.06 -3.72 14.52
N ALA C 261 25.20 -2.80 15.47
CA ALA C 261 26.51 -2.32 15.85
C ALA C 261 27.31 -3.25 16.75
N LEU C 262 26.64 -3.89 17.72
CA LEU C 262 27.32 -4.83 18.63
C LEU C 262 27.92 -5.91 17.73
N SER C 263 27.09 -6.41 16.84
CA SER C 263 27.53 -7.44 15.94
C SER C 263 28.75 -7.02 15.11
N ALA C 264 28.71 -5.81 14.57
CA ALA C 264 29.79 -5.31 13.75
C ALA C 264 31.09 -5.29 14.53
N ASN C 265 31.01 -4.79 15.74
CA ASN C 265 32.18 -4.70 16.57
C ASN C 265 32.73 -6.07 16.86
N LYS C 266 31.82 -7.02 17.11
CA LYS C 266 32.19 -8.40 17.40
C LYS C 266 32.77 -9.12 16.18
N ILE C 267 32.58 -8.51 15.02
CA ILE C 267 33.06 -9.07 13.76
C ILE C 267 34.37 -8.41 13.39
N ALA C 268 34.48 -7.12 13.71
CA ALA C 268 35.71 -6.40 13.43
C ALA C 268 36.77 -7.00 14.32
N GLU C 269 36.53 -7.01 15.64
CA GLU C 269 37.49 -7.56 16.58
C GLU C 269 38.02 -8.90 16.05
N PHE C 270 37.12 -9.76 15.57
CA PHE C 270 37.52 -11.06 15.03
C PHE C 270 38.47 -10.91 13.85
N LEU C 271 38.13 -10.02 12.93
CA LEU C 271 38.95 -9.77 11.74
C LEU C 271 40.20 -8.95 12.06
N ALA C 272 40.27 -8.41 13.29
CA ALA C 272 41.40 -7.59 13.72
C ALA C 272 42.27 -8.38 14.69
N ALA C 273 42.07 -9.70 14.71
CA ALA C 273 42.83 -10.60 15.57
C ALA C 273 43.46 -11.65 14.67
N ASP C 274 42.94 -11.74 13.45
CA ASP C 274 43.41 -12.69 12.46
C ASP C 274 44.54 -12.05 11.65
N LYS C 275 45.69 -11.89 12.28
CA LYS C 275 46.82 -11.29 11.61
C LYS C 275 47.03 -12.02 10.29
N GLU C 276 46.67 -13.30 10.25
CA GLU C 276 46.84 -14.11 9.06
C GLU C 276 46.14 -13.56 7.82
N ASN C 277 44.99 -14.14 7.45
CA ASN C 277 44.25 -13.74 6.25
C ASN C 277 43.64 -12.34 6.19
N VAL C 278 43.80 -11.54 7.25
CA VAL C 278 43.23 -10.19 7.22
C VAL C 278 44.27 -9.09 7.30
N VAL C 279 44.37 -8.34 6.21
CA VAL C 279 45.30 -7.23 6.10
C VAL C 279 44.84 -6.13 7.05
N ALA C 280 44.16 -5.12 6.52
CA ALA C 280 43.67 -4.02 7.33
C ALA C 280 42.19 -4.19 7.64
N VAL C 281 41.69 -3.42 8.59
CA VAL C 281 40.29 -3.48 8.95
C VAL C 281 39.82 -2.08 9.30
N ASN C 282 38.62 -1.71 8.88
CA ASN C 282 38.14 -0.39 9.21
C ASN C 282 36.84 -0.48 10.02
N TYR C 283 36.84 0.02 11.25
CA TYR C 283 35.65 0.01 12.07
C TYR C 283 35.83 0.98 13.24
N PRO C 284 35.20 2.16 13.16
CA PRO C 284 35.23 3.26 14.16
C PRO C 284 35.04 2.79 15.59
N GLY C 285 34.65 1.51 15.71
CA GLY C 285 34.41 0.92 17.00
C GLY C 285 35.66 0.43 17.66
N LEU C 286 36.68 0.12 16.85
CA LEU C 286 37.96 -0.38 17.37
C LEU C 286 38.78 0.75 18.03
N LYS C 287 39.26 0.52 19.25
CA LYS C 287 40.03 1.53 19.97
C LYS C 287 41.23 1.98 19.17
N THR C 288 41.63 1.12 18.23
CA THR C 288 42.77 1.38 17.36
C THR C 288 42.38 2.24 16.18
N HIS C 289 41.11 2.61 16.09
CA HIS C 289 40.69 3.43 14.96
C HIS C 289 41.38 4.80 14.97
N PRO C 290 41.93 5.18 13.81
CA PRO C 290 42.64 6.44 13.61
C PRO C 290 42.02 7.63 14.31
N ASN C 291 40.70 7.74 14.34
CA ASN C 291 40.09 8.87 15.02
C ASN C 291 39.17 8.41 16.16
N TYR C 292 39.63 7.41 16.90
CA TYR C 292 38.82 6.88 17.98
C TYR C 292 38.49 7.94 19.02
N ASP C 293 39.33 8.98 19.09
CA ASP C 293 39.10 10.07 20.04
C ASP C 293 37.81 10.83 19.70
N VAL C 294 37.49 10.86 18.40
CA VAL C 294 36.29 11.51 17.89
C VAL C 294 35.11 10.58 18.10
N VAL C 295 35.34 9.29 17.86
CA VAL C 295 34.30 8.28 18.03
C VAL C 295 33.71 8.49 19.42
N LEU C 296 34.56 8.43 20.43
CA LEU C 296 34.19 8.61 21.84
C LEU C 296 33.51 9.91 22.18
N LYS C 297 33.58 10.89 21.29
CA LYS C 297 32.96 12.19 21.55
C LYS C 297 31.77 12.51 20.67
N GLN C 298 31.49 11.67 19.67
CA GLN C 298 30.34 11.89 18.77
C GLN C 298 29.43 10.68 18.64
N HIS C 299 29.97 9.50 18.90
CA HIS C 299 29.20 8.26 18.80
C HIS C 299 28.65 7.84 20.17
N ARG C 300 27.33 7.64 20.26
CA ARG C 300 26.70 7.19 21.51
C ARG C 300 27.30 5.86 21.97
N ASP C 301 27.74 5.82 23.21
CA ASP C 301 28.32 4.62 23.81
C ASP C 301 29.51 4.11 23.01
N ALA C 302 29.95 4.90 22.05
CA ALA C 302 31.10 4.53 21.22
C ALA C 302 30.80 3.37 20.28
N LEU C 303 29.56 3.27 19.82
CA LEU C 303 29.17 2.22 18.90
C LEU C 303 29.86 2.50 17.57
N GLY C 304 30.41 1.47 16.93
CA GLY C 304 31.08 1.70 15.66
C GLY C 304 30.15 1.83 14.47
N GLY C 305 28.94 1.30 14.61
CA GLY C 305 27.96 1.34 13.55
C GLY C 305 27.81 -0.05 12.94
N GLY C 306 27.16 -0.16 11.78
CA GLY C 306 27.00 -1.46 11.17
C GLY C 306 27.95 -1.73 10.02
N MET C 307 28.61 -0.69 9.55
CA MET C 307 29.54 -0.86 8.45
C MET C 307 30.94 -1.22 8.94
N ILE C 308 31.56 -2.17 8.24
CA ILE C 308 32.91 -2.60 8.55
C ILE C 308 33.56 -2.68 7.18
N SER C 309 34.82 -2.29 7.11
CA SER C 309 35.53 -2.32 5.85
C SER C 309 36.80 -3.09 6.15
N PHE C 310 37.27 -3.89 5.20
CA PHE C 310 38.49 -4.65 5.43
C PHE C 310 39.08 -5.24 4.17
N ARG C 311 40.39 -5.39 4.17
CA ARG C 311 41.11 -5.95 3.04
C ARG C 311 41.73 -7.27 3.50
N ILE C 312 41.61 -8.31 2.69
CA ILE C 312 42.16 -9.63 3.04
C ILE C 312 43.61 -9.81 2.58
N LYS C 313 44.30 -10.78 3.19
CA LYS C 313 45.70 -11.08 2.87
C LYS C 313 45.79 -11.66 1.46
N GLY C 314 45.08 -11.01 0.54
CA GLY C 314 45.06 -11.44 -0.85
C GLY C 314 44.73 -10.29 -1.79
N GLY C 315 44.14 -10.60 -2.95
CA GLY C 315 43.80 -9.56 -3.91
C GLY C 315 42.43 -9.71 -4.56
N ALA C 316 42.03 -8.71 -5.33
CA ALA C 316 40.75 -8.66 -6.04
C ALA C 316 39.96 -9.96 -6.13
N GLU C 317 40.65 -11.07 -6.37
CA GLU C 317 39.97 -12.36 -6.45
C GLU C 317 39.38 -12.63 -5.07
N ALA C 318 40.25 -12.98 -4.14
CA ALA C 318 39.82 -13.27 -2.79
C ALA C 318 38.60 -12.41 -2.39
N ALA C 319 38.61 -11.14 -2.74
CA ALA C 319 37.51 -10.25 -2.40
C ALA C 319 36.27 -10.58 -3.23
N SER C 320 36.41 -10.56 -4.54
CA SER C 320 35.32 -10.89 -5.44
C SER C 320 34.82 -12.26 -4.99
N LYS C 321 35.75 -13.05 -4.46
CA LYS C 321 35.49 -14.40 -3.96
C LYS C 321 34.60 -14.29 -2.73
N PHE C 322 35.13 -13.65 -1.68
CA PHE C 322 34.41 -13.46 -0.43
C PHE C 322 33.00 -12.96 -0.68
N ALA C 323 32.88 -12.03 -1.62
CA ALA C 323 31.60 -11.45 -1.96
C ALA C 323 30.56 -12.49 -2.39
N SER C 324 31.04 -13.68 -2.77
CA SER C 324 30.14 -14.73 -3.22
C SER C 324 30.11 -15.95 -2.30
N SER C 325 31.28 -16.41 -1.87
CA SER C 325 31.32 -17.58 -0.99
C SER C 325 30.35 -17.40 0.18
N THR C 326 30.07 -16.14 0.51
CA THR C 326 29.15 -15.79 1.59
C THR C 326 27.78 -16.43 1.42
N ARG C 327 27.17 -16.84 2.52
CA ARG C 327 25.83 -17.42 2.45
C ARG C 327 24.81 -16.46 3.08
N LEU C 328 25.11 -15.98 4.27
CA LEU C 328 24.21 -15.07 4.97
C LEU C 328 24.26 -13.63 4.44
N PHE C 329 25.47 -13.08 4.26
CA PHE C 329 25.60 -11.71 3.75
C PHE C 329 25.27 -11.79 2.26
N THR C 330 24.46 -10.86 1.77
CA THR C 330 24.08 -10.85 0.36
C THR C 330 24.81 -9.79 -0.49
N LEU C 331 25.52 -10.24 -1.52
CA LEU C 331 26.22 -9.32 -2.41
C LEU C 331 25.19 -8.45 -3.12
N ALA C 332 25.47 -7.15 -3.20
CA ALA C 332 24.57 -6.18 -3.83
C ALA C 332 25.12 -4.79 -3.61
N GLU C 333 24.22 -3.82 -3.67
CA GLU C 333 24.56 -2.43 -3.44
C GLU C 333 23.72 -2.04 -2.24
N SER C 334 23.81 -0.78 -1.82
CA SER C 334 23.06 -0.28 -0.67
C SER C 334 23.59 -0.84 0.66
N LEU C 335 22.91 -0.50 1.75
CA LEU C 335 23.35 -0.94 3.07
C LEU C 335 22.40 -0.46 4.16
N GLY C 336 22.81 -0.62 5.40
CA GLY C 336 21.96 -0.15 6.47
C GLY C 336 20.63 -0.87 6.43
N GLY C 337 20.60 -1.98 5.71
CA GLY C 337 19.39 -2.76 5.64
C GLY C 337 19.22 -3.66 6.84
N ILE C 338 18.05 -4.28 6.90
CA ILE C 338 17.72 -5.19 7.99
C ILE C 338 18.48 -6.52 7.77
N GLU C 339 18.80 -6.82 6.50
CA GLU C 339 19.53 -8.03 6.17
C GLU C 339 20.98 -7.70 5.79
N SER C 340 21.93 -8.56 6.18
CA SER C 340 23.34 -8.37 5.87
C SER C 340 23.63 -8.33 4.37
N LEU C 341 24.57 -7.48 3.99
CA LEU C 341 24.95 -7.31 2.61
C LEU C 341 26.44 -7.00 2.59
N LEU C 342 27.07 -7.20 1.43
CA LEU C 342 28.49 -6.92 1.32
C LEU C 342 28.77 -6.48 -0.10
N GLU C 343 29.59 -5.44 -0.23
CA GLU C 343 29.93 -4.90 -1.53
C GLU C 343 31.39 -4.49 -1.66
N VAL C 344 31.91 -4.57 -2.86
CA VAL C 344 33.29 -4.19 -3.14
C VAL C 344 33.24 -2.81 -3.80
N PRO C 345 33.31 -1.73 -3.00
CA PRO C 345 33.26 -0.38 -3.56
C PRO C 345 33.94 -0.22 -4.93
N ALA C 346 35.21 -0.63 -5.01
CA ALA C 346 36.00 -0.55 -6.25
C ALA C 346 35.19 -0.78 -7.52
N VAL C 347 34.76 -2.03 -7.72
CA VAL C 347 33.96 -2.40 -8.90
C VAL C 347 32.53 -1.86 -8.81
N MET C 348 31.70 -2.53 -8.01
CA MET C 348 30.30 -2.16 -7.81
C MET C 348 30.04 -0.68 -7.76
N THR C 349 30.47 -0.02 -6.70
CA THR C 349 30.23 1.41 -6.59
C THR C 349 31.20 2.20 -7.50
N HIS C 350 32.28 2.68 -6.91
CA HIS C 350 33.31 3.47 -7.58
C HIS C 350 33.79 2.96 -8.93
N GLY C 351 32.87 2.94 -9.90
CA GLY C 351 33.22 2.46 -11.22
C GLY C 351 34.00 3.47 -12.05
N GLY C 352 33.28 4.38 -12.70
CA GLY C 352 33.90 5.39 -13.54
C GLY C 352 34.95 6.24 -12.86
N ILE C 353 35.87 5.62 -12.14
CA ILE C 353 36.93 6.34 -11.46
C ILE C 353 38.23 5.53 -11.51
N PRO C 354 39.14 5.88 -12.42
CA PRO C 354 40.42 5.20 -12.58
C PRO C 354 41.06 4.68 -11.28
N LYS C 355 41.60 3.46 -11.34
CA LYS C 355 42.26 2.84 -10.20
C LYS C 355 43.20 3.88 -9.62
N GLU C 356 43.47 4.90 -10.43
CA GLU C 356 44.33 6.02 -10.04
C GLU C 356 43.93 6.51 -8.65
N ALA C 357 42.67 6.93 -8.52
CA ALA C 357 42.14 7.43 -7.27
C ALA C 357 41.73 6.28 -6.33
N ARG C 358 41.36 5.13 -6.89
CA ARG C 358 40.95 3.99 -6.08
C ARG C 358 42.15 3.32 -5.41
N GLU C 359 43.03 4.15 -4.86
CA GLU C 359 44.21 3.68 -4.15
C GLU C 359 44.63 4.85 -3.25
N ALA C 360 44.31 6.05 -3.72
CA ALA C 360 44.62 7.30 -3.06
C ALA C 360 43.62 7.62 -1.96
N SER C 361 42.36 7.87 -2.34
CA SER C 361 41.31 8.21 -1.38
C SER C 361 41.05 7.12 -0.33
N GLY C 362 41.54 5.91 -0.58
CA GLY C 362 41.38 4.81 0.36
C GLY C 362 40.77 3.55 -0.23
N VAL C 363 39.93 3.74 -1.25
CA VAL C 363 39.22 2.64 -1.91
C VAL C 363 40.13 1.55 -2.48
N PHE C 364 40.77 0.77 -1.61
CA PHE C 364 41.68 -0.28 -2.09
C PHE C 364 41.01 -1.34 -2.94
N ASP C 365 41.57 -1.59 -4.11
CA ASP C 365 41.06 -2.58 -5.05
C ASP C 365 40.78 -3.94 -4.42
N ASP C 366 41.47 -4.28 -3.33
CA ASP C 366 41.22 -5.58 -2.69
C ASP C 366 40.47 -5.41 -1.38
N LEU C 367 39.67 -4.35 -1.30
CA LEU C 367 38.89 -4.05 -0.11
C LEU C 367 37.45 -4.55 -0.16
N VAL C 368 37.04 -5.32 0.87
CA VAL C 368 35.68 -5.88 0.98
C VAL C 368 34.83 -5.09 1.98
N ARG C 369 33.79 -4.40 1.52
CA ARG C 369 32.94 -3.63 2.43
C ARG C 369 31.71 -4.40 2.88
N ILE C 370 31.34 -4.28 4.15
CA ILE C 370 30.20 -5.03 4.63
C ILE C 370 29.23 -4.30 5.56
N SER C 371 27.94 -4.55 5.31
CA SER C 371 26.83 -3.98 6.07
C SER C 371 26.22 -5.09 6.94
N VAL C 372 26.49 -5.03 8.24
CA VAL C 372 26.00 -6.01 9.19
C VAL C 372 24.50 -5.86 9.41
N GLY C 373 23.78 -6.97 9.27
CA GLY C 373 22.34 -6.94 9.45
C GLY C 373 21.95 -7.27 10.87
N ILE C 374 20.74 -7.83 11.04
CA ILE C 374 20.35 -8.17 12.38
C ILE C 374 20.17 -9.67 12.56
N GLU C 375 20.89 -10.44 11.76
CA GLU C 375 20.82 -11.90 11.90
C GLU C 375 21.64 -12.23 13.14
N ASP C 376 21.55 -13.48 13.58
CA ASP C 376 22.33 -13.88 14.75
C ASP C 376 23.81 -13.45 14.62
N THR C 377 24.38 -12.94 15.71
CA THR C 377 25.78 -12.51 15.68
C THR C 377 26.68 -13.69 15.32
N ASP C 378 26.64 -14.73 16.14
CA ASP C 378 27.43 -15.92 15.90
C ASP C 378 27.16 -16.58 14.53
N ASP C 379 25.90 -16.65 14.10
CA ASP C 379 25.62 -17.23 12.80
C ASP C 379 26.37 -16.38 11.76
N LEU C 380 26.44 -15.07 11.97
CA LEU C 380 27.11 -14.20 11.02
C LEU C 380 28.63 -14.28 11.20
N LEU C 381 29.12 -14.15 12.44
CA LEU C 381 30.54 -14.22 12.69
C LEU C 381 31.08 -15.52 12.04
N GLU C 382 30.61 -16.65 12.57
CA GLU C 382 31.00 -17.96 12.04
C GLU C 382 30.97 -17.96 10.50
N ASP C 383 30.06 -17.17 9.92
CA ASP C 383 29.91 -17.11 8.48
C ASP C 383 31.08 -16.37 7.84
N ILE C 384 31.49 -15.23 8.43
CA ILE C 384 32.63 -14.48 7.87
C ILE C 384 33.82 -15.42 7.83
N LYS C 385 34.02 -16.17 8.91
CA LYS C 385 35.10 -17.13 9.00
C LYS C 385 35.03 -18.05 7.78
N GLN C 386 33.95 -18.83 7.75
CA GLN C 386 33.69 -19.78 6.68
C GLN C 386 33.91 -19.22 5.28
N ALA C 387 34.00 -17.91 5.17
CA ALA C 387 34.18 -17.30 3.85
C ALA C 387 35.60 -16.85 3.55
N LEU C 388 36.38 -16.61 4.60
CA LEU C 388 37.79 -16.20 4.45
C LEU C 388 38.54 -17.35 3.81
N LYS C 389 38.36 -18.53 4.39
CA LYS C 389 38.99 -19.75 3.89
C LYS C 389 38.67 -19.92 2.42
N GLN C 390 37.39 -19.97 2.08
CA GLN C 390 36.99 -20.11 0.68
C GLN C 390 37.88 -19.22 -0.19
N ALA C 391 37.82 -17.90 0.07
CA ALA C 391 38.62 -16.93 -0.68
C ALA C 391 40.09 -17.32 -0.71
N THR C 392 40.65 -17.64 0.45
CA THR C 392 42.04 -18.07 0.54
C THR C 392 42.30 -19.24 -0.40
N ASN C 393 41.48 -20.28 -0.31
CA ASN C 393 41.66 -21.47 -1.16
C ASN C 393 41.32 -21.21 -2.63
N THR D 1 0.23 -10.77 -24.11
CA THR D 1 0.01 -9.67 -25.11
C THR D 1 1.31 -9.11 -25.62
N LEU D 2 1.25 -8.50 -26.79
CA LEU D 2 2.40 -7.86 -27.37
C LEU D 2 1.84 -6.89 -28.38
N GLN D 3 1.67 -5.63 -27.98
CA GLN D 3 1.13 -4.65 -28.89
C GLN D 3 1.89 -4.61 -30.19
N GLU D 4 1.21 -4.14 -31.23
CA GLU D 4 1.78 -4.03 -32.56
C GLU D 4 1.02 -2.94 -33.30
N SER D 5 1.17 -1.71 -32.83
CA SER D 5 0.46 -0.60 -33.45
C SER D 5 -1.07 -0.85 -33.43
N ASP D 6 -1.54 -1.15 -32.22
CA ASP D 6 -2.94 -1.38 -31.87
C ASP D 6 -3.59 -0.02 -31.65
N LYS D 7 -4.76 -0.03 -31.04
CA LYS D 7 -5.48 1.21 -30.75
C LYS D 7 -5.27 1.67 -29.30
N PHE D 8 -5.44 2.97 -29.10
CA PHE D 8 -5.24 3.59 -27.78
C PHE D 8 -5.68 2.73 -26.62
N ALA D 9 -6.90 2.23 -26.69
CA ALA D 9 -7.43 1.42 -25.59
C ALA D 9 -6.66 0.17 -25.35
N THR D 10 -6.27 -0.52 -26.42
CA THR D 10 -5.48 -1.76 -26.26
C THR D 10 -4.13 -1.39 -25.61
N LYS D 11 -3.51 -0.30 -26.06
CA LYS D 11 -2.23 0.14 -25.52
C LYS D 11 -2.32 0.53 -24.05
N ALA D 12 -3.42 1.16 -23.67
CA ALA D 12 -3.64 1.56 -22.27
C ALA D 12 -3.57 0.36 -21.37
N ILE D 13 -4.13 -0.75 -21.84
CA ILE D 13 -4.18 -2.01 -21.11
C ILE D 13 -2.92 -2.88 -21.13
N HIS D 14 -2.17 -2.86 -22.22
CA HIS D 14 -0.97 -3.72 -22.34
C HIS D 14 0.40 -3.04 -22.54
N ALA D 15 0.45 -1.72 -22.66
CA ALA D 15 1.74 -1.09 -22.82
C ALA D 15 2.32 -1.16 -21.43
N GLY D 16 3.64 -1.18 -21.33
CA GLY D 16 4.27 -1.27 -20.03
C GLY D 16 4.02 -2.59 -19.30
N GLU D 17 3.88 -3.68 -20.05
CA GLU D 17 3.61 -4.97 -19.46
C GLU D 17 4.82 -5.34 -18.63
N HIS D 18 4.63 -6.22 -17.65
CA HIS D 18 5.70 -6.61 -16.76
C HIS D 18 6.18 -8.05 -16.89
N VAL D 19 7.33 -8.33 -16.29
CA VAL D 19 7.89 -9.67 -16.31
C VAL D 19 7.82 -10.18 -14.88
N ASP D 20 7.39 -11.43 -14.74
CA ASP D 20 7.27 -12.07 -13.43
C ASP D 20 7.33 -13.58 -13.60
N VAL D 21 8.29 -14.24 -12.97
CA VAL D 21 8.36 -15.68 -13.15
C VAL D 21 7.16 -16.45 -12.66
N HIS D 22 6.38 -15.83 -11.79
CA HIS D 22 5.19 -16.49 -11.27
C HIS D 22 3.98 -16.36 -12.19
N GLY D 23 4.17 -15.68 -13.31
CA GLY D 23 3.11 -15.53 -14.29
C GLY D 23 1.92 -14.71 -13.84
N SER D 24 2.17 -13.67 -13.06
CA SER D 24 1.11 -12.81 -12.56
C SER D 24 0.50 -11.97 -13.67
N VAL D 25 -0.83 -11.92 -13.74
CA VAL D 25 -1.47 -11.11 -14.75
C VAL D 25 -1.27 -9.66 -14.32
N ILE D 26 -1.29 -9.46 -13.00
CA ILE D 26 -1.12 -8.13 -12.45
C ILE D 26 0.29 -7.87 -11.90
N GLU D 27 0.85 -6.76 -12.33
CA GLU D 27 2.18 -6.36 -11.92
C GLU D 27 2.23 -6.20 -10.41
N PRO D 28 3.23 -6.82 -9.75
CA PRO D 28 3.36 -6.71 -8.29
C PRO D 28 4.04 -5.41 -7.91
N ILE D 29 3.83 -4.96 -6.68
CA ILE D 29 4.42 -3.72 -6.23
C ILE D 29 5.83 -4.00 -5.71
N SER D 30 6.84 -3.52 -6.43
CA SER D 30 8.19 -3.75 -5.96
C SER D 30 8.69 -2.55 -5.20
N LEU D 31 8.95 -2.74 -3.91
CA LEU D 31 9.46 -1.66 -3.10
C LEU D 31 10.93 -1.85 -2.71
N SER D 32 11.52 -2.99 -3.06
CA SER D 32 12.89 -3.23 -2.68
C SER D 32 13.83 -2.12 -3.14
N THR D 33 14.76 -1.82 -2.24
CA THR D 33 15.78 -0.80 -2.42
C THR D 33 16.85 -1.37 -3.31
N THR D 34 17.26 -2.58 -2.99
CA THR D 34 18.29 -3.26 -3.75
C THR D 34 17.92 -4.64 -4.31
N PHE D 35 18.80 -5.13 -5.20
CA PHE D 35 18.65 -6.43 -5.84
C PHE D 35 19.95 -7.22 -5.74
N LYS D 36 19.85 -8.52 -5.53
CA LYS D 36 21.05 -9.36 -5.40
C LYS D 36 21.85 -9.43 -6.71
N GLN D 37 23.14 -9.69 -6.60
CA GLN D 37 24.00 -9.80 -7.77
C GLN D 37 24.72 -11.15 -7.87
N SER D 38 24.85 -11.64 -9.10
CA SER D 38 25.48 -12.91 -9.36
C SER D 38 26.96 -12.77 -9.08
N SER D 39 27.53 -11.67 -9.57
CA SER D 39 28.94 -11.36 -9.39
C SER D 39 29.01 -9.88 -9.02
N PRO D 40 29.86 -9.53 -8.04
CA PRO D 40 30.02 -8.13 -7.59
C PRO D 40 29.73 -7.15 -8.70
N ALA D 41 30.27 -7.42 -9.87
CA ALA D 41 30.10 -6.57 -11.04
C ALA D 41 28.65 -6.24 -11.37
N ASN D 42 27.87 -7.24 -11.79
CA ASN D 42 26.49 -6.98 -12.18
C ASN D 42 25.42 -7.93 -11.59
N PRO D 43 24.18 -7.42 -11.41
CA PRO D 43 22.97 -8.05 -10.88
C PRO D 43 22.45 -9.38 -11.42
N ILE D 44 21.62 -10.02 -10.60
CA ILE D 44 21.00 -11.29 -10.93
C ILE D 44 19.80 -10.94 -11.79
N GLY D 45 19.81 -9.72 -12.33
CA GLY D 45 18.72 -9.24 -13.17
C GLY D 45 18.76 -7.72 -13.31
N THR D 46 18.51 -7.25 -14.53
CA THR D 46 18.48 -5.83 -14.93
C THR D 46 18.35 -4.68 -13.91
N TYR D 47 18.09 -4.98 -12.64
CA TYR D 47 17.94 -3.90 -11.67
C TYR D 47 19.00 -3.94 -10.59
N GLU D 48 19.49 -2.76 -10.19
CA GLU D 48 20.53 -2.68 -9.17
C GLU D 48 20.19 -1.82 -7.95
N TYR D 49 19.58 -0.66 -8.19
CA TYR D 49 19.18 0.23 -7.10
C TYR D 49 17.90 1.00 -7.48
N SER D 50 16.83 0.75 -6.73
CA SER D 50 15.53 1.37 -6.97
C SER D 50 15.45 2.80 -7.50
N ARG D 51 16.34 3.69 -7.06
CA ARG D 51 16.32 5.08 -7.54
C ARG D 51 16.82 5.19 -8.98
N SER D 52 17.78 4.35 -9.30
CA SER D 52 18.36 4.31 -10.62
C SER D 52 17.26 3.82 -11.54
N GLN D 53 16.49 2.84 -11.05
CA GLN D 53 15.41 2.26 -11.82
C GLN D 53 14.76 1.08 -11.10
N ASN D 54 13.43 0.99 -11.21
CA ASN D 54 12.74 -0.14 -10.63
C ASN D 54 11.59 -0.56 -11.55
N PRO D 55 11.22 -1.83 -11.52
CA PRO D 55 10.14 -2.30 -12.39
C PRO D 55 8.85 -1.45 -12.47
N ASN D 56 8.23 -1.12 -11.34
CA ASN D 56 7.02 -0.29 -11.34
C ASN D 56 7.20 1.04 -12.06
N ARG D 57 8.24 1.81 -11.72
CA ARG D 57 8.42 3.10 -12.39
C ARG D 57 8.65 2.91 -13.89
N GLU D 58 9.64 2.08 -14.23
CA GLU D 58 9.96 1.81 -15.62
C GLU D 58 8.76 1.38 -16.42
N ASN D 59 7.96 0.42 -15.93
CA ASN D 59 6.77 0.02 -16.70
C ASN D 59 5.81 1.19 -16.86
N LEU D 60 5.66 2.02 -15.83
CA LEU D 60 4.77 3.17 -15.92
C LEU D 60 5.27 4.01 -17.04
N GLU D 61 6.54 4.34 -17.02
CA GLU D 61 7.10 5.17 -18.10
C GLU D 61 6.91 4.61 -19.51
N ARG D 62 7.01 3.28 -19.72
CA ARG D 62 6.80 2.70 -21.07
C ARG D 62 5.34 2.89 -21.44
N ALA D 63 4.48 2.71 -20.46
CA ALA D 63 3.06 2.89 -20.65
C ALA D 63 2.75 4.31 -21.08
N VAL D 64 3.24 5.31 -20.35
CA VAL D 64 2.98 6.73 -20.68
C VAL D 64 3.53 7.13 -22.06
N ALA D 65 4.71 6.61 -22.37
CA ALA D 65 5.34 6.86 -23.65
C ALA D 65 4.43 6.31 -24.73
N ALA D 66 4.06 5.04 -24.56
CA ALA D 66 3.16 4.37 -25.52
C ALA D 66 2.02 5.30 -25.82
N LEU D 67 1.17 5.52 -24.82
CA LEU D 67 -0.02 6.36 -24.95
C LEU D 67 0.31 7.73 -25.52
N GLU D 68 1.56 8.16 -25.39
CA GLU D 68 1.95 9.44 -25.92
C GLU D 68 2.63 9.34 -27.29
N ASN D 69 2.61 8.13 -27.86
CA ASN D 69 3.21 7.87 -29.18
C ASN D 69 4.59 8.44 -29.13
N ALA D 70 5.32 7.98 -28.13
CA ALA D 70 6.66 8.43 -27.92
C ALA D 70 7.58 7.24 -27.62
N GLN D 71 8.86 7.41 -27.93
CA GLN D 71 9.85 6.37 -27.70
C GLN D 71 10.28 6.25 -26.25
N TYR D 72 10.38 7.40 -25.57
CA TYR D 72 10.82 7.44 -24.18
C TYR D 72 9.87 8.12 -23.18
N GLY D 73 10.03 7.74 -21.92
CA GLY D 73 9.24 8.31 -20.83
C GLY D 73 10.02 8.33 -19.54
N LEU D 74 9.81 9.36 -18.72
CA LEU D 74 10.46 9.48 -17.41
C LEU D 74 9.43 10.00 -16.37
N ALA D 75 9.41 9.38 -15.19
CA ALA D 75 8.49 9.76 -14.16
C ALA D 75 9.28 10.40 -13.05
N PHE D 76 8.64 11.31 -12.33
CA PHE D 76 9.26 12.01 -11.19
C PHE D 76 8.24 12.22 -10.07
N SER D 77 8.75 12.72 -8.95
CA SER D 77 7.95 13.02 -7.79
C SER D 77 6.73 13.88 -8.07
N SER D 78 6.76 14.72 -9.08
CA SER D 78 5.60 15.58 -9.34
C SER D 78 5.75 16.38 -10.60
N GLY D 79 4.66 16.99 -11.07
CA GLY D 79 4.77 17.80 -12.28
C GLY D 79 5.93 18.76 -12.05
N SER D 80 5.83 19.53 -10.97
CA SER D 80 6.84 20.50 -10.59
C SER D 80 8.26 19.99 -10.61
N ALA D 81 8.47 18.70 -10.33
CA ALA D 81 9.85 18.17 -10.35
C ALA D 81 10.22 17.81 -11.77
N THR D 82 9.21 17.62 -12.62
CA THR D 82 9.42 17.26 -14.02
C THR D 82 9.79 18.49 -14.84
N THR D 83 9.12 19.60 -14.55
CA THR D 83 9.39 20.87 -15.17
C THR D 83 10.77 21.24 -14.67
N ALA D 84 10.96 21.09 -13.36
CA ALA D 84 12.24 21.38 -12.75
C ALA D 84 13.39 20.67 -13.47
N THR D 85 13.31 19.34 -13.52
CA THR D 85 14.36 18.54 -14.12
C THR D 85 14.72 19.06 -15.49
N ILE D 86 13.73 19.62 -16.20
CA ILE D 86 13.91 20.16 -17.55
C ILE D 86 14.64 21.52 -17.57
N LEU D 87 14.31 22.41 -16.65
CA LEU D 87 14.96 23.71 -16.60
C LEU D 87 16.40 23.57 -16.09
N GLN D 88 16.68 22.56 -15.30
CA GLN D 88 18.03 22.41 -14.82
C GLN D 88 18.89 21.63 -15.79
N SER D 89 18.36 21.35 -16.97
CA SER D 89 19.13 20.62 -17.98
C SER D 89 19.61 21.68 -18.96
N LEU D 90 19.04 22.87 -18.84
CA LEU D 90 19.37 23.99 -19.68
C LEU D 90 20.74 24.47 -19.32
N PRO D 91 21.47 25.03 -20.27
CA PRO D 91 22.81 25.51 -19.96
C PRO D 91 22.72 26.69 -19.00
N GLN D 92 23.62 26.73 -18.02
CA GLN D 92 23.64 27.83 -17.03
C GLN D 92 23.38 29.22 -17.64
N GLY D 93 22.52 29.99 -16.98
CA GLY D 93 22.21 31.30 -17.52
C GLY D 93 21.59 31.15 -18.89
N SER D 94 20.29 30.87 -18.92
CA SER D 94 19.53 30.69 -20.15
C SER D 94 18.21 31.41 -19.99
N HIS D 95 17.46 31.46 -21.07
CA HIS D 95 16.17 32.13 -21.09
C HIS D 95 15.10 31.19 -21.70
N ALA D 96 13.85 31.44 -21.35
CA ALA D 96 12.75 30.64 -21.83
C ALA D 96 11.53 31.52 -22.06
N VAL D 97 10.63 31.07 -22.92
CA VAL D 97 9.42 31.84 -23.22
C VAL D 97 8.26 30.92 -22.91
N SER D 98 7.12 31.47 -22.50
CA SER D 98 5.96 30.64 -22.22
C SER D 98 4.64 31.41 -22.23
N ILE D 99 3.56 30.77 -22.68
CA ILE D 99 2.26 31.45 -22.73
C ILE D 99 1.94 32.10 -21.38
N GLY D 100 1.25 33.23 -21.43
CA GLY D 100 0.90 33.94 -20.21
C GLY D 100 0.04 33.10 -19.29
N ASP D 101 -1.10 32.65 -19.82
CA ASP D 101 -2.03 31.84 -19.07
C ASP D 101 -1.36 30.51 -18.63
N VAL D 102 -0.59 30.60 -17.54
CA VAL D 102 0.11 29.45 -16.99
C VAL D 102 -0.14 29.27 -15.48
N TYR D 103 0.13 28.07 -15.00
CA TYR D 103 0.03 27.69 -13.59
C TYR D 103 1.19 28.50 -12.97
N GLY D 104 1.11 28.78 -11.66
CA GLY D 104 2.20 29.52 -11.02
C GLY D 104 3.51 28.77 -11.26
N GLY D 105 3.36 27.47 -11.51
CA GLY D 105 4.48 26.59 -11.77
C GLY D 105 5.64 27.25 -12.45
N THR D 106 5.49 27.64 -13.71
CA THR D 106 6.61 28.26 -14.42
C THR D 106 7.24 29.28 -13.51
N HIS D 107 6.51 30.37 -13.28
CA HIS D 107 6.96 31.43 -12.39
C HIS D 107 7.88 30.80 -11.33
N ARG D 108 7.30 29.96 -10.46
CA ARG D 108 8.05 29.30 -9.39
C ARG D 108 9.28 28.57 -9.92
N TYR D 109 9.10 27.33 -10.37
CA TYR D 109 10.21 26.54 -10.89
C TYR D 109 11.18 27.40 -11.73
N PHE D 110 10.67 27.96 -12.83
CA PHE D 110 11.49 28.79 -13.71
C PHE D 110 12.45 29.67 -12.91
N THR D 111 11.95 30.31 -11.86
CA THR D 111 12.80 31.19 -11.05
C THR D 111 13.72 30.45 -10.07
N LYS D 112 13.15 29.55 -9.28
CA LYS D 112 13.93 28.78 -8.31
C LYS D 112 15.20 28.21 -8.93
N VAL D 113 15.05 27.41 -9.99
CA VAL D 113 16.18 26.80 -10.69
C VAL D 113 17.02 27.89 -11.39
N ALA D 114 16.44 29.08 -11.48
CA ALA D 114 17.11 30.24 -12.04
C ALA D 114 17.70 30.91 -10.81
N ASN D 115 18.33 30.09 -9.96
CA ASN D 115 18.97 30.49 -8.71
C ASN D 115 19.43 31.95 -8.71
N ALA D 116 18.70 32.78 -7.97
CA ALA D 116 18.97 34.22 -7.85
C ALA D 116 18.44 34.97 -9.08
N HIS D 117 18.86 34.51 -10.26
CA HIS D 117 18.44 35.13 -11.51
C HIS D 117 18.89 34.28 -12.70
N GLY D 118 19.20 33.01 -12.44
CA GLY D 118 19.66 32.07 -13.46
C GLY D 118 18.88 31.89 -14.77
N VAL D 119 17.80 31.09 -14.73
CA VAL D 119 16.99 30.85 -15.92
C VAL D 119 16.02 31.98 -16.19
N GLU D 120 16.36 32.83 -17.14
CA GLU D 120 15.52 33.96 -17.52
C GLU D 120 14.12 33.46 -17.82
N THR D 121 13.17 34.38 -17.88
CA THR D 121 11.80 34.02 -18.18
C THR D 121 10.96 35.18 -18.66
N SER D 122 10.53 35.12 -19.92
CA SER D 122 9.68 36.16 -20.46
C SER D 122 8.31 35.60 -20.84
N PHE D 123 7.36 35.72 -19.92
CA PHE D 123 6.02 35.22 -20.18
C PHE D 123 5.44 36.06 -21.28
N THR D 124 4.61 35.43 -22.10
CA THR D 124 3.99 36.11 -23.23
C THR D 124 2.65 35.51 -23.59
N ASN D 125 1.65 36.37 -23.75
CA ASN D 125 0.33 35.91 -24.14
C ASN D 125 0.39 35.95 -25.64
N ASP D 126 -0.54 35.28 -26.30
CA ASP D 126 -0.54 35.26 -27.76
C ASP D 126 0.89 34.93 -28.23
N LEU D 127 1.24 33.65 -28.12
CA LEU D 127 2.56 33.15 -28.50
C LEU D 127 2.99 33.44 -29.96
N LEU D 128 2.19 33.00 -30.92
CA LEU D 128 2.48 33.17 -32.34
C LEU D 128 2.85 34.55 -32.86
N ASN D 129 2.74 35.57 -32.04
CA ASN D 129 3.05 36.89 -32.54
C ASN D 129 4.19 37.61 -31.89
N ASP D 130 4.48 37.28 -30.63
CA ASP D 130 5.57 37.96 -29.93
C ASP D 130 6.74 37.01 -29.74
N LEU D 131 6.61 35.79 -30.26
CA LEU D 131 7.67 34.82 -30.09
C LEU D 131 8.92 35.17 -30.91
N PRO D 132 8.74 35.64 -32.16
CA PRO D 132 9.92 36.00 -32.96
C PRO D 132 10.68 37.17 -32.35
N GLN D 133 9.95 38.12 -31.77
CA GLN D 133 10.56 39.30 -31.14
C GLN D 133 11.21 38.89 -29.81
N LEU D 134 10.75 37.78 -29.25
CA LEU D 134 11.28 37.27 -27.97
C LEU D 134 12.17 36.04 -28.10
N ILE D 135 12.10 35.35 -29.23
CA ILE D 135 12.86 34.12 -29.39
C ILE D 135 14.28 34.16 -28.94
N LYS D 136 14.79 35.35 -28.65
CA LYS D 136 16.14 35.40 -28.10
C LYS D 136 16.08 36.25 -26.85
N GLU D 137 17.25 36.61 -26.36
CA GLU D 137 17.39 37.36 -25.12
C GLU D 137 17.98 36.28 -24.21
N ASN D 138 18.45 35.20 -24.85
CA ASN D 138 19.08 34.05 -24.19
C ASN D 138 18.19 32.75 -24.17
N THR D 139 17.08 32.74 -24.93
CA THR D 139 16.14 31.60 -24.97
C THR D 139 16.59 30.20 -25.44
N LYS D 140 16.23 29.20 -24.63
CA LYS D 140 16.55 27.81 -24.92
C LYS D 140 15.31 26.92 -24.72
N LEU D 141 14.23 27.52 -24.26
CA LEU D 141 13.01 26.79 -24.01
C LEU D 141 11.78 27.60 -24.37
N VAL D 142 10.76 26.92 -24.87
CA VAL D 142 9.49 27.55 -25.19
C VAL D 142 8.50 26.60 -24.53
N TRP D 143 7.76 27.10 -23.54
CA TRP D 143 6.83 26.29 -22.78
C TRP D 143 5.41 26.57 -23.18
N ILE D 144 4.69 25.55 -23.61
CA ILE D 144 3.29 25.74 -24.02
C ILE D 144 2.36 24.86 -23.20
N GLU D 145 1.29 25.47 -22.73
CA GLU D 145 0.29 24.78 -21.96
C GLU D 145 -0.89 24.84 -22.91
N THR D 146 -0.93 23.88 -23.84
CA THR D 146 -1.95 23.88 -24.87
C THR D 146 -3.27 24.40 -24.42
N PRO D 147 -3.99 23.71 -23.51
CA PRO D 147 -5.24 24.43 -23.21
C PRO D 147 -4.97 25.28 -21.96
N THR D 148 -4.93 26.59 -22.14
CA THR D 148 -4.64 27.49 -21.04
C THR D 148 -5.75 27.44 -20.01
N ASN D 149 -5.36 27.39 -18.75
CA ASN D 149 -6.25 27.35 -17.61
C ASN D 149 -6.35 28.80 -17.15
N PRO D 150 -7.57 29.37 -17.08
CA PRO D 150 -8.88 28.82 -17.39
C PRO D 150 -9.55 29.37 -18.65
N THR D 151 -8.89 30.31 -19.32
CA THR D 151 -9.43 30.90 -20.56
C THR D 151 -9.77 29.81 -21.59
N LEU D 152 -8.93 28.78 -21.61
CA LEU D 152 -9.04 27.65 -22.52
C LEU D 152 -8.66 27.97 -23.97
N LYS D 153 -7.62 28.79 -24.13
CA LYS D 153 -7.12 29.17 -25.44
C LYS D 153 -6.26 28.02 -25.95
N VAL D 154 -6.43 27.64 -27.21
CA VAL D 154 -5.67 26.54 -27.77
C VAL D 154 -4.55 27.09 -28.62
N THR D 155 -3.39 26.47 -28.56
CA THR D 155 -2.24 26.92 -29.31
C THR D 155 -1.84 25.87 -30.33
N ASP D 156 -1.49 26.33 -31.53
CA ASP D 156 -1.06 25.47 -32.62
C ASP D 156 0.40 25.10 -32.38
N ILE D 157 0.62 23.87 -31.93
CA ILE D 157 1.97 23.40 -31.63
C ILE D 157 2.92 23.39 -32.84
N GLN D 158 2.35 23.18 -34.03
CA GLN D 158 3.10 23.14 -35.26
C GLN D 158 3.61 24.52 -35.67
N LYS D 159 2.70 25.50 -35.71
CA LYS D 159 3.07 26.85 -36.06
C LYS D 159 4.20 27.35 -35.16
N VAL D 160 4.11 27.06 -33.86
CA VAL D 160 5.14 27.49 -32.91
C VAL D 160 6.47 26.78 -33.16
N ALA D 161 6.42 25.47 -33.42
CA ALA D 161 7.65 24.70 -33.71
C ALA D 161 8.28 25.30 -34.96
N ASP D 162 7.47 25.48 -36.00
CA ASP D 162 7.99 26.06 -37.22
C ASP D 162 8.62 27.44 -36.97
N LEU D 163 7.84 28.33 -36.35
CA LEU D 163 8.30 29.68 -36.02
C LEU D 163 9.66 29.62 -35.32
N ILE D 164 9.81 28.66 -34.42
CA ILE D 164 11.05 28.48 -33.69
C ILE D 164 12.19 28.14 -34.64
N LYS D 165 11.97 27.16 -35.53
CA LYS D 165 12.99 26.74 -36.49
C LYS D 165 13.42 27.92 -37.35
N LYS D 166 12.50 28.84 -37.57
CA LYS D 166 12.78 30.01 -38.39
C LYS D 166 13.57 31.04 -37.63
N HIS D 167 12.92 31.68 -36.64
CA HIS D 167 13.58 32.74 -35.88
C HIS D 167 14.66 32.32 -34.88
N ALA D 168 15.22 31.13 -35.03
CA ALA D 168 16.26 30.68 -34.10
C ALA D 168 16.82 29.32 -34.44
N ALA D 169 16.99 29.05 -35.73
CA ALA D 169 17.56 27.76 -36.12
C ALA D 169 19.01 27.73 -35.68
N GLY D 170 19.49 26.56 -35.30
CA GLY D 170 20.87 26.46 -34.87
C GLY D 170 21.12 26.72 -33.39
N GLN D 171 20.07 26.83 -32.60
CA GLN D 171 20.29 27.05 -31.16
C GLN D 171 19.57 26.09 -30.23
N ASP D 172 19.43 24.85 -30.66
CA ASP D 172 18.78 23.86 -29.83
C ASP D 172 17.62 24.34 -28.95
N VAL D 173 16.74 25.20 -29.46
CA VAL D 173 15.58 25.65 -28.68
C VAL D 173 14.53 24.53 -28.69
N ILE D 174 14.33 23.88 -27.54
CA ILE D 174 13.37 22.79 -27.37
C ILE D 174 11.97 23.27 -26.98
N LEU D 175 10.94 22.66 -27.57
CA LEU D 175 9.55 23.05 -27.28
C LEU D 175 8.85 22.03 -26.37
N VAL D 176 8.39 22.44 -25.20
CA VAL D 176 7.73 21.53 -24.26
C VAL D 176 6.26 21.86 -24.17
N VAL D 177 5.42 20.84 -24.19
CA VAL D 177 3.99 21.09 -24.10
C VAL D 177 3.42 20.39 -22.87
N ASP D 178 2.70 21.16 -22.06
CA ASP D 178 2.10 20.62 -20.85
C ASP D 178 0.79 20.09 -21.38
N ASN D 179 0.66 18.77 -21.41
CA ASN D 179 -0.52 18.11 -21.96
C ASN D 179 -1.39 17.45 -20.86
N THR D 180 -1.33 18.02 -19.66
CA THR D 180 -2.05 17.58 -18.45
C THR D 180 -3.57 17.51 -18.48
N PHE D 181 -4.23 18.61 -18.83
CA PHE D 181 -5.69 18.63 -18.86
C PHE D 181 -6.33 17.74 -19.91
N LEU D 182 -5.81 17.78 -21.13
CA LEU D 182 -6.35 16.97 -22.21
C LEU D 182 -6.02 15.49 -22.02
N SER D 183 -4.83 15.21 -21.50
CA SER D 183 -4.32 13.85 -21.27
C SER D 183 -3.89 13.16 -22.59
N PRO D 184 -3.08 12.09 -22.50
CA PRO D 184 -2.64 11.37 -23.69
C PRO D 184 -3.80 10.93 -24.62
N TYR D 185 -4.97 10.63 -24.05
CA TYR D 185 -6.07 10.21 -24.91
C TYR D 185 -6.52 11.26 -25.89
N ILE D 186 -6.72 12.48 -25.42
CA ILE D 186 -7.19 13.55 -26.31
C ILE D 186 -6.12 14.11 -27.23
N SER D 187 -4.87 14.24 -26.78
CA SER D 187 -3.82 14.79 -27.67
C SER D 187 -2.40 14.23 -27.52
N ASN D 188 -1.61 14.30 -28.58
CA ASN D 188 -0.21 13.84 -28.54
C ASN D 188 0.62 14.94 -29.19
N PRO D 189 1.21 15.84 -28.38
CA PRO D 189 2.03 16.94 -28.89
C PRO D 189 3.25 16.55 -29.68
N LEU D 190 3.86 15.42 -29.36
CA LEU D 190 5.03 15.00 -30.10
C LEU D 190 4.66 14.96 -31.59
N ASN D 191 3.45 14.50 -31.88
CA ASN D 191 2.98 14.42 -33.26
C ASN D 191 2.80 15.79 -33.92
N PHE D 192 3.16 16.86 -33.22
CA PHE D 192 2.98 18.18 -33.79
C PHE D 192 4.19 19.06 -33.70
N GLY D 193 5.36 18.43 -33.59
CA GLY D 193 6.60 19.18 -33.52
C GLY D 193 6.82 19.80 -32.17
N ALA D 194 6.85 18.94 -31.15
CA ALA D 194 7.08 19.35 -29.78
C ALA D 194 8.21 18.38 -29.40
N ASP D 195 9.16 18.84 -28.60
CA ASP D 195 10.27 18.00 -28.24
C ASP D 195 10.03 17.22 -26.96
N ILE D 196 9.11 17.72 -26.11
CA ILE D 196 8.79 17.07 -24.83
C ILE D 196 7.34 17.25 -24.44
N VAL D 197 6.75 16.22 -23.83
CA VAL D 197 5.37 16.33 -23.36
C VAL D 197 5.41 16.15 -21.85
N VAL D 198 4.73 17.04 -21.14
CA VAL D 198 4.70 16.96 -19.70
C VAL D 198 3.27 16.77 -19.17
N HIS D 199 3.15 15.99 -18.11
CA HIS D 199 1.89 15.70 -17.50
C HIS D 199 2.09 15.73 -16.00
N SER D 200 1.11 16.27 -15.29
CA SER D 200 1.11 16.26 -13.83
C SER D 200 0.15 15.07 -13.74
N ALA D 201 0.69 13.90 -13.41
CA ALA D 201 -0.11 12.64 -13.41
C ALA D 201 -1.24 12.54 -12.44
N THR D 202 -1.30 13.47 -11.50
CA THR D 202 -2.38 13.44 -10.54
C THR D 202 -3.78 13.69 -11.13
N LYS D 203 -3.89 14.57 -12.10
CA LYS D 203 -5.21 14.86 -12.59
C LYS D 203 -5.97 13.76 -13.30
N TYR D 204 -5.57 13.41 -14.52
CA TYR D 204 -6.27 12.40 -15.29
C TYR D 204 -5.59 11.07 -15.54
N ILE D 205 -4.27 11.05 -15.66
CA ILE D 205 -3.58 9.77 -15.92
C ILE D 205 -3.92 8.83 -14.77
N ASN D 206 -3.52 9.19 -13.55
CA ASN D 206 -3.86 8.39 -12.36
C ASN D 206 -5.37 8.53 -12.12
N GLY D 207 -5.85 9.74 -12.43
CA GLY D 207 -7.26 10.07 -12.39
C GLY D 207 -8.06 10.00 -11.11
N HIS D 208 -7.45 9.54 -10.03
CA HIS D 208 -8.19 9.42 -8.78
C HIS D 208 -7.69 10.38 -7.74
N SER D 209 -6.82 11.28 -8.15
CA SER D 209 -6.27 12.29 -7.26
C SER D 209 -5.44 11.77 -6.06
N ASP D 210 -5.44 10.45 -5.86
CA ASP D 210 -4.72 9.82 -4.76
C ASP D 210 -3.19 9.65 -4.96
N VAL D 211 -2.60 10.45 -5.87
CA VAL D 211 -1.16 10.31 -6.14
C VAL D 211 -0.56 11.55 -6.75
N VAL D 212 0.62 11.94 -6.26
CA VAL D 212 1.29 13.08 -6.82
C VAL D 212 2.46 12.49 -7.60
N LEU D 213 2.44 12.65 -8.91
CA LEU D 213 3.49 12.11 -9.76
C LEU D 213 3.43 12.82 -11.10
N GLY D 214 4.58 12.93 -11.74
CA GLY D 214 4.61 13.58 -13.04
C GLY D 214 5.52 12.83 -14.00
N VAL D 215 5.35 13.06 -15.29
CA VAL D 215 6.17 12.39 -16.29
C VAL D 215 6.24 13.19 -17.53
N LEU D 216 7.21 12.81 -18.36
CA LEU D 216 7.42 13.45 -19.66
C LEU D 216 7.65 12.34 -20.70
N ALA D 217 7.54 12.70 -21.96
CA ALA D 217 7.75 11.74 -22.96
C ALA D 217 8.51 12.49 -24.05
N THR D 218 9.39 11.79 -24.75
CA THR D 218 10.16 12.38 -25.85
C THR D 218 10.53 11.34 -26.89
N ASN D 219 10.90 11.84 -28.07
CA ASN D 219 11.32 10.99 -29.15
C ASN D 219 12.79 11.14 -29.38
N ASN D 220 13.36 12.14 -28.72
CA ASN D 220 14.77 12.52 -28.80
C ASN D 220 15.66 11.80 -27.82
N LYS D 221 16.34 10.74 -28.25
CA LYS D 221 17.21 9.95 -27.38
C LYS D 221 18.27 10.72 -26.56
N PRO D 222 18.91 11.74 -27.17
CA PRO D 222 19.90 12.50 -26.40
C PRO D 222 19.30 13.26 -25.21
N LEU D 223 18.34 14.13 -25.51
CA LEU D 223 17.61 14.95 -24.53
C LEU D 223 17.06 14.06 -23.43
N TYR D 224 16.70 12.83 -23.81
CA TYR D 224 16.17 11.84 -22.87
C TYR D 224 17.28 11.29 -21.98
N GLU D 225 18.48 11.18 -22.51
CA GLU D 225 19.58 10.64 -21.70
C GLU D 225 20.09 11.66 -20.70
N ARG D 226 20.03 12.93 -21.07
CA ARG D 226 20.45 14.00 -20.17
C ARG D 226 19.44 14.06 -19.07
N LEU D 227 18.19 14.29 -19.44
CA LEU D 227 17.12 14.35 -18.48
C LEU D 227 17.15 13.15 -17.54
N GLN D 228 17.45 11.96 -18.06
CA GLN D 228 17.49 10.76 -17.22
C GLN D 228 18.61 10.81 -16.18
N PHE D 229 19.72 11.43 -16.56
CA PHE D 229 20.89 11.59 -15.68
C PHE D 229 20.40 12.41 -14.45
N LEU D 230 19.88 13.61 -14.72
CA LEU D 230 19.40 14.47 -13.66
C LEU D 230 18.38 13.73 -12.81
N GLN D 231 17.65 12.80 -13.41
CA GLN D 231 16.65 12.00 -12.70
C GLN D 231 17.36 11.11 -11.68
N ASN D 232 18.39 10.44 -12.15
CA ASN D 232 19.17 9.58 -11.28
C ASN D 232 20.01 10.38 -10.27
N ALA D 233 20.52 11.55 -10.68
CA ALA D 233 21.36 12.38 -9.81
C ALA D 233 20.63 13.25 -8.78
N ILE D 234 19.63 14.04 -9.18
CA ILE D 234 18.91 14.85 -8.18
C ILE D 234 17.95 13.94 -7.38
N GLY D 235 17.54 12.84 -8.01
CA GLY D 235 16.65 11.90 -7.35
C GLY D 235 15.26 12.38 -7.01
N ALA D 236 14.73 13.26 -7.84
CA ALA D 236 13.40 13.74 -7.62
C ALA D 236 12.51 12.66 -8.26
N ILE D 237 12.43 11.50 -7.62
CA ILE D 237 11.70 10.38 -8.16
C ILE D 237 10.44 9.89 -7.43
N PRO D 238 9.50 9.25 -8.16
CA PRO D 238 8.27 8.74 -7.60
C PRO D 238 8.49 7.44 -6.88
N SER D 239 7.54 7.15 -6.01
CA SER D 239 7.56 5.94 -5.21
C SER D 239 7.00 4.81 -6.02
N PRO D 240 7.68 3.65 -6.02
CA PRO D 240 7.21 2.49 -6.76
C PRO D 240 5.71 2.29 -6.55
N PHE D 241 5.21 2.65 -5.35
CA PHE D 241 3.76 2.55 -5.01
C PHE D 241 2.97 3.59 -5.78
N ASP D 242 3.37 4.84 -5.71
CA ASP D 242 2.61 5.84 -6.44
C ASP D 242 2.63 5.59 -7.93
N ALA D 243 3.74 5.01 -8.39
CA ALA D 243 3.93 4.67 -9.82
C ALA D 243 2.98 3.51 -10.21
N TRP D 244 2.97 2.44 -9.42
CA TRP D 244 2.10 1.29 -9.65
C TRP D 244 0.62 1.67 -9.60
N LEU D 245 0.26 2.58 -8.67
CA LEU D 245 -1.13 3.03 -8.53
C LEU D 245 -1.50 3.85 -9.74
N THR D 246 -0.58 4.73 -10.14
CA THR D 246 -0.85 5.57 -11.30
C THR D 246 -1.01 4.73 -12.54
N HIS D 247 -0.22 3.66 -12.66
CA HIS D 247 -0.30 2.75 -13.81
C HIS D 247 -1.65 2.07 -13.76
N ARG D 248 -2.09 1.70 -12.57
CA ARG D 248 -3.39 1.10 -12.42
C ARG D 248 -4.46 2.05 -12.87
N GLY D 249 -4.29 3.34 -12.53
CA GLY D 249 -5.25 4.39 -12.89
C GLY D 249 -5.31 4.70 -14.35
N LEU D 250 -4.15 4.65 -14.99
CA LEU D 250 -4.01 4.91 -16.41
C LEU D 250 -4.86 3.99 -17.32
N LYS D 251 -5.15 2.78 -16.86
CA LYS D 251 -5.90 1.79 -17.63
C LYS D 251 -7.35 2.08 -17.98
N THR D 252 -7.94 3.11 -17.36
CA THR D 252 -9.33 3.45 -17.63
C THR D 252 -9.35 4.87 -18.13
N LEU D 253 -8.18 5.38 -18.47
CA LEU D 253 -8.00 6.75 -18.97
C LEU D 253 -8.81 7.08 -20.22
N HIS D 254 -8.84 6.16 -21.19
CA HIS D 254 -9.61 6.37 -22.41
C HIS D 254 -11.11 6.38 -22.08
N LEU D 255 -11.53 5.51 -21.18
CA LEU D 255 -12.91 5.49 -20.79
C LEU D 255 -13.27 6.80 -20.06
N ARG D 256 -12.62 7.05 -18.93
CA ARG D 256 -12.80 8.26 -18.10
C ARG D 256 -12.73 9.63 -18.80
N VAL D 257 -11.84 9.81 -19.77
CA VAL D 257 -11.72 11.08 -20.47
C VAL D 257 -12.77 11.25 -21.54
N ARG D 258 -13.12 10.14 -22.17
CA ARG D 258 -14.13 10.11 -23.22
C ARG D 258 -15.42 10.60 -22.58
N GLN D 259 -15.86 9.93 -21.51
CA GLN D 259 -17.07 10.33 -20.79
C GLN D 259 -17.03 11.81 -20.39
N ALA D 260 -16.07 12.18 -19.56
CA ALA D 260 -15.89 13.55 -19.11
C ALA D 260 -15.93 14.58 -20.22
N ALA D 261 -15.64 14.18 -21.44
CA ALA D 261 -15.66 15.10 -22.57
C ALA D 261 -17.07 15.17 -23.19
N LEU D 262 -17.73 14.03 -23.37
CA LEU D 262 -19.04 14.07 -23.97
C LEU D 262 -19.94 14.94 -23.12
N SER D 263 -19.82 14.78 -21.81
CA SER D 263 -20.63 15.54 -20.85
C SER D 263 -20.27 17.02 -20.81
N ALA D 264 -18.98 17.33 -20.87
CA ALA D 264 -18.52 18.71 -20.84
C ALA D 264 -19.11 19.38 -22.04
N ASN D 265 -18.94 18.75 -23.19
CA ASN D 265 -19.48 19.30 -24.41
C ASN D 265 -21.00 19.50 -24.33
N LYS D 266 -21.72 18.47 -23.90
CA LYS D 266 -23.17 18.58 -23.78
C LYS D 266 -23.55 19.62 -22.73
N ILE D 267 -22.61 19.97 -21.86
CA ILE D 267 -22.89 20.98 -20.85
C ILE D 267 -22.58 22.34 -21.45
N ALA D 268 -21.49 22.40 -22.21
CA ALA D 268 -21.07 23.64 -22.85
C ALA D 268 -22.14 24.09 -23.83
N GLU D 269 -22.75 23.15 -24.54
CA GLU D 269 -23.78 23.50 -25.50
C GLU D 269 -25.01 24.05 -24.77
N PHE D 270 -25.23 23.58 -23.54
CA PHE D 270 -26.34 24.09 -22.78
C PHE D 270 -26.03 25.53 -22.37
N LEU D 271 -24.91 25.76 -21.69
CA LEU D 271 -24.57 27.12 -21.30
C LEU D 271 -24.35 28.00 -22.53
N ALA D 272 -24.29 27.36 -23.71
CA ALA D 272 -24.04 28.07 -24.96
C ALA D 272 -25.29 28.37 -25.77
N ALA D 273 -26.44 28.29 -25.11
CA ALA D 273 -27.72 28.59 -25.75
C ALA D 273 -28.53 29.46 -24.78
N ASP D 274 -28.06 29.51 -23.53
CA ASP D 274 -28.72 30.31 -22.51
C ASP D 274 -28.18 31.75 -22.60
N LYS D 275 -28.70 32.49 -23.60
CA LYS D 275 -28.29 33.88 -23.83
C LYS D 275 -28.65 34.78 -22.63
N GLU D 276 -29.60 34.33 -21.83
CA GLU D 276 -30.04 35.05 -20.66
C GLU D 276 -29.01 35.16 -19.56
N ASN D 277 -28.88 34.11 -18.77
CA ASN D 277 -27.96 34.13 -17.64
C ASN D 277 -26.49 33.85 -17.96
N VAL D 278 -26.23 33.36 -19.16
CA VAL D 278 -24.85 33.05 -19.57
C VAL D 278 -24.18 34.16 -20.41
N VAL D 279 -23.12 34.78 -19.87
CA VAL D 279 -22.39 35.83 -20.60
C VAL D 279 -21.61 35.15 -21.72
N ALA D 280 -20.53 34.49 -21.33
CA ALA D 280 -19.67 33.78 -22.27
C ALA D 280 -19.43 32.35 -21.78
N VAL D 281 -18.99 31.50 -22.71
CA VAL D 281 -18.67 30.11 -22.44
C VAL D 281 -17.35 29.72 -23.12
N ASN D 282 -16.44 29.07 -22.40
CA ASN D 282 -15.17 28.66 -22.99
C ASN D 282 -14.99 27.16 -23.00
N TYR D 283 -15.18 26.55 -24.16
CA TYR D 283 -15.00 25.10 -24.29
C TYR D 283 -14.42 24.83 -25.70
N PRO D 284 -13.13 24.42 -25.77
CA PRO D 284 -12.46 24.13 -27.03
C PRO D 284 -13.27 23.27 -27.97
N GLY D 285 -14.27 22.58 -27.42
CA GLY D 285 -15.09 21.72 -28.24
C GLY D 285 -16.18 22.40 -29.06
N LEU D 286 -16.49 23.65 -28.74
CA LEU D 286 -17.52 24.36 -29.47
C LEU D 286 -16.94 24.81 -30.80
N LYS D 287 -17.68 24.64 -31.89
CA LYS D 287 -17.20 25.06 -33.19
C LYS D 287 -16.97 26.57 -33.22
N THR D 288 -17.50 27.26 -32.21
CA THR D 288 -17.35 28.70 -32.13
C THR D 288 -16.13 29.07 -31.30
N HIS D 289 -15.27 28.11 -31.01
CA HIS D 289 -14.10 28.43 -30.21
C HIS D 289 -13.10 29.16 -31.09
N PRO D 290 -12.47 30.21 -30.52
CA PRO D 290 -11.48 31.05 -31.21
C PRO D 290 -10.49 30.27 -32.07
N ASN D 291 -9.87 29.25 -31.48
CA ASN D 291 -8.91 28.45 -32.23
C ASN D 291 -9.44 27.06 -32.57
N TYR D 292 -10.75 26.95 -32.88
CA TYR D 292 -11.35 25.66 -33.18
C TYR D 292 -10.57 24.94 -34.25
N ASP D 293 -9.95 25.69 -35.15
CA ASP D 293 -9.18 25.12 -36.24
C ASP D 293 -8.09 24.23 -35.67
N VAL D 294 -7.45 24.70 -34.60
CA VAL D 294 -6.39 23.98 -33.92
C VAL D 294 -6.96 22.83 -33.10
N VAL D 295 -8.18 22.98 -32.61
CA VAL D 295 -8.84 21.90 -31.87
C VAL D 295 -8.97 20.72 -32.84
N LEU D 296 -9.38 21.03 -34.08
CA LEU D 296 -9.55 20.08 -35.17
C LEU D 296 -8.29 19.35 -35.67
N LYS D 297 -7.14 20.00 -35.57
CA LYS D 297 -5.88 19.38 -36.01
C LYS D 297 -5.10 18.77 -34.86
N GLN D 298 -5.53 19.02 -33.63
CA GLN D 298 -4.81 18.50 -32.48
C GLN D 298 -5.60 17.77 -31.41
N HIS D 299 -6.91 17.66 -31.59
CA HIS D 299 -7.73 16.98 -30.61
C HIS D 299 -8.40 15.76 -31.17
N ARG D 300 -8.10 14.58 -30.63
CA ARG D 300 -8.75 13.37 -31.11
C ARG D 300 -10.24 13.62 -31.17
N ASP D 301 -10.85 13.28 -32.32
CA ASP D 301 -12.29 13.42 -32.58
C ASP D 301 -12.86 14.77 -32.19
N ALA D 302 -11.99 15.73 -31.93
CA ALA D 302 -12.42 17.09 -31.56
C ALA D 302 -13.03 17.20 -30.17
N LEU D 303 -12.67 16.29 -29.28
CA LEU D 303 -13.17 16.34 -27.93
C LEU D 303 -12.62 17.63 -27.37
N GLY D 304 -13.37 18.30 -26.50
CA GLY D 304 -12.90 19.54 -25.95
C GLY D 304 -12.14 19.41 -24.64
N GLY D 305 -12.33 18.28 -23.96
CA GLY D 305 -11.71 18.03 -22.67
C GLY D 305 -12.83 18.13 -21.66
N GLY D 306 -12.51 18.09 -20.38
CA GLY D 306 -13.56 18.18 -19.38
C GLY D 306 -13.54 19.50 -18.63
N MET D 307 -12.82 20.48 -19.15
CA MET D 307 -12.77 21.75 -18.46
C MET D 307 -13.55 22.82 -19.18
N ILE D 308 -14.62 23.26 -18.54
CA ILE D 308 -15.43 24.31 -19.09
C ILE D 308 -15.13 25.55 -18.26
N SER D 309 -15.27 26.71 -18.86
CA SER D 309 -15.04 27.97 -18.17
C SER D 309 -16.11 28.89 -18.73
N PHE D 310 -16.83 29.57 -17.85
CA PHE D 310 -17.89 30.45 -18.32
C PHE D 310 -18.18 31.61 -17.35
N ARG D 311 -18.75 32.67 -17.89
CA ARG D 311 -19.10 33.84 -17.09
C ARG D 311 -20.63 34.06 -17.15
N ILE D 312 -21.26 34.03 -15.97
CA ILE D 312 -22.71 34.19 -15.81
C ILE D 312 -23.16 35.63 -15.95
N LYS D 313 -24.48 35.82 -16.01
CA LYS D 313 -25.07 37.15 -16.13
C LYS D 313 -25.00 38.02 -14.84
N GLY D 314 -23.85 38.00 -14.15
CA GLY D 314 -23.70 38.75 -12.92
C GLY D 314 -22.23 38.89 -12.52
N GLY D 315 -21.95 38.96 -11.23
CA GLY D 315 -20.57 39.14 -10.82
C GLY D 315 -20.11 38.37 -9.60
N ALA D 316 -18.85 38.61 -9.22
CA ALA D 316 -18.17 37.98 -8.08
C ALA D 316 -19.01 37.14 -7.11
N GLU D 317 -20.24 37.59 -6.87
CA GLU D 317 -21.19 36.92 -5.99
C GLU D 317 -21.80 35.68 -6.65
N ALA D 318 -22.55 35.93 -7.75
CA ALA D 318 -23.21 34.88 -8.53
C ALA D 318 -22.25 33.72 -8.83
N ALA D 319 -20.96 34.03 -8.92
CA ALA D 319 -19.97 33.02 -9.17
C ALA D 319 -19.67 32.36 -7.83
N SER D 320 -19.29 33.18 -6.85
CA SER D 320 -18.98 32.63 -5.53
C SER D 320 -20.23 31.90 -5.02
N LYS D 321 -21.36 32.25 -5.64
CA LYS D 321 -22.65 31.62 -5.32
C LYS D 321 -22.58 30.20 -5.91
N PHE D 322 -22.79 30.13 -7.22
CA PHE D 322 -22.72 28.90 -7.99
C PHE D 322 -21.75 27.97 -7.28
N ALA D 323 -20.53 28.46 -7.08
CA ALA D 323 -19.47 27.69 -6.44
C ALA D 323 -19.91 26.91 -5.20
N SER D 324 -21.15 27.12 -4.77
CA SER D 324 -21.65 26.47 -3.57
C SER D 324 -23.03 25.85 -3.74
N SER D 325 -23.98 26.63 -4.28
CA SER D 325 -25.34 26.11 -4.50
C SER D 325 -25.28 24.70 -5.12
N THR D 326 -24.32 24.49 -6.03
CA THR D 326 -24.11 23.21 -6.71
C THR D 326 -24.20 22.06 -5.72
N ARG D 327 -24.65 20.91 -6.22
CA ARG D 327 -24.77 19.70 -5.40
C ARG D 327 -23.80 18.65 -5.90
N LEU D 328 -23.63 18.59 -7.21
CA LEU D 328 -22.77 17.61 -7.81
C LEU D 328 -21.31 18.10 -8.00
N PHE D 329 -21.12 19.35 -8.42
CA PHE D 329 -19.76 19.92 -8.59
C PHE D 329 -19.25 20.40 -7.24
N THR D 330 -18.11 19.86 -6.84
CA THR D 330 -17.52 20.17 -5.55
C THR D 330 -16.47 21.28 -5.60
N LEU D 331 -16.76 22.32 -4.84
CA LEU D 331 -15.90 23.49 -4.71
C LEU D 331 -14.56 23.11 -4.09
N ALA D 332 -13.48 23.45 -4.79
CA ALA D 332 -12.14 23.14 -4.32
C ALA D 332 -11.17 23.68 -5.35
N GLU D 333 -9.95 23.13 -5.38
CA GLU D 333 -8.94 23.50 -6.37
C GLU D 333 -8.74 22.27 -7.28
N SER D 334 -7.50 22.03 -7.69
CA SER D 334 -7.23 20.88 -8.54
C SER D 334 -8.26 20.69 -9.68
N LEU D 335 -8.35 19.44 -10.18
CA LEU D 335 -9.26 19.11 -11.26
C LEU D 335 -9.05 17.68 -11.73
N GLY D 336 -9.28 17.48 -13.02
CA GLY D 336 -9.09 16.19 -13.64
C GLY D 336 -9.48 15.05 -12.74
N GLY D 337 -10.20 15.40 -11.70
CA GLY D 337 -10.64 14.39 -10.78
C GLY D 337 -11.75 13.56 -11.38
N ILE D 338 -11.80 12.34 -10.91
CA ILE D 338 -12.80 11.40 -11.33
C ILE D 338 -14.13 12.10 -11.00
N GLU D 339 -14.15 12.81 -9.88
CA GLU D 339 -15.37 13.49 -9.45
C GLU D 339 -15.45 14.92 -9.96
N SER D 340 -16.66 15.36 -10.30
CA SER D 340 -16.89 16.72 -10.80
C SER D 340 -16.57 17.80 -9.75
N LEU D 341 -15.79 18.79 -10.17
CA LEU D 341 -15.38 19.88 -9.29
C LEU D 341 -15.63 21.23 -9.94
N LEU D 342 -15.37 22.28 -9.17
CA LEU D 342 -15.56 23.62 -9.65
C LEU D 342 -14.72 24.59 -8.83
N GLU D 343 -14.06 25.50 -9.53
CA GLU D 343 -13.21 26.48 -8.87
C GLU D 343 -13.22 27.85 -9.56
N VAL D 344 -12.89 28.88 -8.79
CA VAL D 344 -12.83 30.27 -9.29
C VAL D 344 -11.35 30.65 -9.32
N PRO D 345 -10.67 30.39 -10.45
CA PRO D 345 -9.24 30.71 -10.56
C PRO D 345 -8.84 31.95 -9.76
N ALA D 346 -9.41 33.09 -10.13
CA ALA D 346 -9.15 34.39 -9.49
C ALA D 346 -8.82 34.27 -8.03
N VAL D 347 -9.82 33.89 -7.24
CA VAL D 347 -9.64 33.72 -5.81
C VAL D 347 -8.80 32.48 -5.50
N MET D 348 -9.48 31.39 -5.15
CA MET D 348 -8.82 30.12 -4.83
C MET D 348 -7.43 29.97 -5.46
N THR D 349 -7.35 30.08 -6.78
CA THR D 349 -6.06 29.95 -7.45
C THR D 349 -5.22 31.24 -7.42
N HIS D 350 -5.19 31.94 -8.56
CA HIS D 350 -4.43 33.17 -8.72
C HIS D 350 -4.68 34.17 -7.60
N GLY D 351 -3.97 33.99 -6.49
CA GLY D 351 -4.13 34.89 -5.35
C GLY D 351 -3.26 36.13 -5.45
N GLY D 352 -2.02 36.03 -4.96
CA GLY D 352 -1.08 37.15 -4.99
C GLY D 352 -0.74 37.70 -6.37
N ILE D 353 -1.79 37.96 -7.16
CA ILE D 353 -1.67 38.51 -8.49
C ILE D 353 -2.85 39.47 -8.60
N PRO D 354 -2.58 40.77 -8.37
CA PRO D 354 -3.56 41.87 -8.42
C PRO D 354 -4.55 41.88 -9.58
N LYS D 355 -5.81 42.14 -9.21
CA LYS D 355 -6.93 42.21 -10.15
C LYS D 355 -6.50 42.81 -11.49
N GLU D 356 -5.44 43.62 -11.41
CA GLU D 356 -4.85 44.28 -12.56
C GLU D 356 -4.65 43.30 -13.70
N ALA D 357 -4.05 42.14 -13.39
CA ALA D 357 -3.81 41.10 -14.39
C ALA D 357 -5.03 40.21 -14.54
N ARG D 358 -5.73 39.99 -13.43
CA ARG D 358 -6.92 39.15 -13.42
C ARG D 358 -8.10 39.75 -14.18
N GLU D 359 -7.81 40.30 -15.36
CA GLU D 359 -8.80 40.93 -16.26
C GLU D 359 -8.02 41.14 -17.55
N ALA D 360 -6.71 40.96 -17.42
CA ALA D 360 -5.75 41.13 -18.49
C ALA D 360 -5.56 39.83 -19.25
N SER D 361 -4.98 38.84 -18.58
CA SER D 361 -4.72 37.53 -19.17
C SER D 361 -6.02 36.82 -19.58
N GLY D 362 -7.11 37.17 -18.89
CA GLY D 362 -8.41 36.56 -19.17
C GLY D 362 -9.10 36.07 -17.91
N VAL D 363 -8.29 35.81 -16.89
CA VAL D 363 -8.77 35.32 -15.60
C VAL D 363 -9.82 36.28 -15.04
N PHE D 364 -10.94 36.40 -15.75
CA PHE D 364 -12.05 37.28 -15.35
C PHE D 364 -12.49 37.00 -13.89
N ASP D 365 -12.85 38.07 -13.18
CA ASP D 365 -13.29 37.98 -11.77
C ASP D 365 -14.68 37.30 -11.60
N ASP D 366 -15.53 37.40 -12.61
CA ASP D 366 -16.87 36.81 -12.55
C ASP D 366 -16.94 35.56 -13.44
N LEU D 367 -15.87 34.79 -13.45
CA LEU D 367 -15.79 33.60 -14.28
C LEU D 367 -15.82 32.36 -13.40
N VAL D 368 -16.67 31.42 -13.78
CA VAL D 368 -16.80 30.15 -13.08
C VAL D 368 -16.09 29.04 -13.87
N ARG D 369 -15.06 28.43 -13.28
CA ARG D 369 -14.30 27.35 -13.91
C ARG D 369 -14.71 25.99 -13.36
N ILE D 370 -15.24 25.13 -14.22
CA ILE D 370 -15.65 23.81 -13.77
C ILE D 370 -14.84 22.67 -14.43
N SER D 371 -14.69 21.57 -13.70
CA SER D 371 -13.97 20.39 -14.19
C SER D 371 -14.94 19.21 -14.16
N VAL D 372 -15.50 18.87 -15.33
CA VAL D 372 -16.46 17.77 -15.47
C VAL D 372 -15.92 16.38 -15.13
N GLY D 373 -16.52 15.72 -14.16
CA GLY D 373 -16.08 14.40 -13.75
C GLY D 373 -16.82 13.33 -14.51
N ILE D 374 -17.02 12.16 -13.91
CA ILE D 374 -17.71 11.07 -14.60
C ILE D 374 -19.10 10.64 -14.09
N GLU D 375 -19.79 11.51 -13.37
CA GLU D 375 -21.14 11.17 -12.90
C GLU D 375 -22.09 11.13 -14.10
N ASP D 376 -23.40 11.00 -13.85
CA ASP D 376 -24.34 10.97 -14.95
C ASP D 376 -24.41 12.32 -15.64
N THR D 377 -24.35 12.31 -16.97
CA THR D 377 -24.41 13.55 -17.73
C THR D 377 -25.58 14.39 -17.27
N ASP D 378 -26.79 13.91 -17.60
CA ASP D 378 -28.03 14.59 -17.23
C ASP D 378 -28.06 14.99 -15.75
N ASP D 379 -27.71 14.09 -14.84
CA ASP D 379 -27.65 14.46 -13.42
C ASP D 379 -26.78 15.72 -13.29
N LEU D 380 -25.76 15.81 -14.12
CA LEU D 380 -24.84 16.95 -14.08
C LEU D 380 -25.39 18.16 -14.84
N LEU D 381 -25.93 17.91 -16.01
CA LEU D 381 -26.46 18.99 -16.82
C LEU D 381 -27.51 19.75 -16.03
N GLU D 382 -28.44 18.97 -15.48
CA GLU D 382 -29.56 19.45 -14.68
C GLU D 382 -29.11 20.20 -13.44
N ASP D 383 -27.97 19.79 -12.87
CA ASP D 383 -27.46 20.46 -11.69
C ASP D 383 -26.88 21.83 -12.00
N ILE D 384 -26.25 21.97 -13.16
CA ILE D 384 -25.66 23.25 -13.57
C ILE D 384 -26.76 24.30 -13.67
N LYS D 385 -27.92 23.87 -14.18
CA LYS D 385 -29.13 24.70 -14.35
C LYS D 385 -29.65 25.14 -12.97
N GLN D 386 -30.12 24.15 -12.21
CA GLN D 386 -30.59 24.36 -10.86
C GLN D 386 -29.58 25.20 -10.08
N ALA D 387 -28.43 25.47 -10.67
CA ALA D 387 -27.39 26.25 -10.01
C ALA D 387 -27.34 27.69 -10.50
N LEU D 388 -27.66 27.89 -11.77
CA LEU D 388 -27.66 29.24 -12.36
C LEU D 388 -28.61 30.14 -11.58
N LYS D 389 -29.86 29.68 -11.51
CA LYS D 389 -30.91 30.40 -10.82
C LYS D 389 -30.49 30.76 -9.39
N GLN D 390 -30.07 29.76 -8.61
CA GLN D 390 -29.61 30.03 -7.23
C GLN D 390 -28.80 31.33 -7.28
N ALA D 391 -27.71 31.31 -8.05
CA ALA D 391 -26.83 32.46 -8.19
C ALA D 391 -27.69 33.65 -8.50
N THR D 392 -28.42 33.56 -9.61
CA THR D 392 -29.31 34.63 -10.01
C THR D 392 -30.06 35.09 -8.74
N ASN D 393 -30.76 34.14 -8.12
CA ASN D 393 -31.53 34.36 -6.88
C ASN D 393 -30.58 34.36 -5.69
#